data_8RK5
#
_entry.id   8RK5
#
_cell.length_a   1.00
_cell.length_b   1.00
_cell.length_c   1.00
_cell.angle_alpha   90.00
_cell.angle_beta   90.00
_cell.angle_gamma   90.00
#
_symmetry.space_group_name_H-M   'P 1'
#
loop_
_entity.id
_entity.type
_entity.pdbx_description
1 polymer 'Virion structural protein'
2 polymer 'Virion structural protein'
#
loop_
_entity_poly.entity_id
_entity_poly.type
_entity_poly.pdbx_seq_one_letter_code
_entity_poly.pdbx_strand_id
1 'polypeptide(L)'
;MATEFGTAVNHADLVERLVQFLTASPDLVAAGQAYEKVFDNTIPASGTAIAVRQVTLRAPGLGGTDAIYMGIQSYGDTAL
DYYNLRLMGGTAFNPGAIPPGGDYWTAFANYSPRVQLLAWNQPMPYWFFANGRRFWIVVKVSTIYESAGAGFILPPCPPS
QYPYPLAVVGSYRGDVATRWSDVSDRHRGISSPYERSCYLRDPAGRWLGFTVDGGAANESDYNNRTLLPLGCGRYAGSSD
TVVKQLRDSFGKFPLKALQFVTRETEGRRYLGDFDGAFYVPTLNSGAEDVIVEDGVDHVVFQTAWRSGNPWLYAIRKD
;
A,C,D
2 'polypeptide(L)'
;MAYFTGTANNPADLLAKVRVHAESLGWVTDRASASEWLCHNADGYWSFNAGANQFQMAGNTGFDNSLAWNAQPGNSVQNN
PYSSKGPTVAQLSGGPFTRYHLFATAAYLHLHVEIAAGQFRPVMIGSLNKRGVGYTGGQYVCGSFIYTPGQALTNNWSSH
PFDGYHIQYSNSSCMLRLDGLDGGPSPEWLPFDYTTNVPRRVVGPGRGNYSSQYHPDVGLIDASANELNSSTTTVPCAIY
AFGAQQRSRYVGEVPDFGICNMAFLAPGDPLVVGSDTWRVYPLLQRGTATDFDSTSAWVGYCFRVVE
;
B,E,F
#
# COMPACT_ATOMS: atom_id res chain seq x y z
N ALA A 2 -17.89 2.23 25.43
CA ALA A 2 -17.46 2.57 24.09
C ALA A 2 -15.95 2.80 24.03
N THR A 3 -15.34 2.94 25.21
CA THR A 3 -13.91 3.17 25.32
C THR A 3 -13.32 2.26 26.39
N GLU A 4 -12.14 1.72 26.12
CA GLU A 4 -11.43 0.90 27.11
C GLU A 4 -9.93 1.16 27.00
N PHE A 5 -9.31 1.42 28.14
CA PHE A 5 -7.86 1.55 28.26
C PHE A 5 -7.36 0.43 29.15
N GLY A 6 -6.37 -0.32 28.69
CA GLY A 6 -5.92 -1.46 29.47
C GLY A 6 -4.57 -1.96 29.03
N THR A 7 -4.22 -3.15 29.52
CA THR A 7 -2.99 -3.83 29.15
C THR A 7 -3.29 -5.31 28.95
N ALA A 8 -3.15 -5.78 27.71
CA ALA A 8 -3.42 -7.17 27.39
C ALA A 8 -2.15 -8.01 27.55
N VAL A 9 -2.29 -9.18 28.18
CA VAL A 9 -1.12 -10.00 28.46
C VAL A 9 -0.46 -10.48 27.17
N ASN A 10 -1.25 -10.66 26.10
CA ASN A 10 -0.70 -11.07 24.82
C ASN A 10 -1.73 -10.78 23.73
N HIS A 11 -1.34 -11.07 22.48
CA HIS A 11 -2.21 -10.75 21.35
C HIS A 11 -3.52 -11.53 21.40
N ALA A 12 -3.47 -12.81 21.76
CA ALA A 12 -4.70 -13.59 21.87
C ALA A 12 -5.62 -13.00 22.94
N ASP A 13 -5.07 -12.69 24.11
CA ASP A 13 -5.86 -12.06 25.16
C ASP A 13 -6.34 -10.69 24.72
N LEU A 14 -5.54 -9.98 23.92
CA LEU A 14 -5.96 -8.67 23.42
C LEU A 14 -7.20 -8.81 22.53
N VAL A 15 -7.19 -9.80 21.63
CA VAL A 15 -8.36 -10.02 20.77
C VAL A 15 -9.55 -10.45 21.60
N GLU A 16 -9.32 -11.30 22.61
CA GLU A 16 -10.40 -11.70 23.50
C GLU A 16 -11.02 -10.49 24.18
N ARG A 17 -10.18 -9.58 24.68
CA ARG A 17 -10.69 -8.38 25.33
C ARG A 17 -11.43 -7.50 24.34
N LEU A 18 -10.96 -7.43 23.10
CA LEU A 18 -11.67 -6.67 22.07
C LEU A 18 -13.08 -7.21 21.88
N VAL A 19 -13.21 -8.53 21.73
CA VAL A 19 -14.53 -9.10 21.47
C VAL A 19 -15.43 -8.95 22.70
N GLN A 20 -14.86 -9.14 23.89
CA GLN A 20 -15.63 -8.95 25.11
C GLN A 20 -16.11 -7.51 25.23
N PHE A 21 -15.27 -6.55 24.83
CA PHE A 21 -15.69 -5.15 24.80
C PHE A 21 -16.82 -4.93 23.81
N LEU A 22 -16.68 -5.50 22.60
CA LEU A 22 -17.67 -5.28 21.57
C LEU A 22 -19.02 -5.89 21.94
N THR A 23 -19.03 -6.96 22.75
CA THR A 23 -20.29 -7.62 23.06
C THR A 23 -20.83 -7.27 24.44
N ALA A 24 -20.00 -6.76 25.36
CA ALA A 24 -20.44 -6.60 26.74
C ALA A 24 -20.12 -5.23 27.32
N SER A 25 -19.69 -4.26 26.53
CA SER A 25 -19.57 -2.91 27.05
C SER A 25 -20.95 -2.44 27.51
N PRO A 26 -21.06 -1.82 28.68
CA PRO A 26 -22.40 -1.46 29.18
C PRO A 26 -23.15 -0.55 28.22
N ASP A 27 -22.44 0.40 27.59
CA ASP A 27 -23.09 1.28 26.62
C ASP A 27 -23.62 0.49 25.43
N LEU A 28 -22.82 -0.45 24.92
CA LEU A 28 -23.24 -1.21 23.74
C LEU A 28 -24.48 -2.05 24.03
N VAL A 29 -24.47 -2.79 25.14
CA VAL A 29 -25.59 -3.67 25.45
C VAL A 29 -26.83 -2.86 25.83
N ALA A 30 -26.65 -1.81 26.62
CA ALA A 30 -27.80 -1.01 27.06
C ALA A 30 -28.50 -0.35 25.88
N ALA A 31 -27.74 0.18 24.92
CA ALA A 31 -28.32 0.80 23.74
C ALA A 31 -28.60 -0.21 22.63
N GLY A 32 -28.30 -1.48 22.83
CA GLY A 32 -28.55 -2.48 21.81
C GLY A 32 -27.74 -2.29 20.55
N GLN A 33 -26.47 -1.91 20.69
CA GLN A 33 -25.60 -1.66 19.55
C GLN A 33 -24.53 -2.74 19.39
N ALA A 34 -24.65 -3.85 20.11
CA ALA A 34 -23.60 -4.87 20.10
C ALA A 34 -23.50 -5.53 18.73
N TYR A 35 -22.31 -6.01 18.41
CA TYR A 35 -22.05 -6.69 17.14
C TYR A 35 -22.35 -8.17 17.26
N GLU A 36 -22.63 -8.81 16.12
CA GLU A 36 -22.88 -10.24 16.07
C GLU A 36 -21.72 -10.97 15.43
N LYS A 37 -21.17 -11.97 16.14
CA LYS A 37 -20.22 -12.91 15.57
C LYS A 37 -20.94 -13.92 14.70
N VAL A 38 -20.82 -13.74 13.38
CA VAL A 38 -21.38 -14.69 12.44
C VAL A 38 -20.42 -15.84 12.15
N PHE A 39 -19.13 -15.70 12.43
CA PHE A 39 -18.18 -16.76 12.14
C PHE A 39 -17.00 -16.70 13.10
N ASP A 40 -16.50 -17.87 13.50
CA ASP A 40 -15.30 -17.96 14.32
C ASP A 40 -14.69 -19.34 14.10
N ASN A 41 -13.40 -19.38 13.74
CA ASN A 41 -12.78 -20.63 13.33
C ASN A 41 -11.26 -20.56 13.47
N THR A 42 -10.64 -21.74 13.39
CA THR A 42 -9.19 -21.90 13.32
C THR A 42 -8.89 -23.02 12.34
N ILE A 43 -8.70 -22.66 11.07
CA ILE A 43 -8.56 -23.65 10.00
C ILE A 43 -7.16 -24.25 9.92
N PRO A 44 -6.07 -23.47 10.07
CA PRO A 44 -4.76 -24.02 9.72
C PRO A 44 -4.15 -24.92 10.79
N ALA A 45 -3.20 -25.75 10.38
CA ALA A 45 -2.44 -26.59 11.31
C ALA A 45 -1.10 -25.92 11.60
N SER A 46 -1.07 -25.18 12.70
CA SER A 46 0.11 -24.41 13.09
C SER A 46 1.36 -25.28 13.12
N GLY A 47 2.39 -24.89 12.38
CA GLY A 47 3.67 -25.56 12.44
C GLY A 47 4.62 -24.82 13.35
N THR A 48 5.60 -24.13 12.77
CA THR A 48 6.46 -23.22 13.53
C THR A 48 5.83 -21.84 13.57
N ALA A 49 4.55 -21.83 13.99
CA ALA A 49 3.75 -20.61 13.99
C ALA A 49 2.73 -20.71 15.11
N ILE A 50 2.22 -19.55 15.52
CA ILE A 50 1.21 -19.47 16.57
C ILE A 50 -0.15 -19.82 15.97
N ALA A 51 -1.10 -20.19 16.82
CA ALA A 51 -2.44 -20.53 16.35
C ALA A 51 -3.07 -19.34 15.65
N VAL A 52 -3.87 -19.62 14.62
CA VAL A 52 -4.51 -18.60 13.80
C VAL A 52 -5.98 -18.56 14.14
N ARG A 53 -6.45 -17.41 14.63
CA ARG A 53 -7.87 -17.19 14.89
C ARG A 53 -8.47 -16.40 13.74
N GLN A 54 -9.67 -16.79 13.31
CA GLN A 54 -10.42 -16.05 12.30
C GLN A 54 -11.80 -15.76 12.86
N VAL A 55 -12.22 -14.50 12.74
CA VAL A 55 -13.52 -14.05 13.26
C VAL A 55 -14.18 -13.19 12.20
N THR A 56 -15.49 -13.30 12.07
CA THR A 56 -16.30 -12.44 11.22
C THR A 56 -17.52 -11.99 12.00
N LEU A 57 -17.68 -10.68 12.14
CA LEU A 57 -18.70 -10.08 12.97
C LEU A 57 -19.61 -9.18 12.14
N ARG A 58 -20.83 -8.98 12.63
CA ARG A 58 -21.85 -8.18 11.95
C ARG A 58 -22.25 -7.04 12.89
N ALA A 59 -22.23 -5.83 12.35
CA ALA A 59 -22.68 -4.64 13.08
C ALA A 59 -23.95 -4.09 12.45
N PRO A 60 -24.94 -3.69 13.25
CA PRO A 60 -26.20 -3.19 12.71
C PRO A 60 -26.28 -1.68 12.52
N GLY A 61 -25.32 -0.93 13.05
CA GLY A 61 -25.37 0.52 12.98
C GLY A 61 -26.21 1.11 14.10
N LEU A 62 -26.17 2.44 14.19
CA LEU A 62 -26.91 3.13 15.24
C LEU A 62 -28.41 2.96 15.08
N GLY A 63 -28.93 3.07 13.86
CA GLY A 63 -30.35 3.00 13.62
C GLY A 63 -30.94 1.61 13.55
N GLY A 64 -30.11 0.57 13.54
CA GLY A 64 -30.61 -0.79 13.47
C GLY A 64 -31.09 -1.22 12.10
N THR A 65 -30.92 -0.40 11.07
CA THR A 65 -31.35 -0.73 9.73
C THR A 65 -30.20 -0.99 8.77
N ASP A 66 -28.95 -0.84 9.22
CA ASP A 66 -27.80 -1.06 8.36
C ASP A 66 -27.31 -2.50 8.48
N ALA A 67 -26.37 -2.85 7.60
CA ALA A 67 -25.75 -4.18 7.57
C ALA A 67 -24.25 -3.98 7.32
N ILE A 68 -23.46 -4.19 8.36
CA ILE A 68 -22.01 -4.01 8.29
C ILE A 68 -21.36 -5.37 8.58
N TYR A 69 -20.42 -5.78 7.75
CA TYR A 69 -19.71 -7.05 7.94
C TYR A 69 -18.22 -6.78 8.00
N MET A 70 -17.57 -7.29 9.05
CA MET A 70 -16.13 -7.10 9.23
C MET A 70 -15.48 -8.43 9.57
N GLY A 71 -14.20 -8.55 9.29
CA GLY A 71 -13.43 -9.76 9.58
C GLY A 71 -12.09 -9.42 10.20
N ILE A 72 -11.71 -10.23 11.20
CA ILE A 72 -10.45 -10.06 11.92
C ILE A 72 -9.71 -11.40 11.90
N GLN A 73 -8.39 -11.34 11.95
CA GLN A 73 -7.54 -12.52 11.89
C GLN A 73 -6.31 -12.30 12.76
N SER A 74 -5.83 -13.38 13.37
CA SER A 74 -4.53 -13.34 14.03
C SER A 74 -3.56 -14.30 13.32
N TYR A 75 -2.39 -13.78 12.95
CA TYR A 75 -1.42 -14.55 12.19
C TYR A 75 -0.03 -14.26 12.73
N GLY A 76 0.69 -15.31 13.10
CA GLY A 76 1.99 -15.10 13.72
C GLY A 76 2.98 -16.18 13.31
N ASP A 77 4.26 -15.82 13.44
CA ASP A 77 5.37 -16.72 13.17
C ASP A 77 6.42 -16.50 14.25
N THR A 78 6.83 -17.60 14.89
CA THR A 78 7.79 -17.51 15.98
C THR A 78 9.21 -17.26 15.48
N ALA A 79 9.61 -17.94 14.40
CA ALA A 79 10.97 -17.77 13.89
C ALA A 79 11.26 -16.33 13.53
N LEU A 80 10.35 -15.66 12.82
CA LEU A 80 10.45 -14.24 12.55
C LEU A 80 9.89 -13.39 13.68
N ASP A 81 9.17 -14.01 14.62
CA ASP A 81 8.71 -13.33 15.84
C ASP A 81 7.77 -12.17 15.53
N TYR A 82 6.63 -12.47 14.91
CA TYR A 82 5.53 -11.50 14.79
C TYR A 82 4.22 -12.19 15.11
N TYR A 83 3.24 -11.40 15.58
CA TYR A 83 1.91 -11.88 15.94
C TYR A 83 0.88 -10.89 15.37
N ASN A 84 1.04 -10.62 14.08
CA ASN A 84 0.24 -9.66 13.33
C ASN A 84 -1.26 -9.91 13.50
N LEU A 85 -2.04 -8.84 13.37
CA LEU A 85 -3.50 -8.90 13.39
C LEU A 85 -4.03 -8.27 12.12
N ARG A 86 -4.70 -9.06 11.29
CA ARG A 86 -5.20 -8.62 10.00
C ARG A 86 -6.69 -8.27 10.09
N LEU A 87 -7.11 -7.33 9.26
CA LEU A 87 -8.48 -6.83 9.26
C LEU A 87 -8.97 -6.67 7.82
N MET A 88 -10.28 -6.85 7.63
CA MET A 88 -10.90 -6.65 6.33
C MET A 88 -12.37 -6.34 6.53
N GLY A 89 -13.00 -5.81 5.47
CA GLY A 89 -14.41 -5.49 5.50
C GLY A 89 -15.17 -6.07 4.31
N GLY A 90 -16.49 -6.18 4.44
CA GLY A 90 -17.29 -6.76 3.38
C GLY A 90 -18.76 -6.47 3.59
N THR A 91 -19.57 -6.94 2.63
CA THR A 91 -21.01 -6.73 2.66
C THR A 91 -21.80 -8.00 2.87
N ALA A 92 -21.29 -9.14 2.43
CA ALA A 92 -22.01 -10.40 2.54
C ALA A 92 -21.02 -11.49 2.91
N PHE A 93 -21.54 -12.61 3.39
CA PHE A 93 -20.70 -13.72 3.82
C PHE A 93 -21.46 -15.01 3.61
N ASN A 94 -20.73 -16.04 3.19
CA ASN A 94 -21.31 -17.35 2.96
C ASN A 94 -20.25 -18.41 3.17
N PRO A 95 -20.29 -19.18 4.26
CA PRO A 95 -19.27 -20.21 4.47
C PRO A 95 -19.26 -21.27 3.37
N GLY A 96 -20.37 -21.46 2.66
CA GLY A 96 -20.39 -22.44 1.58
C GLY A 96 -19.65 -21.97 0.34
N ALA A 97 -19.42 -20.67 0.22
CA ALA A 97 -18.73 -20.13 -0.96
C ALA A 97 -17.23 -20.35 -0.92
N ILE A 98 -16.68 -20.71 0.23
CA ILE A 98 -15.23 -20.92 0.37
C ILE A 98 -14.82 -22.09 -0.52
N PRO A 99 -13.84 -21.93 -1.41
CA PRO A 99 -13.36 -23.07 -2.18
C PRO A 99 -12.59 -24.05 -1.30
N PRO A 100 -12.39 -25.29 -1.76
CA PRO A 100 -11.60 -26.23 -0.97
C PRO A 100 -10.22 -25.69 -0.63
N GLY A 101 -9.80 -25.86 0.62
CA GLY A 101 -8.57 -25.26 1.09
C GLY A 101 -8.63 -23.74 1.04
N GLY A 102 -7.59 -23.11 0.52
CA GLY A 102 -7.56 -21.67 0.40
C GLY A 102 -7.87 -20.94 1.69
N ASP A 103 -8.72 -19.91 1.61
CA ASP A 103 -9.09 -19.11 2.76
C ASP A 103 -10.52 -18.66 2.60
N TYR A 104 -11.08 -18.12 3.68
CA TYR A 104 -12.49 -17.71 3.72
C TYR A 104 -12.69 -16.25 3.31
N TRP A 105 -11.64 -15.43 3.36
CA TRP A 105 -11.80 -14.01 3.06
C TRP A 105 -12.12 -13.77 1.59
N THR A 106 -11.98 -14.79 0.73
CA THR A 106 -12.45 -14.72 -0.64
C THR A 106 -13.96 -14.92 -0.76
N ALA A 107 -14.60 -15.49 0.25
CA ALA A 107 -16.03 -15.70 0.24
C ALA A 107 -16.82 -14.40 0.36
N PHE A 108 -16.23 -13.35 0.90
CA PHE A 108 -16.90 -12.06 1.00
C PHE A 108 -17.27 -11.54 -0.38
N ALA A 109 -18.51 -11.05 -0.51
CA ALA A 109 -18.95 -10.42 -1.75
C ALA A 109 -18.34 -9.02 -1.85
N ASN A 110 -17.77 -8.72 -3.01
CA ASN A 110 -16.99 -7.52 -3.20
C ASN A 110 -15.90 -7.41 -2.12
N TYR A 111 -15.15 -8.49 -1.97
CA TYR A 111 -14.10 -8.56 -0.96
C TYR A 111 -13.08 -7.46 -1.16
N SER A 112 -12.61 -6.90 -0.05
CA SER A 112 -11.56 -5.91 -0.09
C SER A 112 -10.24 -6.50 0.40
N PRO A 113 -9.11 -5.99 -0.07
CA PRO A 113 -7.84 -6.46 0.47
C PRO A 113 -7.69 -6.09 1.94
N ARG A 114 -6.70 -6.70 2.59
CA ARG A 114 -6.60 -6.65 4.04
C ARG A 114 -5.63 -5.55 4.48
N VAL A 115 -5.85 -5.08 5.71
CA VAL A 115 -4.91 -4.21 6.41
C VAL A 115 -4.52 -4.92 7.70
N GLN A 116 -3.68 -4.28 8.52
CA GLN A 116 -3.27 -4.96 9.74
C GLN A 116 -2.71 -4.00 10.78
N LEU A 117 -2.46 -4.57 11.95
CA LEU A 117 -1.73 -3.95 13.03
C LEU A 117 -0.66 -4.92 13.52
N LEU A 118 0.45 -4.40 14.03
CA LEU A 118 1.63 -5.21 14.34
C LEU A 118 1.80 -5.28 15.85
N ALA A 119 1.83 -6.51 16.38
CA ALA A 119 1.97 -6.75 17.81
C ALA A 119 2.83 -8.00 18.05
N TRP A 120 3.00 -8.37 19.31
CA TRP A 120 3.67 -9.62 19.64
C TRP A 120 3.13 -10.15 20.98
N ASN A 121 3.63 -11.32 21.37
CA ASN A 121 3.16 -12.02 22.56
C ASN A 121 3.89 -11.50 23.80
N GLN A 122 3.24 -10.57 24.48
CA GLN A 122 3.80 -9.89 25.64
C GLN A 122 2.74 -8.96 26.20
N PRO A 123 2.86 -8.55 27.46
CA PRO A 123 1.99 -7.45 27.93
C PRO A 123 2.15 -6.20 27.08
N MET A 124 1.02 -5.69 26.60
CA MET A 124 0.98 -4.52 25.73
C MET A 124 -0.13 -3.58 26.18
N PRO A 125 0.15 -2.31 26.45
CA PRO A 125 -0.93 -1.34 26.69
C PRO A 125 -1.73 -1.04 25.43
N TYR A 126 -3.04 -0.95 25.58
CA TYR A 126 -3.97 -0.89 24.47
C TYR A 126 -5.11 0.08 24.76
N TRP A 127 -5.64 0.65 23.68
CA TRP A 127 -6.73 1.63 23.72
C TRP A 127 -7.74 1.25 22.65
N PHE A 128 -8.95 0.90 23.06
CA PHE A 128 -10.05 0.57 22.14
C PHE A 128 -11.12 1.65 22.18
N PHE A 129 -11.56 2.07 21.00
CA PHE A 129 -12.74 2.93 20.85
C PHE A 129 -13.70 2.21 19.91
N ALA A 130 -15.00 2.32 20.17
CA ALA A 130 -15.97 1.67 19.30
C ALA A 130 -17.31 2.37 19.39
N ASN A 131 -17.99 2.44 18.25
CA ASN A 131 -19.36 2.91 18.13
C ASN A 131 -20.04 2.05 17.06
N GLY A 132 -21.38 2.02 17.10
CA GLY A 132 -22.14 1.14 16.22
C GLY A 132 -21.76 1.21 14.76
N ARG A 133 -21.00 2.23 14.34
CA ARG A 133 -20.63 2.40 12.94
C ARG A 133 -19.14 2.27 12.67
N ARG A 134 -18.29 2.38 13.68
CA ARG A 134 -16.85 2.37 13.40
C ARG A 134 -16.09 1.98 14.66
N PHE A 135 -14.98 1.28 14.48
CA PHE A 135 -14.11 0.87 15.57
C PHE A 135 -12.69 1.32 15.28
N TRP A 136 -11.99 1.69 16.36
CA TRP A 136 -10.61 2.17 16.32
C TRP A 136 -9.78 1.42 17.36
N ILE A 137 -8.59 0.99 16.96
CA ILE A 137 -7.68 0.24 17.82
C ILE A 137 -6.34 0.98 17.83
N VAL A 138 -5.77 1.17 19.02
CA VAL A 138 -4.45 1.74 19.18
C VAL A 138 -3.69 0.91 20.20
N VAL A 139 -2.40 0.71 19.96
CA VAL A 139 -1.55 -0.11 20.81
C VAL A 139 -0.22 0.61 21.01
N LYS A 140 0.21 0.71 22.27
CA LYS A 140 1.48 1.35 22.61
C LYS A 140 2.56 0.27 22.74
N VAL A 141 3.42 0.18 21.73
CA VAL A 141 4.55 -0.73 21.73
C VAL A 141 5.79 0.07 22.08
N SER A 142 6.11 0.14 23.37
CA SER A 142 7.24 0.93 23.85
C SER A 142 7.04 2.40 23.49
N THR A 143 7.88 2.94 22.60
CA THR A 143 7.76 4.32 22.16
C THR A 143 7.02 4.45 20.84
N ILE A 144 6.56 3.35 20.27
CA ILE A 144 5.85 3.35 19.00
C ILE A 144 4.36 3.18 19.28
N TYR A 145 3.53 3.66 18.36
CA TYR A 145 2.08 3.53 18.49
C TYR A 145 1.51 2.97 17.18
N GLU A 146 1.00 1.74 17.25
CA GLU A 146 0.29 1.15 16.12
C GLU A 146 -1.18 1.51 16.22
N SER A 147 -1.81 1.72 15.08
CA SER A 147 -3.20 2.18 15.06
C SER A 147 -3.89 1.69 13.78
N ALA A 148 -5.17 1.38 13.90
CA ALA A 148 -5.96 0.91 12.77
C ALA A 148 -7.44 1.06 13.11
N GLY A 149 -8.28 0.72 12.15
CA GLY A 149 -9.72 0.73 12.40
C GLY A 149 -10.50 0.67 11.10
N ALA A 150 -11.81 0.78 11.25
CA ALA A 150 -12.70 0.74 10.09
C ALA A 150 -14.12 1.08 10.50
N GLY A 151 -14.90 1.58 9.54
CA GLY A 151 -16.30 1.90 9.76
C GLY A 151 -16.82 2.83 8.68
N PHE A 152 -17.97 3.45 8.96
CA PHE A 152 -18.59 4.33 8.00
C PHE A 152 -18.10 5.78 8.18
N ILE A 153 -17.79 6.42 7.06
CA ILE A 153 -17.52 7.85 7.02
C ILE A 153 -18.84 8.60 6.98
N LEU A 154 -18.79 9.93 7.12
CA LEU A 154 -19.99 10.76 7.09
C LEU A 154 -20.06 11.57 5.80
N PRO A 155 -20.68 11.04 4.73
CA PRO A 155 -20.82 11.84 3.51
C PRO A 155 -21.79 12.99 3.72
N PRO A 156 -21.70 14.04 2.90
CA PRO A 156 -22.64 15.17 3.03
C PRO A 156 -23.98 14.94 2.34
N CYS A 157 -24.27 13.74 1.87
CA CYS A 157 -25.46 13.45 1.10
C CYS A 157 -26.36 12.49 1.86
N PRO A 158 -27.65 12.45 1.53
CA PRO A 158 -28.58 11.57 2.26
C PRO A 158 -28.15 10.12 2.14
N PRO A 159 -28.32 9.32 3.21
CA PRO A 159 -27.96 7.90 3.12
C PRO A 159 -28.78 7.11 2.11
N SER A 160 -29.93 7.64 1.69
CA SER A 160 -30.86 6.86 0.89
C SER A 160 -30.24 6.30 -0.39
N GLN A 161 -29.29 7.01 -0.99
CA GLN A 161 -28.69 6.58 -2.24
C GLN A 161 -27.28 6.02 -2.09
N TYR A 162 -26.60 6.33 -0.99
CA TYR A 162 -25.26 5.81 -0.71
C TYR A 162 -25.29 5.24 0.69
N PRO A 163 -25.96 4.10 0.88
CA PRO A 163 -26.11 3.55 2.24
C PRO A 163 -24.85 2.95 2.81
N TYR A 164 -23.82 2.77 1.99
CA TYR A 164 -22.69 1.89 2.31
C TYR A 164 -21.36 2.61 2.06
N PRO A 165 -21.02 3.58 2.94
CA PRO A 165 -19.71 4.29 2.89
C PRO A 165 -18.66 3.65 3.80
N LEU A 166 -18.27 2.43 3.48
CA LEU A 166 -17.34 1.69 4.33
C LEU A 166 -15.90 2.03 4.01
N ALA A 167 -15.13 2.36 5.04
CA ALA A 167 -13.70 2.63 4.94
C ALA A 167 -12.95 1.72 5.91
N VAL A 168 -11.76 1.31 5.48
CA VAL A 168 -10.86 0.50 6.30
C VAL A 168 -9.48 1.13 6.25
N VAL A 169 -8.81 1.22 7.40
CA VAL A 169 -7.50 1.83 7.47
C VAL A 169 -6.62 1.04 8.43
N GLY A 170 -5.37 0.83 8.03
CA GLY A 170 -4.39 0.14 8.86
C GLY A 170 -3.02 0.74 8.64
N SER A 171 -2.11 0.39 9.55
CA SER A 171 -0.77 0.99 9.53
C SER A 171 0.05 0.56 8.33
N TYR A 172 -0.23 -0.61 7.75
CA TYR A 172 0.56 -1.11 6.64
C TYR A 172 -0.27 -2.11 5.86
N ARG A 173 0.13 -2.37 4.62
CA ARG A 173 -0.64 -3.25 3.75
C ARG A 173 -0.60 -4.67 4.27
N GLY A 174 -1.74 -5.37 4.17
CA GLY A 174 -1.88 -6.72 4.68
C GLY A 174 -1.54 -7.82 3.70
N ASP A 175 -1.01 -7.48 2.53
CA ASP A 175 -0.65 -8.47 1.53
C ASP A 175 0.71 -9.09 1.77
N VAL A 176 1.49 -8.58 2.72
CA VAL A 176 2.82 -9.08 3.03
C VAL A 176 2.96 -9.18 4.55
N ALA A 177 3.87 -10.03 4.99
CA ALA A 177 4.13 -10.22 6.43
C ALA A 177 5.29 -9.32 6.82
N THR A 178 5.10 -8.53 7.87
CA THR A 178 6.09 -7.56 8.31
C THR A 178 6.29 -7.65 9.82
N ARG A 179 7.49 -7.29 10.25
CA ARG A 179 7.89 -7.36 11.65
C ARG A 179 7.82 -5.97 12.26
N TRP A 180 7.20 -5.87 13.45
CA TRP A 180 6.78 -4.55 13.94
C TRP A 180 7.97 -3.64 14.19
N SER A 181 9.18 -4.19 14.22
CA SER A 181 10.39 -3.37 14.29
C SER A 181 10.72 -2.70 12.95
N ASP A 182 9.82 -2.78 11.98
CA ASP A 182 10.05 -2.14 10.68
C ASP A 182 10.20 -0.64 10.86
N VAL A 183 11.26 -0.09 10.30
CA VAL A 183 11.57 1.34 10.40
C VAL A 183 11.34 2.05 9.09
N SER A 184 10.83 1.35 8.07
CA SER A 184 10.63 1.98 6.78
C SER A 184 9.54 3.04 6.86
N ASP A 185 9.60 3.98 5.91
CA ASP A 185 8.64 5.08 5.88
C ASP A 185 7.22 4.62 5.58
N ARG A 186 7.04 3.40 5.06
CA ARG A 186 5.72 2.89 4.75
C ARG A 186 4.91 2.54 6.00
N HIS A 187 5.58 2.22 7.10
CA HIS A 187 4.91 1.92 8.36
C HIS A 187 4.46 3.24 8.98
N ARG A 188 3.17 3.54 8.86
CA ARG A 188 2.62 4.83 9.29
C ARG A 188 1.19 4.68 9.76
N GLY A 189 0.49 5.79 9.96
CA GLY A 189 -0.76 5.76 10.69
C GLY A 189 -1.97 6.08 9.82
N ILE A 190 -3.12 6.25 10.49
CA ILE A 190 -4.38 6.47 9.79
C ILE A 190 -4.39 7.82 9.08
N SER A 191 -3.92 8.86 9.75
CA SER A 191 -4.01 10.21 9.20
C SER A 191 -3.21 10.38 7.91
N SER A 192 -2.31 9.46 7.62
CA SER A 192 -1.48 9.53 6.43
C SER A 192 -1.29 8.14 5.85
N PRO A 193 -2.25 7.62 5.09
CA PRO A 193 -2.02 6.32 4.43
C PRO A 193 -0.93 6.42 3.37
N TYR A 194 -0.21 5.32 3.18
CA TYR A 194 0.80 5.20 2.13
C TYR A 194 0.94 3.75 1.72
N GLU A 195 0.98 3.51 0.42
CA GLU A 195 1.16 2.17 -0.13
C GLU A 195 0.06 1.23 0.37
N ARG A 196 -1.20 1.53 0.02
CA ARG A 196 -2.33 0.65 0.30
C ARG A 196 -2.65 0.56 1.78
N SER A 197 -2.67 1.69 2.50
CA SER A 197 -2.94 1.69 3.93
C SER A 197 -4.31 2.27 4.27
N CYS A 198 -5.12 2.61 3.27
CA CYS A 198 -6.47 3.10 3.52
C CYS A 198 -7.31 2.92 2.27
N TYR A 199 -8.42 2.20 2.40
CA TYR A 199 -9.34 1.94 1.31
C TYR A 199 -10.72 2.44 1.68
N LEU A 200 -11.49 2.87 0.68
CA LEU A 200 -12.84 3.38 0.84
C LEU A 200 -13.69 2.83 -0.29
N ARG A 201 -14.92 2.46 0.01
CA ARG A 201 -15.79 1.85 -1.00
C ARG A 201 -16.57 2.94 -1.73
N ASP A 202 -16.45 2.94 -3.05
CA ASP A 202 -17.14 3.92 -3.86
C ASP A 202 -18.63 3.58 -3.94
N PRO A 203 -19.50 4.59 -4.13
CA PRO A 203 -20.92 4.27 -4.32
C PRO A 203 -21.18 3.34 -5.49
N ALA A 204 -20.31 3.33 -6.49
CA ALA A 204 -20.43 2.38 -7.59
C ALA A 204 -20.12 0.95 -7.17
N GLY A 205 -19.56 0.75 -5.98
CA GLY A 205 -19.21 -0.58 -5.51
C GLY A 205 -17.79 -1.00 -5.75
N ARG A 206 -16.92 -0.08 -6.16
CA ARG A 206 -15.52 -0.39 -6.44
C ARG A 206 -14.64 0.29 -5.40
N TRP A 207 -13.75 -0.50 -4.78
CA TRP A 207 -12.91 0.01 -3.71
C TRP A 207 -11.79 0.87 -4.27
N LEU A 208 -11.59 2.05 -3.68
CA LEU A 208 -10.56 2.98 -4.10
C LEU A 208 -9.59 3.21 -2.95
N GLY A 209 -8.30 3.28 -3.28
CA GLY A 209 -7.28 3.49 -2.27
C GLY A 209 -6.86 4.95 -2.21
N PHE A 210 -6.62 5.44 -0.99
CA PHE A 210 -6.19 6.80 -0.76
C PHE A 210 -4.78 6.80 -0.19
N THR A 211 -3.95 7.71 -0.71
CA THR A 211 -2.60 7.88 -0.22
C THR A 211 -2.29 9.37 -0.20
N VAL A 212 -1.65 9.81 0.89
CA VAL A 212 -1.29 11.22 1.04
C VAL A 212 -0.06 11.59 0.23
N ASP A 213 0.73 10.61 -0.20
CA ASP A 213 1.92 10.85 -0.99
C ASP A 213 1.98 9.83 -2.12
N GLY A 214 2.61 10.22 -3.21
CA GLY A 214 2.68 9.34 -4.37
C GLY A 214 3.67 8.21 -4.18
N GLY A 215 3.57 7.22 -5.06
CA GLY A 215 4.46 6.08 -5.03
C GLY A 215 4.47 5.31 -6.34
N ALA A 216 5.67 5.04 -6.87
CA ALA A 216 5.77 4.32 -8.13
C ALA A 216 5.23 2.90 -8.01
N ALA A 217 5.51 2.21 -6.91
CA ALA A 217 5.03 0.85 -6.74
C ALA A 217 3.52 0.79 -6.69
N ASN A 218 2.87 1.84 -6.19
CA ASN A 218 1.41 1.88 -6.17
C ASN A 218 0.88 2.11 -7.57
N GLU A 219 -0.38 1.72 -7.79
CA GLU A 219 -1.01 1.87 -9.09
C GLU A 219 -1.30 3.34 -9.38
N SER A 220 -1.39 3.67 -10.67
CA SER A 220 -1.47 5.06 -11.08
C SER A 220 -2.79 5.71 -10.66
N ASP A 221 -3.86 4.92 -10.56
CA ASP A 221 -5.19 5.49 -10.40
C ASP A 221 -5.32 6.24 -9.08
N TYR A 222 -4.67 5.75 -8.02
CA TYR A 222 -4.86 6.34 -6.70
C TYR A 222 -4.07 7.63 -6.52
N ASN A 223 -3.17 7.93 -7.46
CA ASN A 223 -2.37 9.16 -7.37
C ASN A 223 -3.27 10.39 -7.39
N ASN A 224 -4.45 10.28 -8.03
CA ASN A 224 -5.36 11.40 -8.18
C ASN A 224 -6.25 11.62 -6.96
N ARG A 225 -6.49 10.59 -6.15
CA ARG A 225 -7.36 10.68 -4.99
C ARG A 225 -6.53 10.63 -3.72
N THR A 226 -6.84 11.51 -2.76
CA THR A 226 -6.01 11.67 -1.58
C THR A 226 -6.80 12.25 -0.40
N LEU A 227 -6.11 12.32 0.73
CA LEU A 227 -6.57 13.07 1.89
C LEU A 227 -5.92 14.45 1.88
N LEU A 228 -6.73 15.46 1.55
CA LEU A 228 -6.21 16.80 1.27
C LEU A 228 -5.47 17.42 2.46
N PRO A 229 -6.03 17.37 3.68
CA PRO A 229 -5.39 18.07 4.81
C PRO A 229 -3.88 17.89 4.88
N LEU A 230 -3.40 16.65 4.91
CA LEU A 230 -1.97 16.42 4.89
C LEU A 230 -1.39 16.44 3.47
N GLY A 231 -2.24 16.45 2.46
CA GLY A 231 -1.78 16.46 1.08
C GLY A 231 -1.76 17.84 0.47
N CYS A 232 -1.41 18.85 1.26
CA CYS A 232 -1.39 20.22 0.78
C CYS A 232 -0.31 20.42 -0.29
N GLY A 233 0.63 19.50 -0.41
CA GLY A 233 1.73 19.67 -1.36
C GLY A 233 1.30 19.72 -2.81
N ARG A 234 0.08 19.28 -3.11
CA ARG A 234 -0.38 19.29 -4.50
C ARG A 234 -0.43 20.70 -5.06
N TYR A 235 -0.91 21.65 -4.26
CA TYR A 235 -1.11 23.02 -4.74
C TYR A 235 -0.02 23.98 -4.31
N ALA A 236 0.66 23.72 -3.20
CA ALA A 236 1.72 24.60 -2.75
C ALA A 236 2.98 24.38 -3.58
N GLY A 237 3.76 25.46 -3.72
CA GLY A 237 4.98 25.41 -4.49
C GLY A 237 6.23 25.42 -3.62
N SER A 238 6.14 24.81 -2.44
CA SER A 238 7.27 24.75 -1.53
C SER A 238 7.09 23.55 -0.61
N SER A 239 8.21 23.01 -0.14
CA SER A 239 8.20 21.86 0.75
C SER A 239 7.58 22.23 2.10
N ASP A 240 8.01 23.36 2.66
CA ASP A 240 7.50 23.78 3.96
C ASP A 240 6.22 24.59 3.79
N THR A 241 5.16 24.17 4.46
CA THR A 241 3.86 24.82 4.38
C THR A 241 3.33 25.05 5.80
N VAL A 242 2.16 25.68 5.87
CA VAL A 242 1.56 26.02 7.16
C VAL A 242 1.23 24.76 7.94
N VAL A 243 0.83 23.69 7.24
CA VAL A 243 0.36 22.49 7.92
C VAL A 243 1.47 21.84 8.76
N LYS A 244 2.69 21.76 8.23
CA LYS A 244 3.78 21.23 9.03
C LYS A 244 4.25 22.19 10.12
N GLN A 245 3.96 23.48 10.01
CA GLN A 245 4.33 24.45 11.04
C GLN A 245 3.17 24.80 11.96
N LEU A 246 2.05 24.08 11.89
CA LEU A 246 0.92 24.33 12.77
C LEU A 246 1.32 24.14 14.22
N ARG A 247 0.77 24.96 15.11
CA ARG A 247 1.05 24.85 16.54
C ARG A 247 -0.16 25.40 17.30
N ASP A 248 -0.26 25.02 18.56
CA ASP A 248 -1.40 25.41 19.39
C ASP A 248 -1.50 26.93 19.47
N SER A 249 -2.65 27.42 19.94
CA SER A 249 -2.93 28.87 20.02
C SER A 249 -3.27 29.20 21.47
N PHE A 250 -2.29 29.75 22.19
CA PHE A 250 -2.50 30.22 23.57
C PHE A 250 -3.00 29.07 24.45
N GLY A 251 -2.47 27.87 24.23
CA GLY A 251 -2.85 26.70 24.99
C GLY A 251 -4.02 25.94 24.41
N LYS A 252 -4.70 26.50 23.42
CA LYS A 252 -5.84 25.84 22.78
C LYS A 252 -5.31 25.05 21.59
N PHE A 253 -5.60 23.75 21.56
CA PHE A 253 -5.13 22.89 20.48
C PHE A 253 -6.22 22.79 19.43
N PRO A 254 -6.01 23.30 18.20
CA PRO A 254 -7.07 23.23 17.19
C PRO A 254 -7.19 21.86 16.55
N LEU A 255 -8.39 21.30 16.56
CA LEU A 255 -8.64 20.01 15.92
C LEU A 255 -9.12 20.24 14.50
N LYS A 256 -8.42 19.63 13.54
CA LYS A 256 -8.74 19.78 12.11
C LYS A 256 -9.24 18.45 11.60
N ALA A 257 -10.41 18.47 10.95
CA ALA A 257 -11.01 17.24 10.44
C ALA A 257 -10.20 16.68 9.29
N LEU A 258 -10.20 15.35 9.16
CA LEU A 258 -9.53 14.67 8.07
C LEU A 258 -10.56 14.37 6.99
N GLN A 259 -10.19 14.63 5.73
CA GLN A 259 -11.13 14.72 4.62
C GLN A 259 -10.71 13.76 3.51
N PHE A 260 -11.67 13.01 2.98
CA PHE A 260 -11.43 12.24 1.75
C PHE A 260 -11.74 13.14 0.56
N VAL A 261 -10.95 13.03 -0.51
CA VAL A 261 -11.25 13.75 -1.75
C VAL A 261 -10.69 12.95 -2.92
N THR A 262 -11.39 12.99 -4.04
CA THR A 262 -10.95 12.38 -5.29
C THR A 262 -11.04 13.42 -6.41
N ARG A 263 -9.96 13.54 -7.18
CA ARG A 263 -9.91 14.48 -8.31
C ARG A 263 -9.57 13.68 -9.55
N GLU A 264 -10.59 13.10 -10.18
CA GLU A 264 -10.40 12.29 -11.36
C GLU A 264 -10.61 13.12 -12.63
N THR A 265 -10.20 12.55 -13.76
CA THR A 265 -10.48 13.18 -15.05
C THR A 265 -11.98 13.14 -15.36
N GLU A 266 -12.65 12.05 -14.98
CA GLU A 266 -14.08 11.94 -15.24
C GLU A 266 -14.86 13.03 -14.50
N GLY A 267 -14.52 13.26 -13.23
CA GLY A 267 -15.23 14.25 -12.45
C GLY A 267 -14.75 14.25 -11.01
N ARG A 268 -15.21 15.27 -10.29
CA ARG A 268 -14.85 15.46 -8.89
C ARG A 268 -15.99 15.03 -7.97
N ARG A 269 -15.63 14.75 -6.72
CA ARG A 269 -16.61 14.30 -5.73
C ARG A 269 -15.96 14.39 -4.34
N TYR A 270 -16.65 15.06 -3.42
CA TYR A 270 -16.26 15.03 -2.02
C TYR A 270 -16.97 13.87 -1.32
N LEU A 271 -16.22 13.08 -0.56
CA LEU A 271 -16.74 11.84 0.00
C LEU A 271 -17.10 11.93 1.48
N GLY A 272 -16.33 12.62 2.31
CA GLY A 272 -16.68 12.81 3.70
C GLY A 272 -15.48 12.96 4.60
N ASP A 273 -15.74 12.81 5.89
CA ASP A 273 -14.78 13.06 6.96
C ASP A 273 -14.61 11.82 7.82
N PHE A 274 -13.46 11.75 8.51
CA PHE A 274 -13.26 10.73 9.53
C PHE A 274 -14.05 11.09 10.78
N ASP A 275 -14.79 10.13 11.30
CA ASP A 275 -15.61 10.36 12.49
C ASP A 275 -14.78 10.08 13.74
N GLY A 276 -14.28 11.14 14.37
CA GLY A 276 -13.50 10.99 15.58
C GLY A 276 -12.00 11.00 15.40
N ALA A 277 -11.50 11.45 14.26
CA ALA A 277 -10.07 11.55 14.00
C ALA A 277 -9.74 12.93 13.44
N PHE A 278 -8.68 13.54 13.97
CA PHE A 278 -8.28 14.88 13.58
C PHE A 278 -6.75 14.97 13.58
N TYR A 279 -6.26 16.04 12.95
CA TYR A 279 -4.82 16.31 12.98
C TYR A 279 -4.49 17.28 14.12
N VAL A 280 -3.32 17.11 14.74
CA VAL A 280 -2.91 18.03 15.79
C VAL A 280 -1.39 18.20 15.78
N PRO A 281 -0.87 19.29 16.34
CA PRO A 281 0.58 19.54 16.25
C PRO A 281 1.37 18.75 17.28
N THR A 282 2.70 18.92 17.22
CA THR A 282 3.58 18.14 18.09
C THR A 282 4.19 18.98 19.20
N LEU A 283 4.67 20.18 18.88
CA LEU A 283 5.48 20.94 19.81
C LEU A 283 4.77 21.12 21.15
N ASN A 284 5.51 20.92 22.24
CA ASN A 284 5.04 21.06 23.61
C ASN A 284 4.03 19.97 23.97
N SER A 285 3.79 19.01 23.08
CA SER A 285 2.82 17.96 23.30
C SER A 285 3.33 16.66 22.71
N GLY A 286 2.52 15.62 22.86
CA GLY A 286 2.86 14.31 22.33
C GLY A 286 1.73 13.34 22.61
N ALA A 287 1.98 12.07 22.30
CA ALA A 287 0.99 11.04 22.58
C ALA A 287 0.71 10.96 24.08
N GLU A 288 -0.36 10.23 24.41
CA GLU A 288 -1.00 9.99 25.72
C GLU A 288 -1.60 11.26 26.30
N ASP A 289 -1.46 12.40 25.62
CA ASP A 289 -2.07 13.63 26.11
C ASP A 289 -3.58 13.61 25.86
N VAL A 290 -4.32 14.26 26.76
CA VAL A 290 -5.76 14.38 26.65
C VAL A 290 -6.11 15.86 26.65
N ILE A 291 -6.91 16.28 25.68
CA ILE A 291 -7.34 17.67 25.56
C ILE A 291 -8.86 17.71 25.52
N VAL A 292 -9.44 18.67 26.26
CA VAL A 292 -10.89 18.76 26.43
C VAL A 292 -11.39 19.95 25.61
N GLU A 293 -12.31 19.69 24.69
CA GLU A 293 -12.97 20.72 23.91
C GLU A 293 -14.47 20.57 24.05
N ASP A 294 -15.13 21.62 24.56
CA ASP A 294 -16.58 21.62 24.72
C ASP A 294 -17.06 20.42 25.53
N GLY A 295 -16.28 20.04 26.55
CA GLY A 295 -16.64 18.91 27.39
C GLY A 295 -16.43 17.56 26.77
N VAL A 296 -15.76 17.48 25.62
CA VAL A 296 -15.49 16.22 24.94
C VAL A 296 -13.99 16.04 24.88
N ASP A 297 -13.51 14.87 25.30
CA ASP A 297 -12.08 14.65 25.41
C ASP A 297 -11.52 14.03 24.14
N HIS A 298 -10.24 14.29 23.88
CA HIS A 298 -9.53 13.78 22.71
C HIS A 298 -8.16 13.31 23.14
N VAL A 299 -7.77 12.12 22.69
CA VAL A 299 -6.47 11.54 23.02
C VAL A 299 -5.54 11.77 21.84
N VAL A 300 -4.23 11.72 22.09
CA VAL A 300 -3.24 12.03 21.06
C VAL A 300 -2.43 10.79 20.74
N PHE A 301 -1.98 10.67 19.48
CA PHE A 301 -1.19 9.54 19.03
C PHE A 301 -0.30 9.97 17.87
N GLN A 302 0.75 9.19 17.65
CA GLN A 302 1.76 9.48 16.63
C GLN A 302 2.09 8.21 15.85
N THR A 303 2.63 8.40 14.64
CA THR A 303 2.90 7.29 13.74
C THR A 303 4.27 6.68 14.02
N ALA A 304 4.41 5.40 13.66
CA ALA A 304 5.61 4.65 14.03
C ALA A 304 6.87 5.24 13.41
N TRP A 305 6.82 5.61 12.13
CA TRP A 305 8.01 6.09 11.44
C TRP A 305 8.62 7.29 12.16
N ARG A 306 7.88 8.39 12.23
CA ARG A 306 8.33 9.60 12.91
C ARG A 306 7.16 10.21 13.67
N SER A 307 7.51 11.03 14.66
CA SER A 307 6.52 11.76 15.44
C SER A 307 6.48 13.24 15.10
N GLY A 308 6.85 13.62 13.88
CA GLY A 308 6.88 15.01 13.48
C GLY A 308 5.49 15.62 13.41
N ASN A 309 5.46 16.90 13.09
CA ASN A 309 4.22 17.66 13.06
C ASN A 309 3.18 17.00 12.15
N PRO A 310 3.53 16.67 10.90
CA PRO A 310 2.53 16.14 9.98
C PRO A 310 2.16 14.68 10.20
N TRP A 311 2.66 14.05 11.26
CA TRP A 311 2.40 12.64 11.54
C TRP A 311 1.76 12.42 12.90
N LEU A 312 0.91 13.34 13.35
CA LEU A 312 0.39 13.30 14.71
C LEU A 312 -1.09 13.64 14.73
N TYR A 313 -1.89 12.67 15.18
CA TYR A 313 -3.33 12.76 15.06
C TYR A 313 -3.99 12.46 16.41
N ALA A 314 -5.14 13.09 16.62
CA ALA A 314 -5.94 12.91 17.82
C ALA A 314 -7.20 12.12 17.49
N ILE A 315 -7.63 11.30 18.44
CA ILE A 315 -8.82 10.48 18.30
C ILE A 315 -9.81 10.87 19.38
N ARG A 316 -11.07 11.04 19.01
CA ARG A 316 -12.12 11.34 19.96
C ARG A 316 -12.40 10.12 20.84
N LYS A 317 -12.50 10.37 22.15
CA LYS A 317 -12.76 9.31 23.12
C LYS A 317 -14.18 9.34 23.66
N ASP A 318 -14.91 10.44 23.48
CA ASP A 318 -16.30 10.54 23.92
C ASP A 318 -16.39 10.49 25.45
N ALA B 2 -31.34 42.63 6.73
CA ALA B 2 -30.62 41.37 6.58
C ALA B 2 -30.05 41.25 5.18
N TYR B 3 -30.93 41.29 4.18
CA TYR B 3 -30.55 41.15 2.78
C TYR B 3 -31.22 42.27 1.98
N PHE B 4 -30.42 43.21 1.48
CA PHE B 4 -30.92 44.35 0.74
C PHE B 4 -30.35 44.34 -0.68
N THR B 5 -31.13 44.85 -1.63
CA THR B 5 -30.69 44.99 -3.00
C THR B 5 -31.04 46.39 -3.49
N GLY B 6 -30.17 46.94 -4.33
CA GLY B 6 -30.43 48.28 -4.85
C GLY B 6 -29.55 48.59 -6.03
N THR B 7 -29.61 49.85 -6.46
CA THR B 7 -28.84 50.36 -7.58
C THR B 7 -28.20 51.69 -7.22
N ALA B 8 -27.10 52.00 -7.91
CA ALA B 8 -26.36 53.23 -7.67
C ALA B 8 -25.60 53.63 -8.93
N ASN B 9 -25.79 54.87 -9.36
CA ASN B 9 -25.06 55.40 -10.50
C ASN B 9 -23.64 55.78 -10.13
N ASN B 10 -23.38 56.07 -8.86
CA ASN B 10 -22.06 56.49 -8.41
C ASN B 10 -21.73 55.87 -7.07
N PRO B 11 -20.45 55.76 -6.71
CA PRO B 11 -20.10 55.18 -5.40
C PRO B 11 -20.72 55.93 -4.23
N ALA B 12 -20.90 57.25 -4.37
CA ALA B 12 -21.48 58.03 -3.28
C ALA B 12 -22.88 57.55 -2.95
N ASP B 13 -23.65 57.12 -3.96
CA ASP B 13 -24.98 56.61 -3.70
C ASP B 13 -24.93 55.32 -2.88
N LEU B 14 -24.05 54.39 -3.27
CA LEU B 14 -23.85 53.17 -2.48
C LEU B 14 -23.51 53.53 -1.05
N LEU B 15 -22.63 54.53 -0.88
CA LEU B 15 -22.19 54.93 0.44
C LEU B 15 -23.38 55.43 1.26
N ALA B 16 -24.16 56.34 0.69
CA ALA B 16 -25.32 56.88 1.41
C ALA B 16 -26.29 55.77 1.80
N LYS B 17 -26.58 54.87 0.87
CA LYS B 17 -27.55 53.81 1.16
C LYS B 17 -27.05 52.89 2.26
N VAL B 18 -25.77 52.51 2.24
CA VAL B 18 -25.29 51.56 3.23
C VAL B 18 -25.20 52.22 4.61
N ARG B 19 -24.87 53.51 4.68
CA ARG B 19 -24.96 54.18 5.98
C ARG B 19 -26.40 54.26 6.47
N VAL B 20 -27.33 54.53 5.57
CA VAL B 20 -28.73 54.56 6.00
C VAL B 20 -29.13 53.21 6.59
N HIS B 21 -28.75 52.13 5.91
CA HIS B 21 -29.06 50.79 6.39
C HIS B 21 -28.40 50.53 7.74
N ALA B 22 -27.13 50.90 7.89
CA ALA B 22 -26.43 50.65 9.14
C ALA B 22 -27.09 51.42 10.29
N GLU B 23 -27.40 52.70 10.07
CA GLU B 23 -28.03 53.49 11.11
C GLU B 23 -29.39 52.92 11.49
N SER B 24 -30.17 52.49 10.49
CA SER B 24 -31.46 51.87 10.79
C SER B 24 -31.31 50.61 11.64
N LEU B 25 -30.12 50.00 11.64
CA LEU B 25 -29.88 48.76 12.37
C LEU B 25 -29.13 48.98 13.68
N GLY B 26 -28.95 50.23 14.10
CA GLY B 26 -28.30 50.53 15.35
C GLY B 26 -26.81 50.73 15.29
N TRP B 27 -26.19 50.60 14.11
CA TRP B 27 -24.77 50.87 13.99
C TRP B 27 -24.47 52.29 14.42
N VAL B 28 -23.37 52.46 15.16
CA VAL B 28 -22.98 53.75 15.72
C VAL B 28 -21.95 54.39 14.80
N THR B 29 -22.29 55.56 14.26
CA THR B 29 -21.39 56.32 13.40
C THR B 29 -20.83 57.49 14.20
N ASP B 30 -19.55 57.43 14.55
CA ASP B 30 -18.94 58.50 15.31
C ASP B 30 -18.94 59.80 14.53
N ARG B 31 -18.64 59.75 13.24
CA ARG B 31 -18.66 60.93 12.39
C ARG B 31 -19.06 60.53 10.98
N ALA B 32 -19.93 61.33 10.37
CA ALA B 32 -20.48 61.04 9.06
C ALA B 32 -20.36 62.27 8.18
N SER B 33 -20.21 62.03 6.88
CA SER B 33 -20.21 63.09 5.88
C SER B 33 -20.76 62.50 4.58
N ALA B 34 -20.77 63.31 3.53
CA ALA B 34 -21.25 62.81 2.24
C ALA B 34 -20.25 61.85 1.61
N SER B 35 -19.00 61.85 2.07
CA SER B 35 -17.95 61.05 1.46
C SER B 35 -17.04 60.35 2.45
N GLU B 36 -17.05 60.72 3.73
CA GLU B 36 -16.12 60.17 4.71
C GLU B 36 -16.88 59.68 5.94
N TRP B 37 -16.48 58.51 6.44
CA TRP B 37 -17.13 57.87 7.58
C TRP B 37 -16.08 57.46 8.59
N LEU B 38 -16.36 57.72 9.86
CA LEU B 38 -15.67 57.10 10.98
C LEU B 38 -16.73 56.47 11.88
N CYS B 39 -16.79 55.13 11.88
CA CYS B 39 -17.86 54.43 12.59
C CYS B 39 -17.24 53.34 13.45
N HIS B 40 -18.08 52.76 14.32
CA HIS B 40 -17.61 51.73 15.23
C HIS B 40 -18.80 50.91 15.75
N ASN B 41 -18.47 49.75 16.31
CA ASN B 41 -19.45 48.93 17.01
C ASN B 41 -18.81 48.38 18.27
N ALA B 42 -19.47 47.42 18.92
CA ALA B 42 -18.91 46.82 20.13
C ALA B 42 -17.62 46.07 19.85
N ASP B 43 -17.33 45.76 18.57
CA ASP B 43 -16.17 44.97 18.21
C ASP B 43 -14.97 45.79 17.78
N GLY B 44 -15.16 46.81 16.95
CA GLY B 44 -14.03 47.57 16.44
C GLY B 44 -14.45 48.88 15.81
N TYR B 45 -13.45 49.59 15.29
CA TYR B 45 -13.62 50.89 14.68
C TYR B 45 -13.12 50.86 13.25
N TRP B 46 -13.88 51.45 12.33
CA TRP B 46 -13.52 51.46 10.92
C TRP B 46 -13.69 52.86 10.36
N SER B 47 -12.93 53.15 9.30
CA SER B 47 -12.97 54.42 8.61
C SER B 47 -13.00 54.18 7.11
N PHE B 48 -13.90 54.87 6.42
CA PHE B 48 -14.06 54.73 4.98
C PHE B 48 -14.08 56.09 4.31
N ASN B 49 -13.59 56.14 3.07
CA ASN B 49 -13.61 57.34 2.25
C ASN B 49 -13.92 56.94 0.82
N ALA B 50 -14.78 57.72 0.16
CA ALA B 50 -15.20 57.41 -1.21
C ALA B 50 -14.45 58.33 -2.17
N GLY B 51 -13.61 57.73 -3.03
CA GLY B 51 -12.95 58.46 -4.08
C GLY B 51 -13.82 58.57 -5.32
N ALA B 52 -13.21 59.09 -6.38
CA ALA B 52 -13.93 59.22 -7.64
C ALA B 52 -14.35 57.86 -8.19
N ASN B 53 -13.47 56.86 -8.10
CA ASN B 53 -13.75 55.55 -8.66
C ASN B 53 -13.28 54.41 -7.76
N GLN B 54 -13.14 54.64 -6.46
CA GLN B 54 -12.63 53.61 -5.58
C GLN B 54 -12.93 53.98 -4.13
N PHE B 55 -12.81 52.99 -3.24
CA PHE B 55 -13.03 53.17 -1.82
C PHE B 55 -11.74 52.95 -1.06
N GLN B 56 -11.48 53.81 -0.06
CA GLN B 56 -10.33 53.67 0.81
C GLN B 56 -10.83 53.31 2.21
N MET B 57 -10.32 52.21 2.76
CA MET B 57 -10.77 51.71 4.05
C MET B 57 -9.57 51.56 4.98
N ALA B 58 -9.82 51.74 6.27
CA ALA B 58 -8.79 51.55 7.29
C ALA B 58 -9.45 51.13 8.59
N GLY B 59 -8.70 50.37 9.40
CA GLY B 59 -9.14 50.06 10.73
C GLY B 59 -8.70 51.12 11.73
N ASN B 60 -9.25 51.05 12.94
CA ASN B 60 -8.98 52.06 13.94
C ASN B 60 -9.10 51.45 15.33
N THR B 61 -8.44 52.11 16.29
CA THR B 61 -8.47 51.70 17.70
C THR B 61 -8.98 52.81 18.61
N GLY B 62 -9.10 54.03 18.11
CA GLY B 62 -9.58 55.13 18.90
C GLY B 62 -10.03 56.24 17.97
N PHE B 63 -10.64 57.27 18.55
CA PHE B 63 -11.25 58.33 17.76
C PHE B 63 -10.66 59.69 18.09
N ASP B 64 -10.50 60.51 17.05
CA ASP B 64 -10.11 61.90 17.19
C ASP B 64 -10.69 62.66 16.00
N ASN B 65 -11.62 63.59 16.29
CA ASN B 65 -12.29 64.32 15.23
C ASN B 65 -11.36 65.28 14.51
N SER B 66 -10.24 65.67 15.13
CA SER B 66 -9.32 66.62 14.51
C SER B 66 -8.32 65.96 13.57
N LEU B 67 -8.33 64.63 13.47
CA LEU B 67 -7.38 63.91 12.64
C LEU B 67 -8.05 63.50 11.33
N ALA B 68 -7.23 63.41 10.28
CA ALA B 68 -7.74 63.06 8.96
C ALA B 68 -8.29 61.63 8.95
N TRP B 69 -8.87 61.24 7.82
CA TRP B 69 -9.49 59.93 7.72
C TRP B 69 -8.46 58.82 7.91
N ASN B 70 -7.21 59.07 7.53
CA ASN B 70 -6.15 58.08 7.62
C ASN B 70 -5.16 58.38 8.74
N ALA B 71 -5.56 59.14 9.75
CA ALA B 71 -4.66 59.51 10.84
C ALA B 71 -5.25 59.22 12.21
N GLN B 72 -6.22 58.31 12.32
CA GLN B 72 -6.82 58.02 13.61
C GLN B 72 -5.84 57.27 14.50
N PRO B 73 -6.06 57.28 15.81
CA PRO B 73 -5.18 56.52 16.72
C PRO B 73 -5.12 55.05 16.34
N GLY B 74 -3.93 54.48 16.37
CA GLY B 74 -3.74 53.08 16.03
C GLY B 74 -4.18 52.72 14.64
N ASN B 75 -4.08 53.66 13.68
CA ASN B 75 -4.48 53.37 12.32
C ASN B 75 -3.51 52.37 11.68
N SER B 76 -4.04 51.60 10.72
CA SER B 76 -3.24 50.56 10.09
C SER B 76 -2.16 51.11 9.19
N VAL B 77 -2.24 52.39 8.80
CA VAL B 77 -1.29 52.94 7.84
C VAL B 77 0.12 52.92 8.43
N GLN B 78 0.26 53.34 9.69
CA GLN B 78 1.59 53.45 10.30
C GLN B 78 1.96 52.23 11.13
N ASN B 79 1.00 51.42 11.53
CA ASN B 79 1.22 50.28 12.42
C ASN B 79 1.25 48.95 11.66
N ASN B 80 1.79 48.93 10.44
CA ASN B 80 1.86 47.72 9.65
C ASN B 80 3.29 47.43 9.21
N PRO B 81 3.65 46.18 8.96
CA PRO B 81 5.03 45.84 8.61
C PRO B 81 5.52 46.41 7.28
N TYR B 82 4.62 46.80 6.37
CA TYR B 82 5.08 47.35 5.10
C TYR B 82 5.89 48.62 5.31
N SER B 83 6.87 48.83 4.43
CA SER B 83 7.57 50.10 4.38
C SER B 83 6.72 51.17 3.70
N SER B 84 5.85 50.76 2.77
CA SER B 84 5.04 51.73 2.02
C SER B 84 4.04 52.42 2.93
N LYS B 85 3.47 51.70 3.89
CA LYS B 85 2.48 52.28 4.81
C LYS B 85 1.26 52.79 4.06
N GLY B 86 0.54 51.89 3.38
CA GLY B 86 -0.67 52.25 2.69
C GLY B 86 -1.90 51.61 3.32
N PRO B 87 -3.06 52.26 3.19
CA PRO B 87 -4.30 51.70 3.72
C PRO B 87 -4.99 50.79 2.71
N THR B 88 -6.10 50.21 3.15
CA THR B 88 -6.84 49.25 2.32
C THR B 88 -7.54 49.97 1.17
N VAL B 89 -7.52 49.36 0.00
CA VAL B 89 -8.08 49.95 -1.21
C VAL B 89 -9.02 48.95 -1.88
N ALA B 90 -10.15 49.44 -2.37
CA ALA B 90 -11.07 48.67 -3.20
C ALA B 90 -11.28 49.47 -4.49
N GLN B 91 -10.75 48.97 -5.59
CA GLN B 91 -10.77 49.71 -6.85
C GLN B 91 -12.04 49.40 -7.62
N LEU B 92 -12.93 50.38 -7.71
CA LEU B 92 -14.22 50.28 -8.38
C LEU B 92 -14.13 50.99 -9.74
N SER B 93 -15.27 51.13 -10.41
CA SER B 93 -15.37 51.85 -11.68
C SER B 93 -16.21 53.10 -11.49
N GLY B 94 -16.32 53.89 -12.57
CA GLY B 94 -17.05 55.14 -12.52
C GLY B 94 -18.55 55.00 -12.58
N GLY B 95 -19.07 53.79 -12.84
CA GLY B 95 -20.48 53.56 -12.92
C GLY B 95 -21.04 53.85 -14.30
N PRO B 96 -22.36 53.72 -14.47
CA PRO B 96 -23.31 53.34 -13.41
C PRO B 96 -23.18 51.88 -13.00
N PHE B 97 -23.48 51.60 -11.72
CA PHE B 97 -23.40 50.24 -11.22
C PHE B 97 -24.70 49.50 -11.51
N THR B 98 -24.57 48.27 -12.01
CA THR B 98 -25.76 47.49 -12.37
C THR B 98 -26.63 47.24 -11.15
N ARG B 99 -26.02 46.85 -10.03
CA ARG B 99 -26.78 46.54 -8.83
C ARG B 99 -25.82 46.35 -7.67
N TYR B 100 -26.37 46.30 -6.46
CA TYR B 100 -25.60 46.01 -5.27
C TYR B 100 -26.44 45.17 -4.32
N HIS B 101 -25.77 44.19 -3.68
CA HIS B 101 -26.40 43.25 -2.76
C HIS B 101 -25.66 43.38 -1.43
N LEU B 102 -26.41 43.66 -0.36
CA LEU B 102 -25.83 44.03 0.93
C LEU B 102 -26.36 43.09 2.00
N PHE B 103 -25.45 42.53 2.80
CA PHE B 103 -25.78 41.72 3.97
C PHE B 103 -25.35 42.51 5.19
N ALA B 104 -26.32 42.81 6.07
CA ALA B 104 -26.06 43.65 7.22
C ALA B 104 -26.39 42.91 8.51
N THR B 105 -25.49 43.02 9.49
CA THR B 105 -25.68 42.44 10.80
C THR B 105 -25.06 43.37 11.84
N ALA B 106 -25.25 43.04 13.11
CA ALA B 106 -24.70 43.86 14.18
C ALA B 106 -23.19 43.72 14.30
N ALA B 107 -22.61 42.66 13.73
CA ALA B 107 -21.19 42.37 13.91
C ALA B 107 -20.38 42.49 12.62
N TYR B 108 -21.02 42.52 11.46
CA TYR B 108 -20.30 42.54 10.20
C TYR B 108 -21.19 43.10 9.10
N LEU B 109 -20.54 43.56 8.03
CA LEU B 109 -21.21 44.14 6.87
C LEU B 109 -20.54 43.61 5.60
N HIS B 110 -21.33 42.99 4.72
CA HIS B 110 -20.82 42.38 3.50
C HIS B 110 -21.51 43.07 2.33
N LEU B 111 -20.76 43.36 1.26
CA LEU B 111 -21.32 44.00 0.08
C LEU B 111 -20.77 43.33 -1.17
N HIS B 112 -21.63 43.15 -2.17
CA HIS B 112 -21.25 42.61 -3.47
C HIS B 112 -21.93 43.47 -4.53
N VAL B 113 -21.14 44.23 -5.28
CA VAL B 113 -21.66 45.22 -6.22
C VAL B 113 -21.37 44.75 -7.63
N GLU B 114 -22.43 44.51 -8.41
CA GLU B 114 -22.29 44.28 -9.85
C GLU B 114 -22.20 45.65 -10.51
N ILE B 115 -20.97 46.06 -10.80
CA ILE B 115 -20.73 47.36 -11.43
C ILE B 115 -21.14 47.37 -12.88
N ALA B 116 -21.00 46.23 -13.57
CA ALA B 116 -21.39 46.12 -14.97
C ALA B 116 -21.71 44.66 -15.24
N ALA B 117 -22.28 44.40 -16.41
CA ALA B 117 -22.67 43.04 -16.76
C ALA B 117 -21.48 42.11 -16.61
N GLY B 118 -21.57 41.20 -15.65
CA GLY B 118 -20.51 40.24 -15.39
C GLY B 118 -19.36 40.76 -14.56
N GLN B 119 -19.37 42.02 -14.14
CA GLN B 119 -18.30 42.60 -13.35
C GLN B 119 -18.78 42.83 -11.93
N PHE B 120 -18.13 42.17 -10.97
CA PHE B 120 -18.54 42.21 -9.57
C PHE B 120 -17.36 42.57 -8.69
N ARG B 121 -17.66 43.32 -7.62
CA ARG B 121 -16.66 43.74 -6.64
C ARG B 121 -17.17 43.43 -5.24
N PRO B 122 -16.42 42.69 -4.42
CA PRO B 122 -16.79 42.52 -3.02
C PRO B 122 -16.14 43.55 -2.12
N VAL B 123 -16.82 43.82 -1.00
CA VAL B 123 -16.29 44.70 0.05
C VAL B 123 -16.75 44.11 1.38
N MET B 124 -15.79 43.73 2.23
CA MET B 124 -16.13 42.93 3.41
C MET B 124 -15.60 43.63 4.64
N ILE B 125 -16.40 43.68 5.70
CA ILE B 125 -15.94 44.20 6.99
C ILE B 125 -16.57 43.35 8.08
N GLY B 126 -15.82 43.11 9.14
CA GLY B 126 -16.41 42.43 10.29
C GLY B 126 -15.34 41.97 11.27
N SER B 127 -15.71 40.98 12.06
CA SER B 127 -14.82 40.37 13.04
C SER B 127 -14.95 38.86 12.95
N LEU B 128 -13.83 38.16 12.97
CA LEU B 128 -13.83 36.71 12.87
C LEU B 128 -14.52 36.09 14.09
N ASN B 129 -15.25 35.01 13.86
CA ASN B 129 -15.85 34.26 14.95
C ASN B 129 -14.76 33.65 15.82
N LYS B 130 -14.66 34.12 17.06
CA LYS B 130 -13.61 33.66 17.95
C LYS B 130 -13.66 32.16 18.21
N ARG B 131 -14.85 31.57 18.22
CA ARG B 131 -15.02 30.13 18.45
C ARG B 131 -14.39 29.72 19.77
N GLY B 132 -14.47 30.59 20.77
CA GLY B 132 -13.92 30.33 22.08
C GLY B 132 -12.44 30.60 22.22
N VAL B 133 -11.76 31.00 21.15
CA VAL B 133 -10.33 31.26 21.23
C VAL B 133 -10.10 32.64 21.84
N GLY B 134 -9.24 32.70 22.84
CA GLY B 134 -8.99 33.95 23.54
C GLY B 134 -7.91 34.79 22.90
N TYR B 135 -8.32 35.79 22.12
CA TYR B 135 -7.39 36.70 21.49
C TYR B 135 -8.08 38.04 21.29
N THR B 136 -7.28 39.11 21.35
CA THR B 136 -7.80 40.46 21.19
C THR B 136 -7.64 40.90 19.75
N GLY B 137 -8.69 41.55 19.23
CA GLY B 137 -8.71 41.97 17.84
C GLY B 137 -9.68 41.17 17.02
N GLY B 138 -9.22 40.61 15.90
CA GLY B 138 -10.05 39.80 15.04
C GLY B 138 -10.81 40.58 13.99
N GLN B 139 -10.72 41.90 14.00
CA GLN B 139 -11.43 42.71 13.02
C GLN B 139 -10.72 42.64 11.67
N TYR B 140 -11.49 42.32 10.63
CA TYR B 140 -10.99 42.16 9.28
C TYR B 140 -11.70 43.12 8.34
N VAL B 141 -10.91 43.72 7.44
CA VAL B 141 -11.43 44.63 6.43
C VAL B 141 -10.81 44.23 5.09
N CYS B 142 -11.65 43.95 4.09
CA CYS B 142 -11.21 43.46 2.79
C CYS B 142 -11.82 44.30 1.69
N GLY B 143 -11.00 44.60 0.68
CA GLY B 143 -11.45 45.25 -0.54
C GLY B 143 -11.01 44.47 -1.76
N SER B 144 -11.28 45.00 -2.95
CA SER B 144 -10.97 44.32 -4.20
C SER B 144 -10.08 45.20 -5.06
N PHE B 145 -9.03 44.62 -5.63
CA PHE B 145 -8.08 45.34 -6.47
C PHE B 145 -7.97 44.65 -7.82
N ILE B 146 -7.91 45.45 -8.89
CA ILE B 146 -7.75 44.96 -10.24
C ILE B 146 -6.41 45.48 -10.77
N TYR B 147 -5.62 44.59 -11.39
CA TYR B 147 -4.28 44.97 -11.81
C TYR B 147 -4.33 45.94 -12.99
N THR B 148 -4.84 45.50 -14.14
CA THR B 148 -4.95 46.35 -15.32
C THR B 148 -6.08 45.85 -16.20
N PRO B 149 -6.99 46.70 -16.63
CA PRO B 149 -8.03 46.26 -17.57
C PRO B 149 -7.43 45.88 -18.92
N GLY B 150 -8.11 44.95 -19.61
CA GLY B 150 -7.68 44.50 -20.91
C GLY B 150 -6.65 43.38 -20.91
N GLN B 151 -5.75 43.37 -19.94
CA GLN B 151 -4.78 42.30 -19.81
C GLN B 151 -5.26 41.30 -18.77
N ALA B 152 -4.39 40.35 -18.43
CA ALA B 152 -4.73 39.35 -17.42
C ALA B 152 -5.22 40.04 -16.16
N LEU B 153 -6.51 39.90 -15.88
CA LEU B 153 -7.12 40.66 -14.79
C LEU B 153 -6.76 40.08 -13.43
N THR B 154 -6.62 38.77 -13.33
CA THR B 154 -6.22 38.10 -12.10
C THR B 154 -4.72 37.78 -12.11
N ASN B 155 -3.92 38.67 -12.69
CA ASN B 155 -2.48 38.44 -12.80
C ASN B 155 -1.86 38.24 -11.43
N ASN B 156 -0.61 37.77 -11.44
CA ASN B 156 0.07 37.45 -10.18
C ASN B 156 0.16 38.65 -9.25
N TRP B 157 0.34 39.85 -9.79
CA TRP B 157 0.49 41.06 -8.98
C TRP B 157 -0.82 41.50 -8.34
N SER B 158 -1.95 40.97 -8.77
CA SER B 158 -3.25 41.34 -8.21
C SER B 158 -3.37 40.84 -6.77
N SER B 159 -4.24 41.51 -6.02
CA SER B 159 -4.54 41.12 -4.65
C SER B 159 -6.05 41.10 -4.47
N HIS B 160 -6.53 40.16 -3.67
CA HIS B 160 -7.94 39.90 -3.48
C HIS B 160 -8.24 39.72 -2.01
N PRO B 161 -9.51 39.80 -1.61
CA PRO B 161 -9.85 39.58 -0.20
C PRO B 161 -9.33 38.25 0.29
N PHE B 162 -8.72 38.25 1.49
CA PHE B 162 -8.25 37.03 2.13
C PHE B 162 -7.18 36.33 1.29
N ASP B 163 -6.55 37.07 0.38
CA ASP B 163 -5.64 36.44 -0.58
C ASP B 163 -4.44 35.84 0.13
N GLY B 164 -3.90 34.77 -0.48
CA GLY B 164 -2.75 34.08 0.06
C GLY B 164 -1.51 34.23 -0.80
N TYR B 165 -1.62 34.97 -1.90
CA TYR B 165 -0.51 35.12 -2.82
C TYR B 165 -0.68 36.36 -3.70
N HIS B 166 0.23 37.32 -3.57
CA HIS B 166 0.19 38.53 -4.38
C HIS B 166 1.57 39.16 -4.40
N ILE B 167 1.81 39.96 -5.44
CA ILE B 167 3.06 40.70 -5.58
C ILE B 167 2.73 42.19 -5.68
N GLN B 168 3.03 42.94 -4.63
CA GLN B 168 2.76 44.38 -4.61
C GLN B 168 3.46 44.99 -3.41
N TYR B 169 4.03 46.18 -3.60
CA TYR B 169 4.81 46.85 -2.58
C TYR B 169 4.11 48.08 -2.00
N SER B 170 2.95 48.47 -2.54
CA SER B 170 2.30 49.72 -2.18
C SER B 170 1.02 49.50 -1.38
N ASN B 171 0.08 48.71 -1.91
CA ASN B 171 -1.25 48.59 -1.33
C ASN B 171 -1.59 47.13 -1.06
N SER B 172 -2.52 46.93 -0.13
CA SER B 172 -3.03 45.62 0.23
C SER B 172 -4.53 45.58 -0.01
N SER B 173 -5.05 44.38 -0.28
CA SER B 173 -6.46 44.19 -0.57
C SER B 173 -7.28 43.82 0.66
N CYS B 174 -6.65 43.35 1.73
CA CYS B 174 -7.38 43.06 2.96
C CYS B 174 -6.40 42.97 4.12
N MET B 175 -6.91 43.08 5.33
CA MET B 175 -6.09 43.18 6.53
C MET B 175 -6.86 42.74 7.75
N LEU B 176 -6.13 42.20 8.74
CA LEU B 176 -6.72 41.54 9.91
C LEU B 176 -6.00 42.00 11.16
N ARG B 177 -6.77 42.29 12.22
CA ARG B 177 -6.17 42.73 13.48
C ARG B 177 -5.82 41.53 14.35
N LEU B 178 -4.61 41.56 14.92
CA LEU B 178 -4.19 40.54 15.87
C LEU B 178 -3.28 41.23 16.88
N ASP B 179 -3.77 41.35 18.11
CA ASP B 179 -3.13 42.23 19.09
C ASP B 179 -2.09 41.48 19.91
N GLY B 180 -0.99 42.16 20.21
CA GLY B 180 0.02 41.62 21.10
C GLY B 180 0.77 40.42 20.57
N LEU B 181 0.84 40.25 19.25
CA LEU B 181 1.53 39.09 18.68
C LEU B 181 3.02 39.18 18.98
N ASP B 182 3.58 38.12 19.55
CA ASP B 182 5.02 38.03 19.81
C ASP B 182 5.51 39.21 20.65
N GLY B 183 4.71 39.60 21.63
CA GLY B 183 5.15 40.59 22.60
C GLY B 183 5.21 42.01 22.11
N GLY B 184 4.67 42.30 20.92
CA GLY B 184 4.69 43.64 20.39
C GLY B 184 3.61 44.51 20.99
N PRO B 185 3.62 45.80 20.68
CA PRO B 185 2.54 46.68 21.15
C PRO B 185 1.19 46.20 20.67
N SER B 186 0.14 46.42 21.46
CA SER B 186 -1.16 45.86 21.14
C SER B 186 -1.59 46.23 19.72
N PRO B 187 -1.45 47.51 19.31
CA PRO B 187 -1.94 47.86 17.96
C PRO B 187 -1.12 47.19 16.88
N GLU B 188 -1.69 46.18 16.23
CA GLU B 188 -1.02 45.46 15.15
C GLU B 188 -2.03 45.07 14.10
N TRP B 189 -1.83 45.57 12.89
CA TRP B 189 -2.75 45.39 11.76
C TRP B 189 -2.03 44.55 10.71
N LEU B 190 -2.15 43.22 10.82
CA LEU B 190 -1.38 42.30 9.98
C LEU B 190 -2.02 42.21 8.59
N PRO B 191 -1.25 42.39 7.52
CA PRO B 191 -1.80 42.23 6.18
C PRO B 191 -1.68 40.80 5.68
N PHE B 192 -2.45 40.50 4.63
CA PHE B 192 -2.38 39.20 3.96
C PHE B 192 -1.28 39.26 2.91
N ASP B 193 -0.07 38.86 3.31
CA ASP B 193 1.07 38.82 2.42
C ASP B 193 1.86 37.55 2.70
N TYR B 194 2.58 37.07 1.69
CA TYR B 194 3.32 35.82 1.80
C TYR B 194 4.77 35.90 1.32
N THR B 195 5.12 36.87 0.48
CA THR B 195 6.45 36.92 -0.11
C THR B 195 7.39 37.92 0.54
N THR B 196 6.88 38.79 1.42
CA THR B 196 7.70 39.79 2.09
C THR B 196 8.62 39.19 3.16
N ASN B 197 8.39 37.94 3.56
CA ASN B 197 9.22 37.28 4.56
C ASN B 197 9.26 38.05 5.87
N VAL B 198 8.24 38.87 6.12
CA VAL B 198 8.18 39.61 7.38
C VAL B 198 7.96 38.63 8.52
N PRO B 199 8.49 38.90 9.72
CA PRO B 199 8.35 37.91 10.81
C PRO B 199 6.90 37.59 11.15
N ARG B 200 6.01 38.58 11.11
CA ARG B 200 4.61 38.38 11.47
C ARG B 200 3.72 38.72 10.28
N ARG B 201 2.78 37.82 9.96
CA ARG B 201 1.89 38.03 8.84
C ARG B 201 0.71 37.07 8.95
N VAL B 202 -0.21 37.17 7.99
CA VAL B 202 -1.40 36.33 7.95
C VAL B 202 -1.66 35.89 6.52
N VAL B 203 -2.47 34.83 6.40
CA VAL B 203 -2.74 34.19 5.11
C VAL B 203 -4.15 33.61 5.13
N GLY B 204 -4.79 33.60 3.95
CA GLY B 204 -6.14 33.11 3.82
C GLY B 204 -6.42 32.46 2.47
N PRO B 205 -7.61 31.84 2.33
CA PRO B 205 -7.96 31.16 1.08
C PRO B 205 -8.46 32.10 -0.02
N GLY B 206 -8.16 33.39 0.08
CA GLY B 206 -8.86 34.39 -0.71
C GLY B 206 -8.93 34.10 -2.20
N ARG B 207 -7.82 33.74 -2.83
CA ARG B 207 -7.81 33.58 -4.27
C ARG B 207 -8.56 32.33 -4.74
N GLY B 208 -8.96 31.45 -3.82
CA GLY B 208 -9.73 30.28 -4.18
C GLY B 208 -8.87 29.08 -4.50
N ASN B 209 -8.73 28.76 -5.78
CA ASN B 209 -7.98 27.57 -6.20
C ASN B 209 -6.96 27.96 -7.27
N TYR B 210 -6.22 29.04 -7.00
CA TYR B 210 -5.15 29.45 -7.91
C TYR B 210 -4.00 28.45 -7.84
N SER B 211 -3.19 28.44 -8.89
CA SER B 211 -2.09 27.49 -8.97
C SER B 211 -1.13 27.65 -7.79
N SER B 212 -0.89 28.87 -7.36
CA SER B 212 0.07 29.15 -6.28
C SER B 212 -0.60 29.68 -5.02
N GLN B 213 -1.84 29.29 -4.75
CA GLN B 213 -2.52 29.70 -3.53
C GLN B 213 -2.02 28.85 -2.37
N TYR B 214 -1.69 29.50 -1.26
CA TYR B 214 -1.13 28.83 -0.09
C TYR B 214 -2.22 28.68 0.97
N HIS B 215 -2.88 27.52 0.99
CA HIS B 215 -3.83 27.18 2.02
C HIS B 215 -4.13 25.70 1.88
N PRO B 216 -4.25 24.95 2.98
CA PRO B 216 -4.44 23.50 2.85
C PRO B 216 -5.87 23.10 2.53
N ASP B 217 -6.83 24.01 2.66
CA ASP B 217 -8.22 23.72 2.33
C ASP B 217 -8.54 24.00 0.87
N VAL B 218 -7.55 24.40 0.08
CA VAL B 218 -7.81 24.76 -1.31
C VAL B 218 -8.50 23.61 -2.03
N GLY B 219 -8.02 22.39 -1.83
CA GLY B 219 -8.61 21.25 -2.51
C GLY B 219 -10.09 21.09 -2.21
N LEU B 220 -10.53 21.50 -1.03
CA LEU B 220 -11.96 21.44 -0.73
C LEU B 220 -12.76 22.31 -1.69
N ILE B 221 -12.29 23.54 -1.95
CA ILE B 221 -12.99 24.39 -2.89
C ILE B 221 -13.07 23.71 -4.25
N ASP B 222 -11.95 23.20 -4.75
CA ASP B 222 -11.98 22.44 -5.99
C ASP B 222 -12.97 21.30 -5.90
N ALA B 223 -13.02 20.63 -4.76
CA ALA B 223 -13.91 19.49 -4.56
C ALA B 223 -15.25 19.90 -3.97
N SER B 224 -15.54 21.20 -3.88
CA SER B 224 -16.80 21.64 -3.28
C SER B 224 -18.01 21.13 -4.03
N ALA B 225 -17.84 20.70 -5.28
CA ALA B 225 -18.94 20.19 -6.10
C ALA B 225 -18.84 18.67 -6.17
N ASN B 226 -19.97 17.98 -6.10
CA ASN B 226 -20.05 16.53 -6.20
C ASN B 226 -20.72 16.17 -7.52
N GLU B 227 -20.03 15.37 -8.33
CA GLU B 227 -20.57 15.02 -9.64
C GLU B 227 -21.66 13.97 -9.54
N LEU B 228 -21.53 13.03 -8.58
CA LEU B 228 -22.49 11.94 -8.51
C LEU B 228 -23.90 12.43 -8.22
N ASN B 229 -24.06 13.38 -7.31
CA ASN B 229 -25.38 13.87 -6.93
C ASN B 229 -25.54 15.38 -7.15
N SER B 230 -24.55 16.04 -7.74
CA SER B 230 -24.63 17.47 -8.02
C SER B 230 -24.83 18.29 -6.75
N SER B 231 -24.30 17.79 -5.64
CA SER B 231 -24.43 18.45 -4.36
C SER B 231 -23.21 19.34 -4.09
N THR B 232 -23.46 20.46 -3.41
CA THR B 232 -22.42 21.42 -3.07
C THR B 232 -22.45 21.68 -1.56
N THR B 233 -21.27 21.84 -0.98
CA THR B 233 -21.12 22.03 0.45
C THR B 233 -20.38 23.33 0.75
N THR B 234 -20.46 23.76 2.00
CA THR B 234 -19.81 24.97 2.47
C THR B 234 -18.49 24.61 3.15
N VAL B 235 -17.43 25.31 2.77
CA VAL B 235 -16.10 25.09 3.32
C VAL B 235 -15.76 26.28 4.21
N PRO B 236 -15.51 26.08 5.50
CA PRO B 236 -15.12 27.21 6.35
C PRO B 236 -13.85 27.88 5.83
N CYS B 237 -13.82 29.21 5.92
CA CYS B 237 -12.69 29.99 5.42
C CYS B 237 -11.73 30.25 6.58
N ALA B 238 -10.91 29.24 6.87
CA ALA B 238 -9.94 29.35 7.95
C ALA B 238 -8.82 30.30 7.59
N ILE B 239 -8.38 31.09 8.56
CA ILE B 239 -7.29 32.03 8.39
C ILE B 239 -6.11 31.54 9.22
N TYR B 240 -4.89 31.80 8.75
CA TYR B 240 -3.67 31.34 9.40
C TYR B 240 -2.79 32.54 9.69
N ALA B 241 -2.01 32.45 10.76
CA ALA B 241 -1.08 33.50 11.16
C ALA B 241 0.32 32.93 11.35
N PHE B 242 1.32 33.66 10.86
CA PHE B 242 2.72 33.28 10.97
C PHE B 242 3.42 34.27 11.89
N GLY B 243 4.13 33.73 12.89
CA GLY B 243 4.80 34.54 13.88
C GLY B 243 6.31 34.59 13.69
N ALA B 244 6.98 35.09 14.74
CA ALA B 244 8.42 35.34 14.63
C ALA B 244 9.20 34.06 14.39
N GLN B 245 8.89 32.98 15.11
CA GLN B 245 9.61 31.72 14.96
C GLN B 245 9.08 30.89 13.79
N GLN B 246 8.35 31.49 12.85
CA GLN B 246 7.78 30.77 11.72
C GLN B 246 6.85 29.66 12.16
N ARG B 247 6.29 29.77 13.36
CA ARG B 247 5.37 28.78 13.89
C ARG B 247 3.95 29.30 13.76
N SER B 248 3.14 28.60 12.97
CA SER B 248 1.82 29.11 12.62
C SER B 248 0.82 28.87 13.75
N ARG B 249 -0.28 29.62 13.70
CA ARG B 249 -1.38 29.48 14.66
C ARG B 249 -2.69 29.71 13.95
N TYR B 250 -3.56 28.70 13.95
CA TYR B 250 -4.91 28.87 13.44
C TYR B 250 -5.65 29.91 14.27
N VAL B 251 -6.31 30.86 13.60
CA VAL B 251 -6.89 32.00 14.28
C VAL B 251 -8.42 32.01 14.24
N GLY B 252 -9.05 31.46 13.21
CA GLY B 252 -10.49 31.39 13.16
C GLY B 252 -10.99 31.24 11.74
N GLU B 253 -12.30 31.44 11.59
CA GLU B 253 -12.99 31.28 10.33
C GLU B 253 -13.86 32.51 10.07
N VAL B 254 -14.21 32.71 8.79
CA VAL B 254 -14.98 33.89 8.40
C VAL B 254 -16.46 33.64 8.72
N PRO B 255 -17.12 34.51 9.49
CA PRO B 255 -18.52 34.25 9.83
C PRO B 255 -19.41 34.21 8.60
N ASP B 256 -20.39 33.31 8.63
CA ASP B 256 -21.46 33.22 7.62
C ASP B 256 -20.93 33.35 6.20
N PHE B 257 -19.74 32.82 5.92
CA PHE B 257 -19.12 32.96 4.61
C PHE B 257 -18.51 31.61 4.20
N GLY B 258 -18.58 31.33 2.90
CA GLY B 258 -17.95 30.13 2.37
C GLY B 258 -17.50 30.36 0.94
N ILE B 259 -16.69 29.44 0.44
CA ILE B 259 -16.22 29.45 -0.93
C ILE B 259 -16.54 28.11 -1.56
N CYS B 260 -16.86 28.13 -2.86
CA CYS B 260 -17.25 26.92 -3.56
C CYS B 260 -16.91 27.03 -5.04
N ASN B 261 -17.10 25.94 -5.75
CA ASN B 261 -16.89 25.90 -7.20
C ASN B 261 -18.24 26.09 -7.89
N MET B 262 -18.26 26.98 -8.88
CA MET B 262 -19.47 27.36 -9.59
C MET B 262 -19.58 26.70 -10.97
N ALA B 263 -18.98 25.52 -11.14
CA ALA B 263 -18.97 24.86 -12.43
C ALA B 263 -20.39 24.55 -12.93
N PHE B 264 -21.23 24.02 -12.04
CA PHE B 264 -22.58 23.58 -12.41
C PHE B 264 -23.67 24.51 -11.90
N LEU B 265 -23.33 25.75 -11.55
CA LEU B 265 -24.29 26.70 -11.04
C LEU B 265 -24.20 28.00 -11.82
N ALA B 266 -25.35 28.64 -12.00
CA ALA B 266 -25.41 29.98 -12.59
C ALA B 266 -25.40 31.03 -11.49
N PRO B 267 -25.01 32.26 -11.80
CA PRO B 267 -24.94 33.29 -10.75
C PRO B 267 -26.27 33.46 -10.05
N GLY B 268 -26.23 33.49 -8.72
CA GLY B 268 -27.41 33.65 -7.92
C GLY B 268 -28.21 32.39 -7.68
N ASP B 269 -27.78 31.26 -8.23
CA ASP B 269 -28.53 30.03 -8.07
C ASP B 269 -28.40 29.52 -6.64
N PRO B 270 -29.51 29.35 -5.92
CA PRO B 270 -29.43 28.90 -4.53
C PRO B 270 -29.50 27.38 -4.41
N LEU B 271 -28.89 26.88 -3.34
CA LEU B 271 -28.95 25.46 -2.96
C LEU B 271 -29.09 25.40 -1.44
N VAL B 272 -30.31 25.11 -0.97
CA VAL B 272 -30.60 25.10 0.45
C VAL B 272 -30.02 23.84 1.08
N VAL B 273 -28.96 24.00 1.87
CA VAL B 273 -28.36 22.89 2.61
C VAL B 273 -28.85 22.96 4.05
N GLY B 274 -29.85 22.16 4.37
CA GLY B 274 -30.42 22.14 5.71
C GLY B 274 -31.46 23.24 5.87
N SER B 275 -31.62 23.72 7.10
CA SER B 275 -32.61 24.76 7.38
C SER B 275 -32.11 26.15 7.00
N ASP B 276 -30.81 26.31 6.79
CA ASP B 276 -30.23 27.60 6.42
C ASP B 276 -30.11 27.67 4.90
N THR B 277 -30.29 28.86 4.35
CA THR B 277 -30.32 29.08 2.91
C THR B 277 -29.06 29.82 2.46
N TRP B 278 -28.57 29.49 1.27
CA TRP B 278 -27.31 29.98 0.77
C TRP B 278 -27.51 30.78 -0.51
N ARG B 279 -26.83 31.92 -0.61
CA ARG B 279 -26.77 32.72 -1.81
C ARG B 279 -25.34 32.69 -2.34
N VAL B 280 -25.18 32.28 -3.59
CA VAL B 280 -23.85 32.13 -4.21
C VAL B 280 -23.73 33.15 -5.34
N TYR B 281 -22.60 33.86 -5.36
CA TYR B 281 -22.31 34.78 -6.45
C TYR B 281 -20.85 34.69 -6.85
N PRO B 282 -20.54 34.91 -8.12
CA PRO B 282 -19.13 34.85 -8.55
C PRO B 282 -18.32 36.01 -8.00
N LEU B 283 -17.01 35.81 -7.90
CA LEU B 283 -16.14 36.84 -7.35
C LEU B 283 -16.05 38.04 -8.28
N LEU B 284 -15.56 37.81 -9.50
CA LEU B 284 -15.32 38.91 -10.43
C LEU B 284 -16.14 38.78 -11.70
N GLN B 285 -16.12 37.61 -12.32
CA GLN B 285 -16.84 37.40 -13.58
C GLN B 285 -16.88 35.91 -13.89
N ARG B 286 -17.86 35.53 -14.71
CA ARG B 286 -17.99 34.14 -15.14
C ARG B 286 -17.06 33.86 -16.31
N GLY B 287 -16.28 32.80 -16.19
CA GLY B 287 -15.39 32.36 -17.25
C GLY B 287 -15.36 30.85 -17.38
N THR B 288 -14.20 30.30 -17.69
CA THR B 288 -14.03 28.85 -17.79
C THR B 288 -13.21 28.34 -16.60
N ALA B 289 -12.97 27.03 -16.61
CA ALA B 289 -12.25 26.41 -15.51
C ALA B 289 -10.82 26.91 -15.39
N THR B 290 -10.13 27.07 -16.51
CA THR B 290 -8.70 27.39 -16.51
C THR B 290 -8.39 28.85 -16.79
N ASP B 291 -9.39 29.73 -16.82
CA ASP B 291 -9.16 31.15 -17.09
C ASP B 291 -8.83 31.86 -15.77
N PHE B 292 -7.60 31.69 -15.34
CA PHE B 292 -7.07 32.40 -14.18
C PHE B 292 -6.39 33.71 -14.56
N ASP B 293 -6.36 34.05 -15.85
CA ASP B 293 -5.71 35.29 -16.30
C ASP B 293 -6.74 36.39 -16.54
N SER B 294 -7.78 36.09 -17.32
CA SER B 294 -8.72 37.12 -17.76
C SER B 294 -9.94 37.23 -16.85
N THR B 295 -10.22 36.23 -16.04
CA THR B 295 -11.38 36.27 -15.15
C THR B 295 -11.03 35.57 -13.84
N SER B 296 -12.04 35.37 -13.00
CA SER B 296 -11.89 34.72 -11.70
C SER B 296 -12.30 33.25 -11.75
N ALA B 297 -12.14 32.61 -12.90
CA ALA B 297 -12.44 31.19 -13.10
C ALA B 297 -13.84 30.91 -12.57
N TRP B 298 -14.05 29.90 -11.73
CA TRP B 298 -15.38 29.52 -11.25
C TRP B 298 -15.51 29.63 -9.74
N VAL B 299 -14.66 30.41 -9.09
CA VAL B 299 -14.75 30.58 -7.65
C VAL B 299 -16.03 31.36 -7.33
N GLY B 300 -16.79 30.85 -6.37
CA GLY B 300 -18.05 31.47 -5.96
C GLY B 300 -18.09 31.69 -4.46
N TYR B 301 -18.54 32.87 -4.07
CA TYR B 301 -18.66 33.26 -2.67
C TYR B 301 -20.09 32.95 -2.23
N CYS B 302 -20.23 32.28 -1.10
CA CYS B 302 -21.53 31.86 -0.58
C CYS B 302 -21.79 32.56 0.75
N PHE B 303 -22.96 33.17 0.88
CA PHE B 303 -23.38 33.88 2.09
C PHE B 303 -24.66 33.23 2.60
N ARG B 304 -24.75 33.10 3.92
CA ARG B 304 -25.95 32.53 4.54
C ARG B 304 -27.01 33.62 4.66
N VAL B 305 -28.11 33.47 3.93
CA VAL B 305 -29.16 34.48 3.88
C VAL B 305 -30.16 34.21 5.00
N VAL B 306 -30.48 35.26 5.75
CA VAL B 306 -31.42 35.15 6.85
C VAL B 306 -32.38 36.35 6.84
N ALA C 2 26.51 5.66 41.77
CA ALA C 2 27.06 5.58 40.43
C ALA C 2 25.93 5.45 39.40
N THR C 3 24.73 5.17 39.87
CA THR C 3 23.56 5.01 39.02
C THR C 3 22.38 5.75 39.63
N GLU C 4 21.61 6.40 38.77
CA GLU C 4 20.38 7.08 39.21
C GLU C 4 19.30 6.95 38.15
N PHE C 5 18.12 6.52 38.57
CA PHE C 5 16.94 6.47 37.73
C PHE C 5 15.91 7.45 38.29
N GLY C 6 15.39 8.33 37.45
CA GLY C 6 14.48 9.34 37.96
C GLY C 6 13.67 9.99 36.86
N THR C 7 13.02 11.09 37.22
CA THR C 7 12.27 11.91 36.28
C THR C 7 12.54 13.38 36.57
N ALA C 8 13.18 14.07 35.64
CA ALA C 8 13.50 15.48 35.80
C ALA C 8 12.37 16.35 35.27
N VAL C 9 12.01 17.38 36.05
CA VAL C 9 10.87 18.22 35.66
C VAL C 9 11.15 18.96 34.35
N ASN C 10 12.42 19.27 34.06
CA ASN C 10 12.77 19.93 32.82
C ASN C 10 14.26 19.77 32.59
N HIS C 11 14.74 20.29 31.46
CA HIS C 11 16.14 20.13 31.09
C HIS C 11 17.08 20.79 32.08
N ALA C 12 16.74 21.99 32.55
CA ALA C 12 17.58 22.65 33.54
C ALA C 12 17.65 21.84 34.83
N ASP C 13 16.50 21.36 35.31
CA ASP C 13 16.50 20.51 36.49
C ASP C 13 17.24 19.21 36.23
N LEU C 14 17.16 18.70 35.00
CA LEU C 14 17.88 17.48 34.66
C LEU C 14 19.38 17.70 34.78
N VAL C 15 19.89 18.82 34.26
CA VAL C 15 21.32 19.11 34.39
C VAL C 15 21.69 19.32 35.84
N GLU C 16 20.83 19.98 36.61
CA GLU C 16 21.09 20.16 38.04
C GLU C 16 21.21 18.80 38.72
N ARG C 17 20.30 17.89 38.42
CA ARG C 17 20.35 16.56 39.01
C ARG C 17 21.61 15.82 38.58
N LEU C 18 22.03 16.00 37.33
CA LEU C 18 23.26 15.38 36.87
C LEU C 18 24.45 15.86 37.70
N VAL C 19 24.56 17.17 37.90
CA VAL C 19 25.72 17.68 38.64
C VAL C 19 25.65 17.28 40.10
N GLN C 20 24.45 17.29 40.69
CA GLN C 20 24.29 16.84 42.07
C GLN C 20 24.67 15.37 42.21
N PHE C 21 24.34 14.56 41.20
CA PHE C 21 24.76 13.16 41.20
C PHE C 21 26.27 13.05 41.11
N LEU C 22 26.89 13.82 40.22
CA LEU C 22 28.33 13.72 40.02
C LEU C 22 29.10 14.16 41.26
N THR C 23 28.54 15.07 42.05
CA THR C 23 29.27 15.59 43.21
C THR C 23 28.84 14.98 44.54
N ALA C 24 27.66 14.37 44.62
CA ALA C 24 27.13 13.94 45.91
C ALA C 24 26.60 12.51 45.91
N SER C 25 26.83 11.73 44.87
CA SER C 25 26.50 10.32 44.95
C SER C 25 27.30 9.68 46.08
N PRO C 26 26.69 8.86 46.93
CA PRO C 26 27.44 8.33 48.09
C PRO C 26 28.67 7.56 47.67
N ASP C 27 28.58 6.79 46.58
CA ASP C 27 29.74 6.05 46.10
C ASP C 27 30.85 7.00 45.68
N LEU C 28 30.51 8.07 44.96
CA LEU C 28 31.52 8.99 44.46
C LEU C 28 32.25 9.69 45.60
N VAL C 29 31.50 10.21 46.57
CA VAL C 29 32.12 10.96 47.67
C VAL C 29 32.89 10.02 48.57
N ALA C 30 32.32 8.86 48.89
CA ALA C 30 32.98 7.93 49.80
C ALA C 30 34.30 7.44 49.23
N ALA C 31 34.35 7.13 47.94
CA ALA C 31 35.58 6.69 47.30
C ALA C 31 36.44 7.85 46.80
N GLY C 32 35.99 9.09 47.00
CA GLY C 32 36.76 10.23 46.55
C GLY C 32 36.95 10.32 45.05
N GLN C 33 35.90 9.99 44.29
CA GLN C 33 35.96 10.01 42.83
C GLN C 33 35.16 11.16 42.23
N ALA C 34 34.74 12.13 43.05
CA ALA C 34 33.88 13.19 42.56
C ALA C 34 34.61 14.08 41.57
N TYR C 35 33.85 14.70 40.67
CA TYR C 35 34.42 15.59 39.67
C TYR C 35 34.48 17.02 40.20
N GLU C 36 35.38 17.82 39.62
CA GLU C 36 35.52 19.22 40.00
C GLU C 36 34.98 20.12 38.91
N LYS C 37 34.05 21.01 39.28
CA LYS C 37 33.60 22.10 38.40
C LYS C 37 34.66 23.20 38.38
N VAL C 38 35.40 23.25 37.28
CA VAL C 38 36.37 24.32 37.07
C VAL C 38 35.73 25.56 36.45
N PHE C 39 34.56 25.44 35.84
CA PHE C 39 33.95 26.61 35.20
C PHE C 39 32.43 26.46 35.17
N ASP C 40 31.73 27.56 35.36
CA ASP C 40 30.28 27.60 35.25
C ASP C 40 29.85 29.02 34.93
N ASN C 41 29.09 29.21 33.86
CA ASN C 41 28.77 30.54 33.38
C ASN C 41 27.51 30.55 32.53
N THR C 42 27.01 31.76 32.28
CA THR C 42 25.93 32.03 31.34
C THR C 42 26.24 33.32 30.60
N ILE C 43 26.91 33.20 29.45
CA ILE C 43 27.42 34.36 28.74
C ILE C 43 26.34 35.06 27.91
N PRO C 44 25.45 34.33 27.20
CA PRO C 44 24.62 35.01 26.19
C PRO C 44 23.43 35.75 26.78
N ALA C 45 22.90 36.69 26.02
CA ALA C 45 21.68 37.41 26.39
C ALA C 45 20.49 36.80 25.65
N SER C 46 19.81 35.88 26.34
CA SER C 46 18.71 35.13 25.75
C SER C 46 17.67 36.07 25.15
N GLY C 47 17.37 35.86 23.87
CA GLY C 47 16.30 36.60 23.22
C GLY C 47 15.02 35.77 23.19
N THR C 48 14.68 35.26 22.02
CA THR C 48 13.58 34.29 21.90
C THR C 48 14.14 32.88 22.08
N ALA C 49 14.85 32.71 23.19
CA ALA C 49 15.55 31.47 23.49
C ALA C 49 15.63 31.30 24.99
N ILE C 50 15.85 30.07 25.43
CA ILE C 50 15.98 29.74 26.84
C ILE C 50 17.39 30.10 27.31
N ALA C 51 17.56 30.25 28.61
CA ALA C 51 18.87 30.58 29.15
C ALA C 51 19.88 29.49 28.82
N VAL C 52 21.13 29.90 28.58
CA VAL C 52 22.20 28.99 28.18
C VAL C 52 23.13 28.81 29.37
N ARG C 53 23.25 27.57 29.82
CA ARG C 53 24.21 27.21 30.87
C ARG C 53 25.44 26.59 30.25
N GLN C 54 26.61 26.97 30.74
CA GLN C 54 27.88 26.38 30.32
C GLN C 54 28.61 25.90 31.55
N VAL C 55 29.09 24.66 31.52
CA VAL C 55 29.80 24.05 32.65
C VAL C 55 31.02 23.34 32.10
N THR C 56 32.12 23.40 32.86
CA THR C 56 33.34 22.65 32.56
C THR C 56 33.81 22.00 33.84
N LEU C 57 33.93 20.67 33.81
CA LEU C 57 34.25 19.86 34.99
C LEU C 57 35.52 19.07 34.77
N ARG C 58 36.17 18.71 35.88
CA ARG C 58 37.43 17.98 35.87
C ARG C 58 37.22 16.66 36.62
N ALA C 59 37.62 15.56 36.00
CA ALA C 59 37.58 14.25 36.63
C ALA C 59 39.01 13.73 36.85
N PRO C 60 39.28 13.15 38.01
CA PRO C 60 40.65 12.66 38.30
C PRO C 60 40.91 11.20 37.94
N GLY C 61 39.87 10.43 37.61
CA GLY C 61 40.04 9.02 37.34
C GLY C 61 40.03 8.20 38.61
N LEU C 62 40.02 6.88 38.42
CA LEU C 62 39.97 5.97 39.56
C LEU C 62 41.22 6.06 40.42
N GLY C 63 42.41 6.14 39.80
CA GLY C 63 43.66 6.16 40.52
C GLY C 63 44.08 7.50 41.07
N GLY C 64 43.37 8.58 40.73
CA GLY C 64 43.72 9.89 41.23
C GLY C 64 44.93 10.53 40.58
N THR C 65 45.48 9.90 39.54
CA THR C 65 46.65 10.44 38.85
C THR C 65 46.34 10.93 37.44
N ASP C 66 45.10 10.78 36.98
CA ASP C 66 44.74 11.23 35.64
C ASP C 66 44.20 12.65 35.68
N ALA C 67 43.99 13.20 34.47
CA ALA C 67 43.46 14.55 34.30
C ALA C 67 42.47 14.50 33.14
N ILE C 68 41.18 14.57 33.46
CA ILE C 68 40.11 14.51 32.46
C ILE C 68 39.35 15.83 32.51
N TYR C 69 39.12 16.44 31.36
CA TYR C 69 38.37 17.69 31.28
C TYR C 69 37.18 17.52 30.34
N MET C 70 36.00 17.88 30.82
CA MET C 70 34.78 17.75 30.02
C MET C 70 33.99 19.04 30.10
N GLY C 71 33.15 19.30 29.10
CA GLY C 71 32.31 20.48 29.05
C GLY C 71 30.90 20.12 28.62
N ILE C 72 29.92 20.76 29.27
CA ILE C 72 28.50 20.56 29.00
C ILE C 72 27.86 21.91 28.76
N GLN C 73 26.81 21.94 27.94
CA GLN C 73 26.12 23.17 27.59
C GLN C 73 24.63 22.88 27.43
N SER C 74 23.81 23.86 27.78
CA SER C 74 22.39 23.79 27.46
C SER C 74 22.03 24.91 26.48
N TYR C 75 21.39 24.54 25.38
CA TYR C 75 21.06 25.50 24.32
C TYR C 75 19.67 25.21 23.80
N GLY C 76 18.80 26.22 23.81
CA GLY C 76 17.42 26.00 23.41
C GLY C 76 16.85 27.18 22.67
N ASP C 77 15.80 26.88 21.91
CA ASP C 77 15.05 27.89 21.16
C ASP C 77 13.58 27.56 21.28
N THR C 78 12.78 28.56 21.72
CA THR C 78 11.35 28.33 21.93
C THR C 78 10.59 28.26 20.60
N ALA C 79 10.91 29.14 19.65
CA ALA C 79 10.20 29.15 18.39
C ALA C 79 10.28 27.81 17.67
N LEU C 80 11.48 27.23 17.59
CA LEU C 80 11.65 25.89 17.07
C LEU C 80 11.44 24.81 18.14
N ASP C 81 11.37 25.21 19.41
CA ASP C 81 11.00 24.31 20.50
C ASP C 81 11.99 23.17 20.65
N TYR C 82 13.25 23.50 20.96
CA TYR C 82 14.23 22.50 21.38
C TYR C 82 15.00 23.03 22.58
N TYR C 83 15.51 22.12 23.40
CA TYR C 83 16.28 22.44 24.60
C TYR C 83 17.50 21.50 24.64
N ASN C 84 18.21 21.46 23.52
CA ASN C 84 19.36 20.59 23.28
C ASN C 84 20.39 20.72 24.40
N LEU C 85 21.15 19.64 24.60
CA LEU C 85 22.26 19.61 25.55
C LEU C 85 23.52 19.16 24.81
N ARG C 86 24.50 20.05 24.74
CA ARG C 86 25.74 19.80 24.00
C ARG C 86 26.84 19.35 24.94
N LEU C 87 27.76 18.55 24.41
CA LEU C 87 28.85 17.97 25.19
C LEU C 87 30.14 18.03 24.38
N MET C 88 31.26 18.16 25.09
CA MET C 88 32.58 18.15 24.46
C MET C 88 33.62 17.71 25.48
N GLY C 89 34.79 17.34 24.98
CA GLY C 89 35.89 16.93 25.83
C GLY C 89 37.18 17.65 25.51
N GLY C 90 38.12 17.66 26.45
CA GLY C 90 39.38 18.37 26.26
C GLY C 90 40.40 17.94 27.28
N THR C 91 41.60 18.53 27.15
CA THR C 91 42.71 18.21 28.04
C THR C 91 43.13 19.38 28.92
N ALA C 92 42.92 20.61 28.47
CA ALA C 92 43.34 21.78 29.22
C ALA C 92 42.27 22.85 29.06
N PHE C 93 42.31 23.84 29.95
CA PHE C 93 41.31 24.90 29.95
C PHE C 93 41.95 26.16 30.49
N ASN C 94 41.59 27.29 29.88
CA ASN C 94 42.11 28.57 30.31
C ASN C 94 41.10 29.66 29.98
N PRO C 95 40.39 30.22 30.98
CA PRO C 95 39.42 31.27 30.67
C PRO C 95 40.03 32.49 30.02
N GLY C 96 41.32 32.73 30.20
CA GLY C 96 41.96 33.88 29.58
C GLY C 96 42.20 33.69 28.09
N ALA C 97 42.18 32.44 27.63
CA ALA C 97 42.41 32.16 26.21
C ALA C 97 41.21 32.48 25.34
N ILE C 98 40.03 32.65 25.93
CA ILE C 98 38.82 32.93 25.15
C ILE C 98 38.98 34.26 24.42
N PRO C 99 38.78 34.32 23.11
CA PRO C 99 38.84 35.61 22.42
C PRO C 99 37.64 36.46 22.78
N PRO C 100 37.68 37.77 22.51
CA PRO C 100 36.52 38.61 22.79
C PRO C 100 35.27 38.11 22.09
N GLY C 101 34.15 38.08 22.79
CA GLY C 101 32.94 37.49 22.27
C GLY C 101 33.11 36.01 22.01
N GLY C 102 32.67 35.54 20.85
CA GLY C 102 32.79 34.15 20.48
C GLY C 102 32.27 33.19 21.53
N ASP C 103 33.05 32.14 21.82
CA ASP C 103 32.65 31.12 22.78
C ASP C 103 33.90 30.62 23.49
N TYR C 104 33.69 29.87 24.56
CA TYR C 104 34.77 29.37 25.41
C TYR C 104 35.28 28.00 24.96
N TRP C 105 34.49 27.25 24.21
CA TRP C 105 34.89 25.89 23.83
C TRP C 105 36.07 25.89 22.87
N THR C 106 36.44 27.04 22.32
CA THR C 106 37.67 27.18 21.55
C THR C 106 38.90 27.31 22.44
N ALA C 107 38.72 27.66 23.72
CA ALA C 107 39.84 27.77 24.65
C ALA C 107 40.46 26.43 25.00
N PHE C 108 39.72 25.33 24.85
CA PHE C 108 40.25 24.00 25.14
C PHE C 108 41.44 23.70 24.23
N ALA C 109 42.51 23.18 24.82
CA ALA C 109 43.66 22.74 24.06
C ALA C 109 43.34 21.43 23.35
N ASN C 110 43.65 21.37 22.06
CA ASN C 110 43.23 20.26 21.21
C ASN C 110 41.73 20.04 21.33
N TYR C 111 40.97 21.13 21.16
CA TYR C 111 39.53 21.09 21.28
C TYR C 111 38.93 20.11 20.29
N SER C 112 37.90 19.39 20.74
CA SER C 112 37.17 18.48 19.87
C SER C 112 35.81 19.07 19.53
N PRO C 113 35.25 18.73 18.37
CA PRO C 113 33.90 19.17 18.05
C PRO C 113 32.88 18.57 19.01
N ARG C 114 31.67 19.12 18.98
CA ARG C 114 30.68 18.82 20.01
C ARG C 114 29.72 17.72 19.55
N VAL C 115 29.14 17.03 20.53
CA VAL C 115 28.03 16.11 20.32
C VAL C 115 26.88 16.61 21.18
N GLN C 116 25.76 15.90 21.16
CA GLN C 116 24.62 16.38 21.95
C GLN C 116 23.60 15.29 22.21
N LEU C 117 22.63 15.66 23.04
CA LEU C 117 21.41 14.90 23.30
C LEU C 117 20.23 15.85 23.17
N LEU C 118 19.08 15.31 22.76
CA LEU C 118 17.91 16.14 22.40
C LEU C 118 16.83 15.96 23.46
N ALA C 119 16.40 17.07 24.04
CA ALA C 119 15.37 17.08 25.08
C ALA C 119 14.49 18.31 24.93
N TRP C 120 13.53 18.47 25.85
CA TRP C 120 12.73 19.69 25.90
C TRP C 120 12.27 19.93 27.34
N ASN C 121 11.57 21.05 27.53
CA ASN C 121 11.15 21.51 28.85
C ASN C 121 9.83 20.82 29.24
N GLN C 122 9.97 19.75 30.01
CA GLN C 122 8.83 18.92 30.42
C GLN C 122 9.37 17.83 31.35
N PRO C 123 8.51 17.21 32.15
CA PRO C 123 8.95 16.01 32.86
C PRO C 123 9.44 14.94 31.90
N MET C 124 10.65 14.44 32.15
CA MET C 124 11.30 13.44 31.31
C MET C 124 11.94 12.37 32.19
N PRO C 125 11.62 11.09 32.00
CA PRO C 125 12.37 10.03 32.69
C PRO C 125 13.80 9.91 32.18
N TYR C 126 14.73 9.69 33.11
CA TYR C 126 16.15 9.78 32.83
C TYR C 126 16.91 8.69 33.60
N TRP C 127 18.03 8.29 33.02
CA TRP C 127 18.91 7.25 33.57
C TRP C 127 20.34 7.75 33.45
N PHE C 128 21.01 7.95 34.59
CA PHE C 128 22.41 8.36 34.64
C PHE C 128 23.29 7.22 35.15
N PHE C 129 24.40 6.97 34.46
CA PHE C 129 25.45 6.09 34.94
C PHE C 129 26.74 6.90 34.96
N ALA C 130 27.59 6.66 35.95
CA ALA C 130 28.85 7.39 36.02
C ALA C 130 29.88 6.60 36.81
N ASN C 131 31.13 6.69 36.35
CA ASN C 131 32.29 6.16 37.04
C ASN C 131 33.44 7.14 36.81
N GLY C 132 34.45 7.08 37.69
CA GLY C 132 35.53 8.05 37.65
C GLY C 132 36.17 8.27 36.29
N ARG C 133 35.91 7.38 35.32
CA ARG C 133 36.52 7.48 34.01
C ARG C 133 35.52 7.74 32.88
N ARG C 134 34.23 7.51 33.08
CA ARG C 134 33.29 7.68 31.98
C ARG C 134 31.89 7.88 32.53
N PHE C 135 31.10 8.68 31.82
CA PHE C 135 29.71 8.95 32.16
C PHE C 135 28.82 8.64 30.97
N TRP C 136 27.61 8.14 31.28
CA TRP C 136 26.61 7.76 30.31
C TRP C 136 25.27 8.36 30.70
N ILE C 137 24.57 8.94 29.73
CA ILE C 137 23.28 9.58 29.93
C ILE C 137 22.28 8.95 28.97
N VAL C 138 21.10 8.58 29.49
CA VAL C 138 20.00 8.08 28.67
C VAL C 138 18.72 8.77 29.11
N VAL C 139 17.87 9.09 28.15
CA VAL C 139 16.61 9.80 28.41
C VAL C 139 15.51 9.14 27.60
N LYS C 140 14.39 8.86 28.25
CA LYS C 140 13.22 8.25 27.61
C LYS C 140 12.24 9.35 27.21
N VAL C 141 12.20 9.67 25.93
CA VAL C 141 11.28 10.65 25.37
C VAL C 141 10.14 9.87 24.71
N SER C 142 9.09 9.59 25.48
CA SER C 142 7.95 8.81 25.00
C SER C 142 8.43 7.42 24.60
N THR C 143 8.37 7.09 23.31
CA THR C 143 8.82 5.80 22.81
C THR C 143 10.23 5.85 22.24
N ILE C 144 10.88 7.01 22.29
CA ILE C 144 12.23 7.19 21.78
C ILE C 144 13.19 7.21 22.96
N TYR C 145 14.45 6.85 22.70
CA TYR C 145 15.49 6.86 23.72
C TYR C 145 16.71 7.60 23.20
N GLU C 146 16.99 8.76 23.78
CA GLU C 146 18.22 9.48 23.47
C GLU C 146 19.32 9.03 24.43
N SER C 147 20.54 8.99 23.90
CA SER C 147 21.66 8.45 24.68
C SER C 147 22.96 9.10 24.23
N ALA C 148 23.86 9.30 25.18
CA ALA C 148 25.16 9.91 24.91
C ALA C 148 26.09 9.62 26.08
N GLY C 149 27.33 10.06 25.94
CA GLY C 149 28.29 9.92 27.02
C GLY C 149 29.71 10.14 26.54
N ALA C 150 30.65 9.93 27.46
CA ALA C 150 32.06 10.11 27.15
C ALA C 150 32.92 9.61 28.30
N GLY C 151 34.16 9.25 27.96
CA GLY C 151 35.12 8.80 28.95
C GLY C 151 36.27 8.04 28.30
N PHE C 152 37.01 7.32 29.13
CA PHE C 152 38.16 6.57 28.63
C PHE C 152 37.76 5.16 28.21
N ILE C 153 38.25 4.73 27.05
CA ILE C 153 38.15 3.35 26.60
C ILE C 153 39.26 2.54 27.26
N LEU C 154 39.21 1.22 27.12
CA LEU C 154 40.20 0.33 27.70
C LEU C 154 41.12 -0.25 26.62
N PRO C 155 42.24 0.42 26.30
CA PRO C 155 43.17 -0.17 25.33
C PRO C 155 43.85 -1.40 25.89
N PRO C 156 44.36 -2.28 25.03
CA PRO C 156 45.08 -3.47 25.53
C PRO C 156 46.53 -3.22 25.88
N CYS C 157 46.98 -1.97 25.92
CA CYS C 157 48.38 -1.63 26.13
C CYS C 157 48.53 -0.88 27.45
N PRO C 158 49.74 -0.86 28.01
CA PRO C 158 49.95 -0.17 29.29
C PRO C 158 49.59 1.30 29.19
N PRO C 159 49.02 1.87 30.25
CA PRO C 159 48.70 3.32 30.20
C PRO C 159 49.92 4.22 30.09
N SER C 160 51.11 3.70 30.40
CA SER C 160 52.30 4.55 30.52
C SER C 160 52.58 5.35 29.26
N GLN C 161 52.26 4.82 28.08
CA GLN C 161 52.56 5.50 26.83
C GLN C 161 51.34 6.11 26.17
N TYR C 162 50.14 5.66 26.51
CA TYR C 162 48.89 6.20 25.96
C TYR C 162 48.00 6.53 27.16
N PRO C 163 48.32 7.57 27.92
CA PRO C 163 47.56 7.86 29.14
C PRO C 163 46.18 8.43 28.88
N TYR C 164 45.89 8.82 27.64
CA TYR C 164 44.76 9.70 27.33
C TYR C 164 43.93 9.12 26.18
N PRO C 165 43.17 8.04 26.46
CA PRO C 165 42.24 7.43 25.49
C PRO C 165 40.81 7.97 25.61
N LEU C 166 40.63 9.25 25.34
CA LEU C 166 39.34 9.88 25.53
C LEU C 166 38.44 9.69 24.31
N ALA C 167 37.21 9.24 24.56
CA ALA C 167 36.18 9.08 23.54
C ALA C 167 34.94 9.85 23.96
N VAL C 168 34.26 10.41 22.95
CA VAL C 168 33.01 11.13 23.15
C VAL C 168 32.00 10.60 22.14
N VAL C 169 30.76 10.37 22.58
CA VAL C 169 29.74 9.83 21.69
C VAL C 169 28.41 10.50 22.01
N GLY C 170 27.67 10.85 20.95
CA GLY C 170 26.36 11.44 21.09
C GLY C 170 25.46 10.98 19.96
N SER C 171 24.16 11.23 20.13
CA SER C 171 23.18 10.73 19.18
C SER C 171 23.27 11.41 17.83
N TYR C 172 23.78 12.64 17.77
CA TYR C 172 23.83 13.38 16.51
C TYR C 172 24.91 14.45 16.62
N ARG C 173 25.37 14.93 15.48
CA ARG C 173 26.45 15.90 15.45
C ARG C 173 26.01 17.22 16.08
N GLY C 174 26.91 17.83 16.84
CA GLY C 174 26.62 19.07 17.53
C GLY C 174 26.89 20.34 16.78
N ASP C 175 27.25 20.25 15.50
CA ASP C 175 27.54 21.43 14.69
C ASP C 175 26.29 22.08 14.12
N VAL C 176 25.13 21.46 14.26
CA VAL C 176 23.87 21.99 13.76
C VAL C 176 22.81 21.82 14.83
N ALA C 177 21.76 22.65 14.75
CA ALA C 177 20.65 22.60 15.70
C ALA C 177 19.56 21.71 15.10
N THR C 178 19.09 20.74 15.89
CA THR C 178 18.11 19.77 15.43
C THR C 178 17.00 19.62 16.47
N ARG C 179 15.81 19.27 15.99
CA ARG C 179 14.62 19.12 16.80
C ARG C 179 14.38 17.63 17.07
N TRP C 180 14.12 17.29 18.34
CA TRP C 180 14.21 15.89 18.73
C TRP C 180 13.18 15.02 18.02
N SER C 181 12.20 15.64 17.37
CA SER C 181 11.27 14.90 16.53
C SER C 181 11.89 14.50 15.20
N ASP C 182 13.21 14.68 15.03
CA ASP C 182 13.87 14.30 13.80
C ASP C 182 13.74 12.79 13.57
N VAL C 183 13.29 12.42 12.39
CA VAL C 183 13.08 11.01 12.03
C VAL C 183 14.14 10.53 11.03
N SER C 184 15.12 11.36 10.71
CA SER C 184 16.13 10.96 9.75
C SER C 184 16.99 9.84 10.30
N ASP C 185 17.60 9.08 9.39
CA ASP C 185 18.43 7.94 9.78
C ASP C 185 19.69 8.36 10.52
N ARG C 186 20.07 9.64 10.45
CA ARG C 186 21.27 10.10 11.14
C ARG C 186 21.08 10.17 12.65
N HIS C 187 19.86 10.35 13.13
CA HIS C 187 19.57 10.38 14.56
C HIS C 187 19.61 8.95 15.08
N ARG C 188 20.70 8.59 15.75
CA ARG C 188 20.92 7.21 16.18
C ARG C 188 21.74 7.18 17.47
N GLY C 189 22.23 6.01 17.87
CA GLY C 189 22.74 5.84 19.21
C GLY C 189 24.24 5.59 19.26
N ILE C 190 24.71 5.25 20.45
CA ILE C 190 26.15 5.07 20.68
C ILE C 190 26.68 3.87 19.91
N SER C 191 25.96 2.75 19.94
CA SER C 191 26.46 1.51 19.36
C SER C 191 26.66 1.63 17.85
N SER C 192 26.08 2.64 17.22
CA SER C 192 26.19 2.82 15.78
C SER C 192 26.33 4.31 15.47
N PRO C 193 27.52 4.89 15.58
CA PRO C 193 27.68 6.30 15.16
C PRO C 193 27.51 6.45 13.66
N TYR C 194 27.00 7.62 13.26
CA TYR C 194 26.86 7.97 11.85
C TYR C 194 26.93 9.48 11.71
N GLU C 195 27.70 9.94 10.73
CA GLU C 195 27.83 11.37 10.44
C GLU C 195 28.31 12.14 11.67
N ARG C 196 29.52 11.83 12.14
CA ARG C 196 30.18 12.57 13.22
C ARG C 196 29.48 12.38 14.56
N SER C 197 29.12 11.15 14.92
CA SER C 197 28.43 10.87 16.17
C SER C 197 29.31 10.16 17.19
N CYS C 198 30.59 9.94 16.88
CA CYS C 198 31.50 9.33 17.84
C CYS C 198 32.93 9.68 17.44
N TYR C 199 33.66 10.29 18.38
CA TYR C 199 35.05 10.68 18.17
C TYR C 199 35.91 10.03 19.23
N LEU C 200 37.16 9.74 18.88
CA LEU C 200 38.14 9.13 19.76
C LEU C 200 39.47 9.81 19.54
N ARG C 201 40.22 10.04 20.60
CA ARG C 201 41.48 10.75 20.49
C ARG C 201 42.62 9.76 20.23
N ASP C 202 43.36 10.00 19.16
CA ASP C 202 44.46 9.13 18.81
C ASP C 202 45.64 9.38 19.74
N PRO C 203 46.50 8.37 19.97
CA PRO C 203 47.70 8.63 20.78
C PRO C 203 48.59 9.72 20.21
N ALA C 204 48.54 9.97 18.91
CA ALA C 204 49.26 11.08 18.32
C ALA C 204 48.67 12.43 18.69
N GLY C 205 47.47 12.46 19.28
CA GLY C 205 46.84 13.71 19.65
C GLY C 205 45.85 14.26 18.64
N ARG C 206 45.50 13.47 17.63
CA ARG C 206 44.57 13.91 16.59
C ARG C 206 43.27 13.13 16.71
N TRP C 207 42.15 13.85 16.75
CA TRP C 207 40.85 13.22 16.94
C TRP C 207 40.39 12.54 15.65
N LEU C 208 39.93 11.30 15.78
CA LEU C 208 39.46 10.51 14.65
C LEU C 208 38.00 10.15 14.87
N GLY C 209 37.21 10.22 13.80
CA GLY C 209 35.79 9.90 13.89
C GLY C 209 35.52 8.49 13.41
N PHE C 210 34.61 7.82 14.11
CA PHE C 210 34.20 6.46 13.77
C PHE C 210 32.75 6.45 13.32
N THR C 211 32.50 5.70 12.25
CA THR C 211 31.14 5.53 11.73
C THR C 211 30.98 4.08 11.29
N VAL C 212 29.83 3.49 11.64
CA VAL C 212 29.55 2.11 11.28
C VAL C 212 29.12 1.97 9.83
N ASP C 213 28.71 3.06 9.18
CA ASP C 213 28.31 3.03 7.79
C ASP C 213 28.91 4.24 7.08
N GLY C 214 29.13 4.09 5.78
CA GLY C 214 29.75 5.15 5.01
C GLY C 214 28.80 6.30 4.73
N GLY C 215 29.37 7.42 4.30
CA GLY C 215 28.59 8.58 3.96
C GLY C 215 29.36 9.56 3.09
N ALA C 216 28.74 10.01 1.99
CA ALA C 216 29.42 10.95 1.10
C ALA C 216 29.68 12.28 1.79
N ALA C 217 28.71 12.77 2.56
CA ALA C 217 28.90 14.07 3.22
C ALA C 217 30.05 14.02 4.22
N ASN C 218 30.29 12.86 4.82
CA ASN C 218 31.41 12.72 5.75
C ASN C 218 32.72 12.71 4.97
N GLU C 219 33.81 13.04 5.68
CA GLU C 219 35.12 13.09 5.07
C GLU C 219 35.63 11.67 4.77
N SER C 220 36.53 11.56 3.79
CA SER C 220 36.93 10.26 3.29
C SER C 220 37.73 9.47 4.32
N ASP C 221 38.45 10.16 5.21
CA ASP C 221 39.40 9.48 6.07
C ASP C 221 38.73 8.51 7.02
N TYR C 222 37.53 8.84 7.49
CA TYR C 222 36.87 8.03 8.51
C TYR C 222 36.23 6.77 7.92
N ASN C 223 36.14 6.70 6.60
CA ASN C 223 35.56 5.53 5.94
C ASN C 223 36.33 4.26 6.29
N ASN C 224 37.63 4.42 6.56
CA ASN C 224 38.50 3.28 6.83
C ASN C 224 38.44 2.79 8.27
N ARG C 225 38.06 3.64 9.21
CA ARG C 225 38.00 3.31 10.62
C ARG C 225 36.56 3.19 11.07
N THR C 226 36.25 2.14 11.85
CA THR C 226 34.87 1.83 12.20
C THR C 226 34.79 1.00 13.47
N LEU C 227 33.54 0.78 13.89
CA LEU C 227 33.21 -0.18 14.92
C LEU C 227 32.81 -1.50 14.27
N LEU C 228 33.70 -2.49 14.35
CA LEU C 228 33.55 -3.73 13.58
C LEU C 228 32.27 -4.49 13.91
N PRO C 229 31.92 -4.68 15.19
CA PRO C 229 30.77 -5.53 15.52
C PRO C 229 29.55 -5.28 14.65
N LEU C 230 29.08 -4.02 14.59
CA LEU C 230 27.96 -3.71 13.71
C LEU C 230 28.41 -3.44 12.29
N GLY C 231 29.71 -3.33 12.04
CA GLY C 231 30.22 -3.07 10.71
C GLY C 231 30.67 -4.32 9.98
N CYS C 232 29.95 -5.43 10.19
CA CYS C 232 30.33 -6.69 9.57
C CYS C 232 30.18 -6.64 8.05
N GLY C 233 29.47 -5.64 7.53
CA GLY C 233 29.22 -5.58 6.09
C GLY C 233 30.47 -5.41 5.26
N ARG C 234 31.58 -5.01 5.87
CA ARG C 234 32.81 -4.79 5.10
C ARG C 234 33.29 -6.09 4.46
N TYR C 235 33.22 -7.19 5.20
CA TYR C 235 33.76 -8.47 4.73
C TYR C 235 32.70 -9.42 4.20
N ALA C 236 31.46 -9.30 4.66
CA ALA C 236 30.40 -10.18 4.18
C ALA C 236 29.94 -9.75 2.79
N GLY C 237 29.49 -10.73 2.01
CA GLY C 237 29.02 -10.47 0.66
C GLY C 237 27.51 -10.55 0.54
N SER C 238 26.81 -10.17 1.60
CA SER C 238 25.36 -10.19 1.59
C SER C 238 24.84 -9.19 2.61
N SER C 239 23.64 -8.66 2.35
CA SER C 239 23.02 -7.69 3.24
C SER C 239 22.67 -8.32 4.58
N ASP C 240 22.05 -9.50 4.54
CA ASP C 240 21.66 -10.18 5.77
C ASP C 240 22.82 -11.03 6.31
N THR C 241 23.18 -10.79 7.57
CA THR C 241 24.27 -11.50 8.20
C THR C 241 23.81 -12.01 9.57
N VAL C 242 24.72 -12.72 10.24
CA VAL C 242 24.39 -13.31 11.54
C VAL C 242 24.07 -12.22 12.56
N VAL C 243 24.75 -11.08 12.47
CA VAL C 243 24.63 -10.05 13.49
C VAL C 243 23.20 -9.50 13.54
N LYS C 244 22.58 -9.24 12.39
CA LYS C 244 21.19 -8.78 12.40
C LYS C 244 20.20 -9.89 12.76
N GLN C 245 20.58 -11.16 12.63
CA GLN C 245 19.71 -12.26 13.02
C GLN C 245 20.04 -12.84 14.38
N LEU C 246 20.92 -12.20 15.15
CA LEU C 246 21.26 -12.67 16.48
C LEU C 246 20.02 -12.70 17.37
N ARG C 247 19.93 -13.70 18.26
CA ARG C 247 18.81 -13.82 19.18
C ARG C 247 19.30 -14.57 20.40
N ASP C 248 18.55 -14.43 21.51
CA ASP C 248 18.95 -15.03 22.77
C ASP C 248 19.08 -16.54 22.64
N SER C 249 19.70 -17.18 23.63
CA SER C 249 19.95 -18.62 23.61
C SER C 249 19.32 -19.23 24.87
N PHE C 250 18.15 -19.84 24.70
CA PHE C 250 17.47 -20.53 25.79
C PHE C 250 17.24 -19.61 26.98
N GLY C 251 16.89 -18.36 26.69
CA GLY C 251 16.63 -17.36 27.70
C GLY C 251 17.85 -16.58 28.13
N LYS C 252 19.04 -17.01 27.72
CA LYS C 252 20.28 -16.32 28.06
C LYS C 252 20.57 -15.31 26.96
N PHE C 253 20.74 -14.04 27.35
CA PHE C 253 21.00 -12.98 26.39
C PHE C 253 22.50 -12.76 26.29
N PRO C 254 23.14 -13.05 25.14
CA PRO C 254 24.59 -12.86 25.05
C PRO C 254 25.00 -11.41 24.89
N LEU C 255 25.90 -10.94 25.75
CA LEU C 255 26.41 -9.58 25.65
C LEU C 255 27.70 -9.58 24.83
N LYS C 256 27.73 -8.78 23.76
CA LYS C 256 28.87 -8.69 22.86
C LYS C 256 29.51 -7.33 23.02
N ALA C 257 30.82 -7.31 23.26
CA ALA C 257 31.53 -6.06 23.47
C ALA C 257 31.59 -5.25 22.18
N LEU C 258 31.59 -3.93 22.32
CA LEU C 258 31.72 -3.02 21.19
C LEU C 258 33.19 -2.60 21.07
N GLN C 259 33.70 -2.62 19.84
CA GLN C 259 35.13 -2.57 19.57
C GLN C 259 35.44 -1.41 18.63
N PHE C 260 36.47 -0.64 18.96
CA PHE C 260 37.02 0.34 18.02
C PHE C 260 38.07 -0.35 17.15
N VAL C 261 38.11 -0.02 15.86
CA VAL C 261 39.17 -0.51 14.99
C VAL C 261 39.42 0.51 13.89
N THR C 262 40.68 0.62 13.47
CA THR C 262 41.08 1.45 12.35
C THR C 262 41.92 0.63 11.38
N ARG C 263 41.59 0.71 10.10
CA ARG C 263 42.30 -0.02 9.05
C ARG C 263 42.77 1.01 8.03
N GLU C 264 43.92 1.62 8.30
CA GLU C 264 44.46 2.64 7.42
C GLU C 264 45.48 2.03 6.46
N THR C 265 45.83 2.82 5.43
CA THR C 265 46.90 2.40 4.53
C THR C 265 48.25 2.39 5.24
N GLU C 266 48.47 3.35 6.14
CA GLU C 266 49.74 3.42 6.87
C GLU C 266 49.94 2.17 7.72
N GLY C 267 48.90 1.74 8.43
CA GLY C 267 49.01 0.58 9.29
C GLY C 267 47.74 0.36 10.08
N ARG C 268 47.71 -0.79 10.74
CA ARG C 268 46.55 -1.19 11.54
C ARG C 268 46.84 -1.00 13.02
N ARG C 269 45.75 -0.92 13.80
CA ARG C 269 45.85 -0.71 15.25
C ARG C 269 44.49 -1.00 15.87
N TYR C 270 44.49 -1.86 16.88
CA TYR C 270 43.30 -2.05 17.71
C TYR C 270 43.35 -1.08 18.89
N LEU C 271 42.23 -0.39 19.13
CA LEU C 271 42.20 0.70 20.09
C LEU C 271 41.57 0.34 21.43
N GLY C 272 40.48 -0.43 21.45
CA GLY C 272 39.90 -0.88 22.70
C GLY C 272 38.41 -1.12 22.60
N ASP C 273 37.79 -1.21 23.76
CA ASP C 273 36.39 -1.57 23.93
C ASP C 273 35.62 -0.50 24.69
N PHE C 274 34.31 -0.48 24.49
CA PHE C 274 33.45 0.35 25.32
C PHE C 274 33.30 -0.27 26.70
N ASP C 275 33.49 0.54 27.74
CA ASP C 275 33.39 0.06 29.11
C ASP C 275 31.94 0.17 29.59
N GLY C 276 31.22 -0.94 29.56
CA GLY C 276 29.85 -0.96 30.02
C GLY C 276 28.80 -0.85 28.94
N ALA C 277 29.16 -1.06 27.67
CA ALA C 277 28.21 -1.01 26.56
C ALA C 277 28.40 -2.26 25.70
N PHE C 278 27.28 -2.88 25.32
CA PHE C 278 27.29 -4.10 24.54
C PHE C 278 26.13 -4.09 23.56
N TYR C 279 26.19 -5.00 22.59
CA TYR C 279 25.08 -5.20 21.66
C TYR C 279 24.17 -6.33 22.15
N VAL C 280 22.87 -6.18 21.91
CA VAL C 280 21.93 -7.25 22.29
C VAL C 280 20.77 -7.32 21.30
N PRO C 281 20.08 -8.45 21.20
CA PRO C 281 19.03 -8.58 20.17
C PRO C 281 17.72 -7.94 20.60
N THR C 282 16.73 -8.01 19.70
CA THR C 282 15.47 -7.33 19.93
C THR C 282 14.35 -8.32 20.25
N LEU C 283 14.24 -9.41 19.48
CA LEU C 283 13.07 -10.27 19.56
C LEU C 283 12.80 -10.72 20.98
N ASN C 284 11.53 -10.66 21.37
CA ASN C 284 11.04 -11.07 22.69
C ASN C 284 11.53 -10.14 23.78
N SER C 285 12.21 -9.05 23.43
CA SER C 285 12.77 -8.11 24.39
C SER C 285 12.67 -6.70 23.84
N GLY C 286 13.13 -5.74 24.65
CA GLY C 286 13.12 -4.35 24.27
C GLY C 286 13.76 -3.53 25.36
N ALA C 287 13.68 -2.21 25.19
CA ALA C 287 14.21 -1.30 26.20
C ALA C 287 13.49 -1.50 27.53
N GLU C 288 14.06 -0.92 28.59
CA GLU C 288 13.72 -0.94 30.02
C GLU C 288 13.90 -2.34 30.61
N ASP C 289 14.29 -3.33 29.81
CA ASP C 289 14.53 -4.66 30.34
C ASP C 289 15.85 -4.68 31.12
N VAL C 290 15.90 -5.54 32.13
CA VAL C 290 17.09 -5.72 32.95
C VAL C 290 17.46 -7.20 32.91
N ILE C 291 18.72 -7.50 32.62
CA ILE C 291 19.20 -8.87 32.54
C ILE C 291 20.41 -9.01 33.46
N VAL C 292 20.45 -10.10 34.21
CA VAL C 292 21.47 -10.31 35.24
C VAL C 292 22.44 -11.37 34.73
N GLU C 293 23.73 -11.01 34.66
CA GLU C 293 24.79 -11.94 34.29
C GLU C 293 25.87 -11.91 35.37
N ASP C 294 26.10 -13.07 35.99
CA ASP C 294 27.13 -13.20 37.02
C ASP C 294 26.92 -12.19 38.15
N GLY C 295 25.66 -11.94 38.49
CA GLY C 295 25.33 -11.01 39.56
C GLY C 295 25.49 -9.55 39.19
N VAL C 296 25.69 -9.23 37.92
CA VAL C 296 25.82 -7.85 37.45
C VAL C 296 24.68 -7.57 36.48
N ASP C 297 23.98 -6.46 36.71
CA ASP C 297 22.78 -6.17 35.93
C ASP C 297 23.12 -5.31 34.72
N HIS C 298 22.30 -5.44 33.68
CA HIS C 298 22.46 -4.69 32.44
C HIS C 298 21.10 -4.21 31.98
N VAL C 299 21.00 -2.94 31.60
CA VAL C 299 19.76 -2.34 31.14
C VAL C 299 19.78 -2.31 29.61
N VAL C 300 18.62 -2.22 28.99
CA VAL C 300 18.51 -2.29 27.54
C VAL C 300 18.01 -0.95 27.00
N PHE C 301 18.45 -0.60 25.79
CA PHE C 301 18.05 0.65 25.15
C PHE C 301 18.12 0.48 23.63
N GLN C 302 17.39 1.35 22.93
CA GLN C 302 17.27 1.32 21.48
C GLN C 302 17.42 2.72 20.90
N THR C 303 17.78 2.77 19.61
CA THR C 303 18.07 4.03 18.96
C THR C 303 16.79 4.67 18.41
N ALA C 304 16.83 6.00 18.28
CA ALA C 304 15.62 6.75 17.93
C ALA C 304 15.07 6.37 16.57
N TRP C 305 15.94 6.21 15.57
CA TRP C 305 15.48 5.93 14.21
C TRP C 305 14.63 4.68 14.17
N ARG C 306 15.22 3.54 14.50
CA ARG C 306 14.52 2.26 14.51
C ARG C 306 14.98 1.45 15.71
N SER C 307 14.15 0.49 16.12
CA SER C 307 14.47 -0.43 17.19
C SER C 307 14.81 -1.82 16.70
N GLY C 308 15.31 -1.95 15.47
CA GLY C 308 15.63 -3.25 14.91
C GLY C 308 16.78 -3.92 15.63
N ASN C 309 17.08 -5.14 15.17
CA ASN C 309 18.11 -5.95 15.80
C ASN C 309 19.44 -5.21 15.87
N PRO C 310 19.93 -4.64 14.77
CA PRO C 310 21.27 -4.03 14.80
C PRO C 310 21.32 -2.65 15.44
N TRP C 311 20.23 -2.19 16.05
CA TRP C 311 20.17 -0.87 16.67
C TRP C 311 19.79 -0.94 18.14
N LEU C 312 20.23 -1.96 18.85
CA LEU C 312 19.77 -2.21 20.21
C LEU C 312 20.92 -2.63 21.11
N TYR C 313 21.20 -1.81 22.12
CA TYR C 313 22.40 -1.96 22.93
C TYR C 313 22.04 -1.95 24.40
N ALA C 314 22.85 -2.67 25.19
CA ALA C 314 22.69 -2.75 26.62
C ALA C 314 23.82 -2.00 27.30
N ILE C 315 23.51 -1.39 28.44
CA ILE C 315 24.48 -0.63 29.22
C ILE C 315 24.58 -1.27 30.60
N ARG C 316 25.81 -1.44 31.08
CA ARG C 316 26.04 -1.97 32.41
C ARG C 316 25.64 -0.95 33.47
N LYS C 317 24.90 -1.43 34.48
CA LYS C 317 24.42 -0.58 35.56
C LYS C 317 25.19 -0.78 36.86
N ASP C 318 25.93 -1.87 36.99
CA ASP C 318 26.74 -2.15 38.17
C ASP C 318 25.85 -2.36 39.41
N ALA D 2 51.17 -31.65 29.00
CA ALA D 2 50.63 -30.35 28.65
C ALA D 2 51.07 -29.94 27.25
N TYR D 3 52.37 -29.87 27.04
CA TYR D 3 52.96 -29.47 25.76
C TYR D 3 54.04 -30.47 25.39
N PHE D 4 53.79 -31.25 24.34
CA PHE D 4 54.72 -32.28 23.89
C PHE D 4 55.16 -32.00 22.46
N THR D 5 56.40 -32.37 22.14
CA THR D 5 56.94 -32.25 20.80
C THR D 5 57.58 -33.55 20.41
N GLY D 6 57.48 -33.90 19.13
CA GLY D 6 58.09 -35.13 18.66
C GLY D 6 58.17 -35.19 17.16
N THR D 7 58.56 -36.35 16.66
CA THR D 7 58.70 -36.61 15.23
C THR D 7 58.05 -37.94 14.86
N ALA D 8 57.66 -38.06 13.60
CA ALA D 8 57.01 -39.26 13.10
C ALA D 8 57.24 -39.38 11.60
N ASN D 9 57.74 -40.54 11.19
CA ASN D 9 57.91 -40.81 9.77
C ASN D 9 56.59 -41.16 9.08
N ASN D 10 55.62 -41.66 9.84
CA ASN D 10 54.34 -42.06 9.27
C ASN D 10 53.20 -41.65 10.19
N PRO D 11 51.98 -41.53 9.67
CA PRO D 11 50.85 -41.17 10.55
C PRO D 11 50.64 -42.15 11.69
N ALA D 12 50.94 -43.43 11.47
CA ALA D 12 50.76 -44.43 12.51
C ALA D 12 51.60 -44.09 13.74
N ASP D 13 52.81 -43.55 13.54
CA ASP D 13 53.65 -43.18 14.66
C ASP D 13 53.01 -42.05 15.47
N LEU D 14 52.52 -41.01 14.78
CA LEU D 14 51.79 -39.94 15.47
C LEU D 14 50.65 -40.52 16.28
N LEU D 15 49.93 -41.46 15.67
CA LEU D 15 48.78 -42.07 16.33
C LEU D 15 49.22 -42.78 17.61
N ALA D 16 50.24 -43.62 17.51
CA ALA D 16 50.70 -44.36 18.69
C ALA D 16 51.15 -43.39 19.78
N LYS D 17 51.90 -42.35 19.42
CA LYS D 17 52.41 -41.44 20.44
C LYS D 17 51.27 -40.69 21.12
N VAL D 18 50.27 -40.23 20.36
CA VAL D 18 49.22 -39.43 20.99
C VAL D 18 48.33 -40.31 21.85
N ARG D 19 48.11 -41.58 21.48
CA ARG D 19 47.40 -42.46 22.40
C ARG D 19 48.21 -42.72 23.66
N VAL D 20 49.52 -42.90 23.52
CA VAL D 20 50.33 -43.09 24.72
C VAL D 20 50.19 -41.89 25.65
N HIS D 21 50.26 -40.69 25.08
CA HIS D 21 50.11 -39.48 25.89
C HIS D 21 48.74 -39.41 26.54
N ALA D 22 47.68 -39.71 25.79
CA ALA D 22 46.34 -39.65 26.34
C ALA D 22 46.16 -40.64 27.48
N GLU D 23 46.62 -41.88 27.29
CA GLU D 23 46.51 -42.88 28.33
C GLU D 23 47.30 -42.48 29.57
N SER D 24 48.49 -41.91 29.39
CA SER D 24 49.27 -41.45 30.53
C SER D 24 48.54 -40.35 31.30
N LEU D 25 47.59 -39.67 30.67
CA LEU D 25 46.87 -38.57 31.29
C LEU D 25 45.47 -38.96 31.75
N GLY D 26 45.15 -40.25 31.76
CA GLY D 26 43.86 -40.72 32.25
C GLY D 26 42.76 -40.82 31.22
N TRP D 27 43.02 -40.45 29.97
CA TRP D 27 42.02 -40.60 28.93
C TRP D 27 41.59 -42.05 28.82
N VAL D 28 40.28 -42.27 28.65
CA VAL D 28 39.72 -43.62 28.61
C VAL D 28 39.54 -44.01 27.15
N THR D 29 40.21 -45.09 26.75
CA THR D 29 40.10 -45.63 25.40
C THR D 29 39.24 -46.89 25.45
N ASP D 30 38.02 -46.80 24.92
CA ASP D 30 37.12 -47.95 24.93
C ASP D 30 37.69 -49.10 24.11
N ARG D 31 38.27 -48.81 22.95
CA ARG D 31 38.90 -49.82 22.11
C ARG D 31 40.06 -49.20 21.38
N ALA D 32 41.17 -49.94 21.32
CA ALA D 32 42.40 -49.46 20.72
C ALA D 32 42.94 -50.51 19.76
N SER D 33 43.63 -50.03 18.73
CA SER D 33 44.32 -50.90 17.78
C SER D 33 45.52 -50.13 17.25
N ALA D 34 46.25 -50.74 16.32
CA ALA D 34 47.40 -50.07 15.73
C ALA D 34 46.97 -48.95 14.80
N SER D 35 45.70 -48.95 14.35
CA SER D 35 45.23 -47.99 13.37
C SER D 35 43.85 -47.41 13.67
N GLU D 36 43.07 -48.00 14.58
CA GLU D 36 41.70 -47.58 14.84
C GLU D 36 41.50 -47.35 16.33
N TRP D 37 40.80 -46.26 16.66
CA TRP D 37 40.54 -45.88 18.05
C TRP D 37 39.07 -45.58 18.23
N LEU D 38 38.51 -46.07 19.31
CA LEU D 38 37.23 -45.62 19.85
C LEU D 38 37.45 -45.21 21.29
N CYS D 39 37.42 -43.91 21.58
CA CYS D 39 37.75 -43.41 22.90
C CYS D 39 36.67 -42.45 23.37
N HIS D 40 36.72 -42.09 24.64
CA HIS D 40 35.73 -41.21 25.23
C HIS D 40 36.28 -40.56 26.50
N ASN D 41 35.61 -39.50 26.92
CA ASN D 41 35.86 -38.87 28.21
C ASN D 41 34.54 -38.51 28.87
N ALA D 42 34.59 -37.73 29.94
CA ALA D 42 33.36 -37.31 30.61
C ALA D 42 32.50 -36.43 29.71
N ASP D 43 33.05 -35.90 28.62
CA ASP D 43 32.33 -34.98 27.76
C ASP D 43 31.73 -35.63 26.52
N GLY D 44 32.46 -36.51 25.84
CA GLY D 44 31.94 -37.10 24.62
C GLY D 44 32.75 -38.30 24.17
N TYR D 45 32.33 -38.84 23.02
CA TYR D 45 32.94 -40.03 22.44
C TYR D 45 33.45 -39.70 21.05
N TRP D 46 34.65 -40.18 20.72
CA TRP D 46 35.26 -39.92 19.43
C TRP D 46 35.83 -41.22 18.87
N SER D 47 35.91 -41.26 17.53
CA SER D 47 36.47 -42.40 16.82
C SER D 47 37.41 -41.90 15.74
N PHE D 48 38.59 -42.52 15.66
CA PHE D 48 39.61 -42.14 14.69
C PHE D 48 40.13 -43.37 13.96
N ASN D 49 40.54 -43.17 12.70
CA ASN D 49 41.14 -44.21 11.89
C ASN D 49 42.25 -43.59 11.07
N ALA D 50 43.39 -44.28 10.97
CA ALA D 50 44.55 -43.78 10.25
C ALA D 50 44.63 -44.45 8.89
N GLY D 51 44.49 -43.67 7.83
CA GLY D 51 44.67 -44.16 6.49
C GLY D 51 46.13 -44.12 6.08
N ALA D 52 46.37 -44.40 4.80
CA ALA D 52 47.73 -44.36 4.27
C ALA D 52 48.30 -42.95 4.36
N ASN D 53 47.51 -41.92 4.04
CA ASN D 53 48.01 -40.55 4.03
C ASN D 53 47.00 -39.56 4.61
N GLN D 54 46.08 -40.01 5.45
CA GLN D 54 45.07 -39.11 5.99
C GLN D 54 44.42 -39.76 7.21
N PHE D 55 43.70 -38.93 7.97
CA PHE D 55 43.00 -39.36 9.17
C PHE D 55 41.49 -39.19 8.97
N GLN D 56 40.73 -40.20 9.42
CA GLN D 56 39.28 -40.14 9.39
C GLN D 56 38.77 -40.05 10.82
N MET D 57 37.96 -39.04 11.10
CA MET D 57 37.46 -38.81 12.45
C MET D 57 35.94 -38.74 12.43
N ALA D 58 35.33 -39.16 13.53
CA ALA D 58 33.89 -39.09 13.69
C ALA D 58 33.55 -38.93 15.16
N GLY D 59 32.41 -38.28 15.43
CA GLY D 59 31.89 -38.24 16.78
C GLY D 59 30.99 -39.42 17.06
N ASN D 60 30.65 -39.60 18.34
CA ASN D 60 29.88 -40.75 18.76
C ASN D 60 29.06 -40.40 19.99
N THR D 61 27.98 -41.17 20.19
CA THR D 61 27.10 -41.01 21.35
C THR D 61 26.98 -42.29 22.17
N GLY D 62 27.46 -43.41 21.65
CA GLY D 62 27.41 -44.68 22.36
C GLY D 62 28.41 -45.63 21.74
N PHE D 63 28.57 -46.78 22.39
CA PHE D 63 29.62 -47.71 21.99
C PHE D 63 29.04 -49.08 21.63
N ASP D 64 29.61 -49.68 20.60
CA ASP D 64 29.31 -51.06 20.20
C ASP D 64 30.55 -51.63 19.55
N ASN D 65 31.14 -52.65 20.18
CA ASN D 65 32.38 -53.23 19.67
C ASN D 65 32.17 -54.00 18.37
N SER D 66 30.93 -54.41 18.07
CA SER D 66 30.67 -55.18 16.86
C SER D 66 30.45 -54.30 15.64
N LEU D 67 30.43 -52.99 15.80
CA LEU D 67 30.18 -52.06 14.70
C LEU D 67 31.49 -51.47 14.20
N ALA D 68 31.52 -51.15 12.91
CA ALA D 68 32.72 -50.61 12.29
C ALA D 68 33.05 -49.24 12.88
N TRP D 69 34.20 -48.71 12.46
CA TRP D 69 34.67 -47.43 12.98
C TRP D 69 33.68 -46.31 12.68
N ASN D 70 32.96 -46.41 11.57
CA ASN D 70 32.03 -45.39 11.15
C ASN D 70 30.57 -45.81 11.30
N ALA D 71 30.28 -46.76 12.20
CA ALA D 71 28.94 -47.26 12.40
C ALA D 71 28.50 -47.25 13.86
N GLN D 72 29.13 -46.43 14.70
CA GLN D 72 28.76 -46.42 16.11
C GLN D 72 27.40 -45.77 16.30
N PRO D 73 26.75 -46.01 17.43
CA PRO D 73 25.45 -45.38 17.69
C PRO D 73 25.56 -43.85 17.62
N GLY D 74 24.58 -43.23 16.99
CA GLY D 74 24.57 -41.78 16.88
C GLY D 74 25.77 -41.22 16.15
N ASN D 75 26.33 -41.96 15.21
CA ASN D 75 27.49 -41.46 14.47
C ASN D 75 27.08 -40.31 13.55
N SER D 76 28.04 -39.42 13.29
CA SER D 76 27.76 -38.24 12.50
C SER D 76 27.52 -38.56 11.03
N VAL D 77 27.91 -39.75 10.57
CA VAL D 77 27.80 -40.07 9.15
C VAL D 77 26.34 -40.06 8.71
N GLN D 78 25.45 -40.67 9.50
CA GLN D 78 24.06 -40.82 9.11
C GLN D 78 23.17 -39.73 9.71
N ASN D 79 23.62 -39.07 10.78
CA ASN D 79 22.82 -38.08 11.50
C ASN D 79 23.19 -36.65 11.14
N ASN D 80 23.54 -36.39 9.88
CA ASN D 80 23.91 -35.05 9.45
C ASN D 80 23.06 -34.61 8.26
N PRO D 81 22.87 -33.30 8.08
CA PRO D 81 21.99 -32.82 6.99
C PRO D 81 22.48 -33.12 5.59
N TYR D 82 23.77 -33.41 5.39
CA TYR D 82 24.25 -33.69 4.04
C TYR D 82 23.57 -34.91 3.47
N SER D 83 23.37 -34.91 2.14
CA SER D 83 22.94 -36.12 1.45
C SER D 83 24.10 -37.10 1.28
N SER D 84 25.33 -36.59 1.20
CA SER D 84 26.48 -37.46 0.97
C SER D 84 26.73 -38.36 2.17
N LYS D 85 26.53 -37.85 3.39
CA LYS D 85 26.75 -38.65 4.59
C LYS D 85 28.20 -39.10 4.71
N GLY D 86 29.12 -38.15 4.80
CA GLY D 86 30.53 -38.45 4.98
C GLY D 86 31.05 -38.01 6.33
N PRO D 87 32.06 -38.71 6.86
CA PRO D 87 32.65 -38.32 8.13
C PRO D 87 33.77 -37.30 7.96
N THR D 88 34.33 -36.87 9.10
CA THR D 88 35.35 -35.83 9.10
C THR D 88 36.66 -36.39 8.54
N VAL D 89 37.36 -35.58 7.75
CA VAL D 89 38.59 -35.99 7.08
C VAL D 89 39.66 -34.94 7.34
N ALA D 90 40.89 -35.42 7.60
CA ALA D 90 42.07 -34.57 7.67
C ALA D 90 43.09 -35.15 6.69
N GLN D 91 43.34 -34.43 5.60
CA GLN D 91 44.19 -34.95 4.54
C GLN D 91 45.64 -34.59 4.81
N LEU D 92 46.46 -35.59 5.13
CA LEU D 92 47.87 -35.46 5.45
C LEU D 92 48.70 -35.90 4.24
N SER D 93 50.01 -36.01 4.43
CA SER D 93 50.93 -36.50 3.40
C SER D 93 51.54 -37.82 3.84
N GLY D 94 52.35 -38.41 2.96
CA GLY D 94 52.96 -39.70 3.24
C GLY D 94 54.15 -39.64 4.17
N GLY D 95 54.63 -38.45 4.50
CA GLY D 95 55.77 -38.30 5.37
C GLY D 95 57.09 -38.38 4.62
N PRO D 96 58.22 -38.30 5.35
CA PRO D 96 58.26 -38.17 6.82
C PRO D 96 57.81 -36.80 7.31
N PHE D 97 57.23 -36.76 8.51
CA PHE D 97 56.77 -35.51 9.08
C PHE D 97 57.91 -34.81 9.81
N THR D 98 58.05 -33.51 9.56
CA THR D 98 59.15 -32.76 10.16
C THR D 98 59.04 -32.77 11.69
N ARG D 99 57.84 -32.55 12.22
CA ARG D 99 57.65 -32.51 13.66
C ARG D 99 56.16 -32.46 13.96
N TYR D 100 55.82 -32.65 15.24
CA TYR D 100 54.47 -32.52 15.70
C TYR D 100 54.46 -31.92 17.10
N HIS D 101 53.50 -31.03 17.33
CA HIS D 101 53.34 -30.30 18.59
C HIS D 101 51.95 -30.60 19.12
N LEU D 102 51.87 -31.12 20.35
CA LEU D 102 50.64 -31.67 20.90
C LEU D 102 50.31 -30.97 22.21
N PHE D 103 49.07 -30.50 22.33
CA PHE D 103 48.54 -29.92 23.56
C PHE D 103 47.48 -30.89 24.09
N ALA D 104 47.69 -31.40 25.31
CA ALA D 104 46.83 -32.42 25.87
C ALA D 104 46.22 -31.92 27.18
N THR D 105 44.93 -32.15 27.34
CA THR D 105 44.21 -31.82 28.56
C THR D 105 43.14 -32.87 28.79
N ALA D 106 42.46 -32.78 29.93
CA ALA D 106 41.42 -33.74 30.26
C ALA D 106 40.15 -33.52 29.43
N ALA D 107 39.99 -32.34 28.82
CA ALA D 107 38.78 -32.00 28.10
C ALA D 107 38.95 -31.85 26.59
N TYR D 108 40.19 -31.71 26.12
CA TYR D 108 40.42 -31.47 24.70
C TYR D 108 41.84 -31.88 24.33
N LEU D 109 42.04 -32.10 23.03
CA LEU D 109 43.32 -32.51 22.46
C LEU D 109 43.56 -31.73 21.19
N HIS D 110 44.69 -31.03 21.11
CA HIS D 110 45.02 -30.18 19.98
C HIS D 110 46.34 -30.69 19.41
N LEU D 111 46.45 -30.75 18.08
CA LEU D 111 47.66 -31.21 17.42
C LEU D 111 47.99 -30.30 16.24
N HIS D 112 49.27 -30.01 16.06
CA HIS D 112 49.76 -29.23 14.92
C HIS D 112 51.01 -29.92 14.40
N VAL D 113 50.91 -30.50 13.20
CA VAL D 113 51.97 -31.34 12.64
C VAL D 113 52.60 -30.61 11.47
N GLU D 114 53.90 -30.30 11.59
CA GLU D 114 54.68 -29.82 10.45
C GLU D 114 55.11 -31.05 9.66
N ILE D 115 54.36 -31.32 8.59
CA ILE D 115 54.65 -32.48 7.74
C ILE D 115 55.89 -32.25 6.89
N ALA D 116 56.14 -31.01 6.48
CA ALA D 116 57.31 -30.68 5.68
C ALA D 116 57.64 -29.22 5.94
N ALA D 117 58.81 -28.80 5.47
CA ALA D 117 59.24 -27.43 5.67
C ALA D 117 58.17 -26.46 5.19
N GLY D 118 57.57 -25.74 6.15
CA GLY D 118 56.54 -24.78 5.85
C GLY D 118 55.16 -25.35 5.66
N GLN D 119 54.98 -26.66 5.77
CA GLN D 119 53.68 -27.31 5.58
C GLN D 119 53.19 -27.81 6.93
N PHE D 120 52.03 -27.29 7.36
CA PHE D 120 51.47 -27.59 8.66
C PHE D 120 50.02 -28.04 8.53
N ARG D 121 49.62 -28.97 9.40
CA ARG D 121 48.26 -29.49 9.44
C ARG D 121 47.75 -29.47 10.88
N PRO D 122 46.62 -28.83 11.15
CA PRO D 122 46.02 -28.93 12.48
C PRO D 122 45.00 -30.05 12.58
N VAL D 123 44.84 -30.56 13.79
CA VAL D 123 43.84 -31.57 14.12
C VAL D 123 43.31 -31.26 15.51
N MET D 124 42.01 -30.96 15.63
CA MET D 124 41.48 -30.41 16.86
C MET D 124 40.34 -31.27 17.34
N ILE D 125 40.29 -31.56 18.65
CA ILE D 125 39.17 -32.26 19.24
C ILE D 125 38.92 -31.65 20.62
N GLY D 126 37.65 -31.56 20.98
CA GLY D 126 37.34 -31.14 22.34
C GLY D 126 35.87 -30.78 22.48
N SER D 127 35.60 -29.97 23.50
CA SER D 127 34.26 -29.47 23.79
C SER D 127 34.33 -27.99 24.06
N LEU D 128 33.39 -27.24 23.50
CA LEU D 128 33.37 -25.79 23.68
C LEU D 128 33.11 -25.43 25.14
N ASN D 129 33.75 -24.37 25.61
CA ASN D 129 33.48 -23.88 26.95
C ASN D 129 32.05 -23.36 27.03
N LYS D 130 31.22 -24.03 27.83
CA LYS D 130 29.82 -23.66 27.92
C LYS D 130 29.61 -22.24 28.42
N ARG D 131 30.50 -21.73 29.27
CA ARG D 131 30.39 -20.37 29.79
C ARG D 131 29.04 -20.15 30.47
N GLY D 132 28.53 -21.20 31.13
CA GLY D 132 27.26 -21.13 31.83
C GLY D 132 26.04 -21.32 30.95
N VAL D 133 26.21 -21.48 29.64
CA VAL D 133 25.06 -21.66 28.77
C VAL D 133 24.60 -23.11 28.84
N GLY D 134 23.30 -23.28 29.04
CA GLY D 134 22.74 -24.62 29.21
C GLY D 134 22.36 -25.26 27.89
N TYR D 135 23.23 -26.14 27.38
CA TYR D 135 22.96 -26.87 26.16
C TYR D 135 23.69 -28.19 26.21
N THR D 136 23.11 -29.20 25.58
CA THR D 136 23.69 -30.53 25.55
C THR D 136 24.51 -30.70 24.27
N GLY D 137 25.68 -31.32 24.41
CA GLY D 137 26.60 -31.49 23.31
C GLY D 137 27.83 -30.63 23.43
N GLY D 138 28.13 -29.85 22.40
CA GLY D 138 29.27 -28.96 22.40
C GLY D 138 30.57 -29.60 21.96
N GLN D 139 30.57 -30.90 21.68
CA GLN D 139 31.79 -31.55 21.24
C GLN D 139 32.08 -31.20 19.78
N TYR D 140 33.31 -30.76 19.53
CA TYR D 140 33.76 -30.34 18.21
C TYR D 140 34.96 -31.17 17.78
N VAL D 141 34.95 -31.55 16.51
CA VAL D 141 36.04 -32.30 15.89
C VAL D 141 36.38 -31.63 14.57
N CYS D 142 37.65 -31.24 14.39
CA CYS D 142 38.08 -30.51 13.22
C CYS D 142 39.31 -31.18 12.61
N GLY D 143 39.32 -31.25 11.29
CA GLY D 143 40.48 -31.70 10.53
C GLY D 143 40.86 -30.69 9.46
N SER D 144 41.85 -31.02 8.64
CA SER D 144 42.35 -30.12 7.61
C SER D 144 42.26 -30.78 6.24
N PHE D 145 41.77 -30.05 5.26
CA PHE D 145 41.61 -30.54 3.90
C PHE D 145 42.33 -29.62 2.93
N ILE D 146 43.00 -30.23 1.94
CA ILE D 146 43.70 -29.50 0.89
C ILE D 146 43.02 -29.83 -0.43
N TYR D 147 42.75 -28.80 -1.24
CA TYR D 147 42.00 -29.01 -2.47
C TYR D 147 42.83 -29.76 -3.50
N THR D 148 43.92 -29.15 -3.98
CA THR D 148 44.80 -29.80 -4.95
C THR D 148 46.20 -29.22 -4.83
N PRO D 149 47.24 -30.05 -4.72
CA PRO D 149 48.60 -29.52 -4.70
C PRO D 149 48.98 -28.87 -6.03
N GLY D 150 49.87 -27.88 -5.98
CA GLY D 150 50.33 -27.19 -7.16
C GLY D 150 49.47 -26.03 -7.60
N GLN D 151 48.15 -26.12 -7.44
CA GLN D 151 47.25 -25.02 -7.75
C GLN D 151 46.90 -24.25 -6.48
N ALA D 152 45.96 -23.32 -6.61
CA ALA D 152 45.53 -22.55 -5.46
C ALA D 152 45.16 -23.48 -4.32
N LEU D 153 45.98 -23.47 -3.27
CA LEU D 153 45.81 -24.45 -2.20
C LEU D 153 44.64 -24.09 -1.29
N THR D 154 44.39 -22.80 -1.07
CA THR D 154 43.26 -22.34 -0.28
C THR D 154 42.09 -21.93 -1.16
N ASN D 155 41.89 -22.65 -2.27
CA ASN D 155 40.84 -22.31 -3.22
C ASN D 155 39.48 -22.31 -2.52
N ASN D 156 38.48 -21.77 -3.24
CA ASN D 156 37.15 -21.63 -2.66
C ASN D 156 36.56 -22.97 -2.22
N TRP D 157 36.83 -24.05 -2.96
CA TRP D 157 36.29 -25.35 -2.65
C TRP D 157 36.91 -25.99 -1.41
N SER D 158 38.04 -25.46 -0.93
CA SER D 158 38.71 -26.00 0.23
C SER D 158 37.87 -25.78 1.49
N SER D 159 38.11 -26.62 2.49
CA SER D 159 37.46 -26.49 3.79
C SER D 159 38.52 -26.60 4.87
N HIS D 160 38.32 -25.84 5.94
CA HIS D 160 39.28 -25.70 7.02
C HIS D 160 38.57 -25.81 8.37
N PRO D 161 39.32 -26.03 9.45
CA PRO D 161 38.68 -26.09 10.77
C PRO D 161 37.89 -24.82 11.05
N PHE D 162 36.68 -25.00 11.57
CA PHE D 162 35.83 -23.89 11.97
C PHE D 162 35.48 -22.98 10.79
N ASP D 163 35.61 -23.51 9.57
CA ASP D 163 35.47 -22.67 8.39
C ASP D 163 34.06 -22.12 8.27
N GLY D 164 33.96 -20.93 7.66
CA GLY D 164 32.68 -20.28 7.47
C GLY D 164 32.27 -20.19 6.01
N TYR D 165 33.09 -20.74 5.12
CA TYR D 165 32.81 -20.65 3.68
C TYR D 165 33.57 -21.72 2.91
N HIS D 166 32.84 -22.63 2.26
CA HIS D 166 33.47 -23.68 1.48
C HIS D 166 32.45 -24.22 0.47
N ILE D 167 32.96 -24.81 -0.60
CA ILE D 167 32.13 -25.43 -1.62
C ILE D 167 32.54 -26.89 -1.75
N GLN D 168 31.69 -27.80 -1.27
CA GLN D 168 31.98 -29.23 -1.34
C GLN D 168 30.71 -30.00 -0.97
N TYR D 169 30.46 -31.10 -1.69
CA TYR D 169 29.25 -31.89 -1.52
C TYR D 169 29.52 -33.24 -0.86
N SER D 170 30.77 -33.59 -0.61
CA SER D 170 31.12 -34.93 -0.14
C SER D 170 31.61 -34.93 1.30
N ASN D 171 32.62 -34.12 1.64
CA ASN D 171 33.28 -34.19 2.93
C ASN D 171 33.27 -32.84 3.61
N SER D 172 33.41 -32.86 4.93
CA SER D 172 33.49 -31.66 5.75
C SER D 172 34.80 -31.68 6.52
N SER D 173 35.30 -30.48 6.85
CA SER D 173 36.57 -30.34 7.55
C SER D 173 36.41 -30.24 9.07
N CYS D 174 35.22 -29.92 9.57
CA CYS D 174 35.00 -29.90 11.00
C CYS D 174 33.50 -29.95 11.28
N MET D 175 33.14 -30.31 12.51
CA MET D 175 31.75 -30.56 12.87
C MET D 175 31.55 -30.38 14.36
N LEU D 176 30.35 -29.98 14.75
CA LEU D 176 30.03 -29.57 16.12
C LEU D 176 28.70 -30.19 16.54
N ARG D 177 28.65 -30.72 17.77
CA ARG D 177 27.42 -31.33 18.27
C ARG D 177 26.52 -30.28 18.91
N LEU D 178 25.24 -30.32 18.60
CA LEU D 178 24.25 -29.46 19.21
C LEU D 178 22.96 -30.26 19.30
N ASP D 179 22.55 -30.62 20.51
CA ASP D 179 21.50 -31.61 20.70
C ASP D 179 20.14 -30.95 20.80
N GLY D 180 19.14 -31.61 20.22
CA GLY D 180 17.76 -31.16 20.35
C GLY D 180 17.44 -29.84 19.68
N LEU D 181 18.21 -29.44 18.67
CA LEU D 181 17.95 -28.16 18.01
C LEU D 181 16.62 -28.20 17.27
N ASP D 182 15.76 -27.23 17.56
CA ASP D 182 14.48 -27.09 16.87
C ASP D 182 13.65 -28.36 16.98
N GLY D 183 13.66 -28.97 18.15
CA GLY D 183 12.78 -30.08 18.45
C GLY D 183 13.13 -31.39 17.77
N GLY D 184 14.30 -31.50 17.17
CA GLY D 184 14.71 -32.72 16.52
C GLY D 184 15.22 -33.74 17.51
N PRO D 185 15.49 -34.97 17.04
CA PRO D 185 16.08 -35.99 17.91
C PRO D 185 17.41 -35.50 18.49
N SER D 186 17.73 -35.93 19.71
CA SER D 186 18.91 -35.41 20.38
C SER D 186 20.16 -35.57 19.52
N PRO D 187 20.39 -36.73 18.88
CA PRO D 187 21.63 -36.88 18.11
C PRO D 187 21.65 -35.97 16.89
N GLU D 188 22.43 -34.90 16.94
CA GLU D 188 22.54 -33.97 15.82
C GLU D 188 23.97 -33.46 15.74
N TRP D 189 24.61 -33.74 14.60
CA TRP D 189 26.00 -33.42 14.35
C TRP D 189 26.07 -32.36 13.25
N LEU D 190 26.00 -31.08 13.64
CA LEU D 190 25.89 -29.99 12.68
C LEU D 190 27.24 -29.69 12.05
N PRO D 191 27.33 -29.63 10.73
CA PRO D 191 28.59 -29.28 10.07
C PRO D 191 28.73 -27.78 9.88
N PHE D 192 29.96 -27.35 9.62
CA PHE D 192 30.26 -25.96 9.28
C PHE D 192 30.06 -25.77 7.79
N ASP D 193 28.85 -25.37 7.41
CA ASP D 193 28.52 -25.10 6.01
C ASP D 193 27.66 -23.85 5.96
N TYR D 194 27.71 -23.15 4.82
CA TYR D 194 26.98 -21.90 4.66
C TYR D 194 26.18 -21.80 3.37
N THR D 195 26.49 -22.59 2.35
CA THR D 195 25.83 -22.45 1.05
C THR D 195 24.75 -23.49 0.79
N THR D 196 24.65 -24.52 1.62
CA THR D 196 23.65 -25.57 1.44
C THR D 196 22.24 -25.10 1.77
N ASN D 197 22.08 -23.96 2.44
CA ASN D 197 20.77 -23.42 2.79
C ASN D 197 19.96 -24.42 3.63
N VAL D 198 20.65 -25.33 4.30
CA VAL D 198 19.94 -26.28 5.18
C VAL D 198 19.34 -25.53 6.35
N PRO D 199 18.19 -25.97 6.88
CA PRO D 199 17.56 -25.20 7.96
C PRO D 199 18.44 -25.04 9.18
N ARG D 200 19.22 -26.05 9.54
CA ARG D 200 20.07 -26.01 10.73
C ARG D 200 21.52 -26.19 10.34
N ARG D 201 22.39 -25.32 10.84
CA ARG D 201 23.81 -25.38 10.51
C ARG D 201 24.59 -24.53 11.50
N VAL D 202 25.91 -24.52 11.33
CA VAL D 202 26.81 -23.78 12.20
C VAL D 202 27.89 -23.10 11.37
N VAL D 203 28.52 -22.08 11.95
CA VAL D 203 29.51 -21.26 11.26
C VAL D 203 30.56 -20.79 12.26
N GLY D 204 31.78 -20.61 11.78
CA GLY D 204 32.89 -20.19 12.61
C GLY D 204 33.91 -19.33 11.88
N PRO D 205 34.88 -18.78 12.63
CA PRO D 205 35.91 -17.92 12.02
C PRO D 205 37.04 -18.67 11.33
N GLY D 206 36.82 -19.95 11.00
CA GLY D 206 37.93 -20.83 10.66
C GLY D 206 38.89 -20.30 9.64
N ARG D 207 38.41 -19.77 8.52
CA ARG D 207 39.30 -19.34 7.45
C ARG D 207 40.10 -18.09 7.79
N GLY D 208 39.78 -17.42 8.89
CA GLY D 208 40.53 -16.25 9.30
C GLY D 208 39.98 -14.96 8.73
N ASN D 209 40.67 -14.41 7.73
CA ASN D 209 40.27 -13.12 7.14
C ASN D 209 40.18 -13.26 5.63
N TYR D 210 39.51 -14.31 5.16
CA TYR D 210 39.27 -14.50 3.74
C TYR D 210 38.27 -13.46 3.24
N SER D 211 38.31 -13.21 1.94
CA SER D 211 37.45 -12.19 1.35
C SER D 211 35.97 -12.48 1.61
N SER D 212 35.58 -13.76 1.58
CA SER D 212 34.19 -14.15 1.74
C SER D 212 33.94 -14.93 3.03
N GLN D 213 34.71 -14.67 4.08
CA GLN D 213 34.50 -15.33 5.37
C GLN D 213 33.32 -14.67 6.07
N TYR D 214 32.41 -15.48 6.61
CA TYR D 214 31.19 -14.98 7.26
C TYR D 214 31.37 -15.10 8.76
N HIS D 215 31.79 -14.00 9.39
CA HIS D 215 31.86 -13.90 10.84
C HIS D 215 32.09 -12.44 11.17
N PRO D 216 31.45 -11.90 12.21
CA PRO D 216 31.59 -10.47 12.49
C PRO D 216 32.87 -10.11 13.21
N ASP D 217 33.59 -11.08 13.76
CA ASP D 217 34.85 -10.83 14.44
C ASP D 217 36.04 -10.89 13.48
N VAL D 218 35.80 -11.06 12.19
CA VAL D 218 36.89 -11.19 11.24
C VAL D 218 37.82 -9.99 11.32
N GLY D 219 37.25 -8.79 11.38
CA GLY D 219 38.06 -7.59 11.44
C GLY D 219 39.01 -7.58 12.63
N LEU D 220 38.63 -8.22 13.73
CA LEU D 220 39.55 -8.30 14.87
C LEU D 220 40.82 -9.04 14.48
N ILE D 221 40.69 -10.17 13.78
CA ILE D 221 41.89 -10.89 13.36
C ILE D 221 42.76 -9.99 12.51
N ASP D 222 42.18 -9.34 11.51
CA ASP D 222 42.94 -8.38 10.71
C ASP D 222 43.58 -7.33 11.60
N ALA D 223 42.85 -6.87 12.62
CA ALA D 223 43.35 -5.85 13.53
C ALA D 223 44.04 -6.43 14.76
N SER D 224 44.29 -7.75 14.78
CA SER D 224 44.92 -8.36 15.94
C SER D 224 46.30 -7.81 16.22
N ALA D 225 46.93 -7.16 15.24
CA ALA D 225 48.26 -6.58 15.40
C ALA D 225 48.13 -5.06 15.54
N ASN D 226 48.93 -4.49 16.44
CA ASN D 226 48.96 -3.05 16.67
C ASN D 226 50.28 -2.51 16.15
N GLU D 227 50.21 -1.54 15.24
CA GLU D 227 51.43 -0.99 14.64
C GLU D 227 52.15 -0.05 15.59
N LEU D 228 51.40 0.72 16.40
CA LEU D 228 52.03 1.72 17.25
C LEU D 228 52.97 1.10 18.27
N ASN D 229 52.57 -0.02 18.89
CA ASN D 229 53.39 -0.65 19.93
C ASN D 229 53.75 -2.10 19.59
N SER D 230 53.39 -2.58 18.40
CA SER D 230 53.71 -3.94 17.98
C SER D 230 53.10 -4.97 18.93
N SER D 231 51.97 -4.65 19.54
CA SER D 231 51.30 -5.53 20.47
C SER D 231 50.25 -6.37 19.76
N THR D 232 50.09 -7.61 20.23
CA THR D 232 49.13 -8.55 19.68
C THR D 232 48.22 -9.05 20.78
N THR D 233 46.94 -9.25 20.45
CA THR D 233 45.93 -9.67 21.41
C THR D 233 45.27 -10.96 20.94
N THR D 234 44.56 -11.59 21.88
CA THR D 234 43.83 -12.83 21.61
C THR D 234 42.36 -12.50 21.35
N VAL D 235 41.82 -13.06 20.28
CA VAL D 235 40.43 -12.85 19.90
C VAL D 235 39.67 -14.15 20.14
N PRO D 236 38.66 -14.18 21.02
CA PRO D 236 37.90 -15.41 21.20
C PRO D 236 37.28 -15.89 19.90
N CYS D 237 37.28 -17.21 19.71
CA CYS D 237 36.77 -17.82 18.49
C CYS D 237 35.31 -18.22 18.72
N ALA D 238 34.43 -17.22 18.60
CA ALA D 238 33.01 -17.45 18.80
C ALA D 238 32.42 -18.25 17.64
N ILE D 239 31.51 -19.17 17.97
CA ILE D 239 30.83 -20.00 16.98
C ILE D 239 29.37 -19.59 16.96
N TYR D 240 28.74 -19.68 15.78
CA TYR D 240 27.36 -19.27 15.60
C TYR D 240 26.56 -20.44 15.06
N ALA D 241 25.27 -20.48 15.39
CA ALA D 241 24.37 -21.53 14.93
C ALA D 241 23.14 -20.90 14.29
N PHE D 242 22.71 -21.48 13.17
CA PHE D 242 21.54 -21.04 12.43
C PHE D 242 20.47 -22.12 12.52
N GLY D 243 19.26 -21.72 12.92
CA GLY D 243 18.16 -22.64 13.11
C GLY D 243 17.13 -22.57 12.02
N ALA D 244 15.97 -23.19 12.29
CA ALA D 244 14.93 -23.33 11.27
C ALA D 244 14.40 -21.98 10.81
N GLN D 245 14.13 -21.07 11.74
CA GLN D 245 13.59 -19.76 11.40
C GLN D 245 14.68 -18.77 11.00
N GLN D 246 15.87 -19.24 10.63
CA GLN D 246 16.99 -18.39 10.26
C GLN D 246 17.36 -17.42 11.38
N ARG D 247 17.05 -17.78 12.62
CA ARG D 247 17.36 -16.95 13.78
C ARG D 247 18.59 -17.52 14.47
N SER D 248 19.67 -16.76 14.51
CA SER D 248 20.94 -17.27 14.98
C SER D 248 20.99 -17.31 16.50
N ARG D 249 21.92 -18.11 17.03
CA ARG D 249 22.16 -18.20 18.47
C ARG D 249 23.64 -18.39 18.71
N TYR D 250 24.25 -17.45 19.44
CA TYR D 250 25.62 -17.62 19.86
C TYR D 250 25.74 -18.83 20.78
N VAL D 251 26.73 -19.68 20.52
CA VAL D 251 26.82 -20.96 21.21
C VAL D 251 28.04 -21.06 22.13
N GLY D 252 29.13 -20.37 21.85
CA GLY D 252 30.28 -20.40 22.72
C GLY D 252 31.55 -20.04 21.99
N GLU D 253 32.67 -20.29 22.66
CA GLU D 253 34.00 -19.96 22.18
C GLU D 253 34.91 -21.18 22.30
N VAL D 254 35.98 -21.17 21.52
CA VAL D 254 36.91 -22.32 21.51
C VAL D 254 37.84 -22.22 22.72
N PRO D 255 37.91 -23.25 23.56
CA PRO D 255 38.77 -23.15 24.75
C PRO D 255 40.24 -22.95 24.38
N ASP D 256 40.92 -22.13 25.19
CA ASP D 256 42.38 -21.94 25.11
C ASP D 256 42.87 -21.79 23.67
N PHE D 257 42.09 -21.13 22.81
CA PHE D 257 42.44 -21.00 21.40
C PHE D 257 42.15 -19.58 20.93
N GLY D 258 42.99 -19.06 20.05
CA GLY D 258 42.77 -17.76 19.46
C GLY D 258 43.34 -17.70 18.05
N ILE D 259 42.96 -16.65 17.33
CA ILE D 259 43.47 -16.41 15.98
C ILE D 259 44.03 -14.99 15.94
N CYS D 260 45.09 -14.82 15.16
CA CYS D 260 45.77 -13.54 15.09
C CYS D 260 46.43 -13.37 13.73
N ASN D 261 46.97 -12.17 13.50
CA ASN D 261 47.71 -11.87 12.28
C ASN D 261 49.20 -12.04 12.57
N MET D 262 49.90 -12.73 11.67
CA MET D 262 51.30 -13.06 11.84
C MET D 262 52.21 -12.18 10.97
N ALA D 263 51.77 -10.95 10.67
CA ALA D 263 52.56 -10.08 9.80
C ALA D 263 53.94 -9.77 10.38
N PHE D 264 54.01 -9.46 11.67
CA PHE D 264 55.25 -9.05 12.32
C PHE D 264 55.83 -10.12 13.22
N LEU D 265 55.43 -11.38 13.06
CA LEU D 265 55.91 -12.47 13.89
C LEU D 265 56.42 -13.60 13.00
N ALA D 266 57.46 -14.28 13.49
CA ALA D 266 57.95 -15.49 12.85
C ALA D 266 57.31 -16.71 13.49
N PRO D 267 57.28 -17.85 12.78
CA PRO D 267 56.64 -19.04 13.35
C PRO D 267 57.24 -19.41 14.70
N GLY D 268 56.36 -19.67 15.67
CA GLY D 268 56.78 -20.05 16.99
C GLY D 268 57.18 -18.89 17.90
N ASP D 269 57.13 -17.66 17.40
CA ASP D 269 57.54 -16.52 18.21
C ASP D 269 56.49 -16.26 19.31
N PRO D 270 56.90 -16.30 20.58
CA PRO D 270 55.93 -16.08 21.65
C PRO D 270 55.81 -14.62 22.05
N LEU D 271 54.63 -14.27 22.58
CA LEU D 271 54.37 -12.94 23.15
C LEU D 271 53.52 -13.16 24.40
N VAL D 272 54.14 -13.04 25.57
CA VAL D 272 53.47 -13.29 26.83
C VAL D 272 52.55 -12.12 27.16
N VAL D 273 51.24 -12.35 27.07
CA VAL D 273 50.25 -11.35 27.45
C VAL D 273 49.73 -11.69 28.84
N GLY D 274 50.26 -11.03 29.86
CA GLY D 274 49.85 -11.30 31.22
C GLY D 274 50.62 -12.47 31.81
N SER D 275 50.01 -13.16 32.76
CA SER D 275 50.67 -14.29 33.40
C SER D 275 50.60 -15.56 32.56
N ASP D 276 49.72 -15.60 31.57
CA ASP D 276 49.60 -16.76 30.68
C ASP D 276 50.46 -16.55 29.45
N THR D 277 51.00 -17.65 28.94
CA THR D 277 51.95 -17.61 27.83
C THR D 277 51.31 -18.18 26.57
N TRP D 278 51.65 -17.61 25.42
CA TRP D 278 51.02 -17.93 24.15
C TRP D 278 52.03 -18.51 23.18
N ARG D 279 51.63 -19.57 22.48
CA ARG D 279 52.39 -20.14 21.37
C ARG D 279 51.61 -19.93 20.09
N VAL D 280 52.25 -19.30 19.10
CA VAL D 280 51.61 -18.96 17.84
C VAL D 280 52.28 -19.76 16.72
N TYR D 281 51.47 -20.38 15.87
CA TYR D 281 51.98 -21.08 14.70
C TYR D 281 51.09 -20.83 13.50
N PRO D 282 51.66 -20.80 12.29
CA PRO D 282 50.85 -20.58 11.10
C PRO D 282 49.93 -21.76 10.82
N LEU D 283 48.84 -21.50 10.09
CA LEU D 283 47.89 -22.55 9.78
C LEU D 283 48.47 -23.56 8.81
N LEU D 284 48.85 -23.09 7.62
CA LEU D 284 49.31 -24.01 6.57
C LEU D 284 50.74 -23.70 6.15
N GLN D 285 51.05 -22.44 5.87
CA GLN D 285 52.38 -22.07 5.40
C GLN D 285 52.52 -20.55 5.45
N ARG D 286 53.77 -20.09 5.52
CA ARG D 286 54.06 -18.67 5.51
C ARG D 286 54.06 -18.13 4.09
N GLY D 287 53.31 -17.05 3.88
CA GLY D 287 53.27 -16.39 2.60
C GLY D 287 53.22 -14.88 2.74
N THR D 288 52.50 -14.20 1.87
CA THR D 288 52.33 -12.76 1.95
C THR D 288 50.92 -12.40 2.40
N ALA D 289 50.65 -11.10 2.48
CA ALA D 289 49.37 -10.63 2.98
C ALA D 289 48.22 -11.06 2.08
N THR D 290 48.39 -10.98 0.76
CA THR D 290 47.31 -11.19 -0.18
C THR D 290 47.34 -12.57 -0.85
N ASP D 291 48.18 -13.49 -0.40
CA ASP D 291 48.26 -14.83 -1.00
C ASP D 291 47.23 -15.73 -0.33
N PHE D 292 45.97 -15.55 -0.74
CA PHE D 292 44.89 -16.42 -0.32
C PHE D 292 44.68 -17.60 -1.26
N ASP D 293 45.48 -17.72 -2.32
CA ASP D 293 45.33 -18.81 -3.28
C ASP D 293 46.36 -19.92 -3.00
N SER D 294 47.63 -19.55 -2.90
CA SER D 294 48.70 -20.54 -2.82
C SER D 294 49.09 -20.90 -1.39
N THR D 295 48.74 -20.07 -0.41
CA THR D 295 49.07 -20.34 0.99
C THR D 295 47.93 -19.86 1.87
N SER D 296 48.18 -19.87 3.19
CA SER D 296 47.20 -19.44 4.19
C SER D 296 47.47 -18.02 4.67
N ALA D 297 48.03 -17.18 3.81
CA ALA D 297 48.29 -15.76 4.09
C ALA D 297 49.04 -15.67 5.42
N TRP D 298 48.61 -14.84 6.37
CA TRP D 298 49.31 -14.63 7.63
C TRP D 298 48.46 -15.01 8.84
N VAL D 299 47.44 -15.84 8.65
CA VAL D 299 46.62 -16.26 9.78
C VAL D 299 47.45 -17.15 10.69
N GLY D 300 47.41 -16.88 11.99
CA GLY D 300 48.18 -17.64 12.97
C GLY D 300 47.27 -18.11 14.09
N TYR D 301 47.44 -19.38 14.47
CA TYR D 301 46.68 -20.00 15.54
C TYR D 301 47.49 -19.88 16.82
N CYS D 302 46.86 -19.42 17.89
CA CYS D 302 47.50 -19.18 19.18
C CYS D 302 46.91 -20.11 20.23
N PHE D 303 47.78 -20.82 20.95
CA PHE D 303 47.38 -21.74 22.00
C PHE D 303 48.01 -21.28 23.31
N ARG D 304 47.25 -21.38 24.39
CA ARG D 304 47.75 -21.02 25.71
C ARG D 304 48.57 -22.17 26.27
N VAL D 305 49.87 -21.96 26.44
CA VAL D 305 50.78 -23.01 26.88
C VAL D 305 50.84 -23.01 28.41
N VAL D 306 50.67 -24.18 29.00
CA VAL D 306 50.70 -24.33 30.44
C VAL D 306 51.51 -25.57 30.83
N ALA E 2 -41.87 6.95 -34.21
CA ALA E 2 -40.63 6.60 -33.53
C ALA E 2 -39.51 6.36 -34.54
N THR E 3 -39.88 6.24 -35.81
CA THR E 3 -38.93 6.00 -36.88
C THR E 3 -39.25 6.91 -38.06
N GLU E 4 -38.21 7.46 -38.68
CA GLU E 4 -38.37 8.27 -39.88
C GLU E 4 -37.22 8.02 -40.84
N PHE E 5 -37.57 7.75 -42.10
CA PHE E 5 -36.60 7.62 -43.18
C PHE E 5 -36.85 8.75 -44.18
N GLY E 6 -35.81 9.50 -44.52
CA GLY E 6 -36.02 10.63 -45.40
C GLY E 6 -34.74 11.13 -46.02
N THR E 7 -34.83 12.32 -46.61
CA THR E 7 -33.67 13.00 -47.18
C THR E 7 -33.74 14.47 -46.83
N ALA E 8 -32.77 14.93 -46.03
CA ALA E 8 -32.73 16.33 -45.61
C ALA E 8 -31.93 17.16 -46.60
N VAL E 9 -32.46 18.34 -46.96
CA VAL E 9 -31.80 19.16 -47.96
C VAL E 9 -30.43 19.63 -47.48
N ASN E 10 -30.25 19.81 -46.18
CA ASN E 10 -28.96 20.21 -45.63
C ASN E 10 -28.96 19.90 -44.13
N HIS E 11 -27.81 20.19 -43.50
CA HIS E 11 -27.65 19.87 -42.08
C HIS E 11 -28.62 20.64 -41.21
N ALA E 12 -28.83 21.93 -41.50
CA ALA E 12 -29.80 22.71 -40.72
C ALA E 12 -31.20 22.13 -40.86
N ASP E 13 -31.61 21.82 -42.09
CA ASP E 13 -32.92 21.21 -42.30
C ASP E 13 -32.97 19.83 -41.65
N LEU E 14 -31.84 19.12 -41.64
CA LEU E 14 -31.81 17.82 -40.98
C LEU E 14 -32.08 17.95 -39.49
N VAL E 15 -31.46 18.93 -38.83
CA VAL E 15 -31.69 19.15 -37.41
C VAL E 15 -33.13 19.59 -37.18
N GLU E 16 -33.65 20.44 -38.07
CA GLU E 16 -35.04 20.85 -37.95
C GLU E 16 -35.98 19.65 -38.02
N ARG E 17 -35.72 18.74 -38.97
CA ARG E 17 -36.54 17.54 -39.09
C ARG E 17 -36.40 16.66 -37.86
N LEU E 18 -35.19 16.58 -37.29
CA LEU E 18 -35.00 15.81 -36.07
C LEU E 18 -35.88 16.36 -34.95
N VAL E 19 -35.86 17.67 -34.74
CA VAL E 19 -36.63 18.24 -33.63
C VAL E 19 -38.14 18.10 -33.90
N GLN E 20 -38.55 18.30 -35.15
CA GLN E 20 -39.95 18.12 -35.50
C GLN E 20 -40.39 16.68 -35.26
N PHE E 21 -39.52 15.72 -35.55
CA PHE E 21 -39.80 14.32 -35.25
C PHE E 21 -39.93 14.10 -33.74
N LEU E 22 -38.99 14.65 -32.98
CA LEU E 22 -38.99 14.43 -31.54
C LEU E 22 -40.22 15.05 -30.87
N THR E 23 -40.77 16.13 -31.44
CA THR E 23 -41.91 16.79 -30.81
C THR E 23 -43.25 16.46 -31.42
N ALA E 24 -43.29 15.95 -32.66
CA ALA E 24 -44.56 15.80 -33.35
C ALA E 24 -44.74 14.44 -34.01
N SER E 25 -43.89 13.46 -33.73
CA SER E 25 -44.17 12.10 -34.18
C SER E 25 -45.48 11.63 -33.57
N PRO E 26 -46.39 11.02 -34.34
CA PRO E 26 -47.70 10.67 -33.76
C PRO E 26 -47.58 9.76 -32.56
N ASP E 27 -46.64 8.81 -32.60
CA ASP E 27 -46.44 7.92 -31.46
C ASP E 27 -45.99 8.70 -30.22
N LEU E 28 -45.06 9.65 -30.40
CA LEU E 28 -44.54 10.39 -29.26
C LEU E 28 -45.63 11.25 -28.61
N VAL E 29 -46.39 11.98 -29.42
CA VAL E 29 -47.41 12.87 -28.87
C VAL E 29 -48.56 12.07 -28.27
N ALA E 30 -48.99 11.02 -28.98
CA ALA E 30 -50.12 10.23 -28.50
C ALA E 30 -49.82 9.56 -27.16
N ALA E 31 -48.62 9.02 -27.00
CA ALA E 31 -48.21 8.40 -25.75
C ALA E 31 -47.64 9.40 -24.75
N GLY E 32 -47.55 10.68 -25.10
CA GLY E 32 -47.03 11.67 -24.20
C GLY E 32 -45.57 11.47 -23.85
N GLN E 33 -44.75 11.08 -24.82
CA GLN E 33 -43.33 10.82 -24.61
C GLN E 33 -42.44 11.89 -25.24
N ALA E 34 -43.02 13.02 -25.66
CA ALA E 34 -42.25 14.04 -26.37
C ALA E 34 -41.22 14.68 -25.45
N TYR E 35 -40.13 15.16 -26.05
CA TYR E 35 -39.08 15.83 -25.31
C TYR E 35 -39.36 17.32 -25.18
N GLU E 36 -38.77 17.94 -24.17
CA GLU E 36 -38.91 19.37 -23.96
C GLU E 36 -37.62 20.10 -24.29
N LYS E 37 -37.71 21.09 -25.17
CA LYS E 37 -36.62 22.03 -25.44
C LYS E 37 -36.53 23.04 -24.30
N VAL E 38 -35.53 22.83 -23.44
CA VAL E 38 -35.27 23.80 -22.36
C VAL E 38 -34.38 24.94 -22.81
N PHE E 39 -33.64 24.79 -23.92
CA PHE E 39 -32.75 25.86 -24.36
C PHE E 39 -32.57 25.80 -25.86
N ASP E 40 -32.47 26.96 -26.49
CA ASP E 40 -32.17 27.07 -27.92
C ASP E 40 -31.57 28.44 -28.18
N ASN E 41 -30.40 28.47 -28.81
CA ASN E 41 -29.65 29.71 -28.96
C ASN E 41 -28.65 29.64 -30.11
N THR E 42 -28.15 30.82 -30.47
CA THR E 42 -27.05 30.98 -31.42
C THR E 42 -26.15 32.08 -30.92
N ILE E 43 -25.13 31.73 -30.15
CA ILE E 43 -24.28 32.71 -29.46
C ILE E 43 -23.22 33.30 -30.37
N PRO E 44 -22.54 32.52 -31.25
CA PRO E 44 -21.35 33.06 -31.90
C PRO E 44 -21.64 33.95 -33.08
N ALA E 45 -20.67 34.78 -33.45
CA ALA E 45 -20.76 35.63 -34.64
C ALA E 45 -20.00 34.97 -35.78
N SER E 46 -20.74 34.23 -36.60
CA SER E 46 -20.17 33.47 -37.69
C SER E 46 -19.29 34.34 -38.59
N GLY E 47 -18.03 33.92 -38.76
CA GLY E 47 -17.14 34.60 -39.69
C GLY E 47 -17.09 33.86 -41.01
N THR E 48 -15.99 33.16 -41.27
CA THR E 48 -15.91 32.26 -42.42
C THR E 48 -16.40 30.88 -42.01
N ALA E 49 -17.60 30.87 -41.44
CA ALA E 49 -18.19 29.66 -40.89
C ALA E 49 -19.71 29.77 -40.98
N ILE E 50 -20.36 28.61 -40.92
CA ILE E 50 -21.82 28.54 -40.98
C ILE E 50 -22.39 28.89 -39.61
N ALA E 51 -23.66 29.27 -39.55
CA ALA E 51 -24.30 29.61 -38.29
C ALA E 51 -24.27 28.41 -37.35
N VAL E 52 -24.13 28.69 -36.06
CA VAL E 52 -24.02 27.66 -35.03
C VAL E 52 -25.33 27.64 -34.25
N ARG E 53 -26.02 26.50 -34.28
CA ARG E 53 -27.21 26.28 -33.48
C ARG E 53 -26.86 25.47 -32.25
N GLN E 54 -27.43 25.86 -31.11
CA GLN E 54 -27.26 25.13 -29.86
C GLN E 54 -28.65 24.84 -29.30
N VAL E 55 -28.89 23.58 -28.93
CA VAL E 55 -30.18 23.14 -28.40
C VAL E 55 -29.93 22.27 -27.19
N THR E 56 -30.79 22.39 -26.18
CA THR E 56 -30.78 21.53 -25.01
C THR E 56 -32.20 21.08 -24.73
N LEU E 57 -32.42 19.78 -24.73
CA LEU E 57 -33.74 19.18 -24.61
C LEU E 57 -33.83 18.28 -23.38
N ARG E 58 -35.05 18.09 -22.90
CA ARG E 58 -35.32 17.28 -21.71
C ARG E 58 -36.26 16.14 -22.11
N ALA E 59 -35.89 14.92 -21.75
CA ALA E 59 -36.72 13.75 -21.96
C ALA E 59 -37.21 13.21 -20.62
N PRO E 60 -38.48 12.81 -20.51
CA PRO E 60 -39.01 12.31 -19.24
C PRO E 60 -38.95 10.79 -19.06
N GLY E 61 -38.63 10.04 -20.11
CA GLY E 61 -38.63 8.60 -20.03
C GLY E 61 -40.01 8.02 -20.27
N LEU E 62 -40.06 6.69 -20.36
CA LEU E 62 -41.32 6.01 -20.60
C LEU E 62 -42.30 6.18 -19.45
N GLY E 63 -41.82 6.07 -18.21
CA GLY E 63 -42.68 6.13 -17.05
C GLY E 63 -43.05 7.53 -16.58
N GLY E 64 -42.43 8.57 -17.14
CA GLY E 64 -42.73 9.93 -16.76
C GLY E 64 -42.14 10.35 -15.43
N THR E 65 -41.30 9.52 -14.82
CA THR E 65 -40.68 9.84 -13.54
C THR E 65 -39.18 10.10 -13.65
N ASP E 66 -38.59 9.95 -14.83
CA ASP E 66 -37.17 10.16 -15.01
C ASP E 66 -36.89 11.59 -15.44
N ALA E 67 -35.60 11.93 -15.46
CA ALA E 67 -35.12 13.26 -15.86
C ALA E 67 -33.87 13.06 -16.71
N ILE E 68 -34.01 13.27 -18.01
CA ILE E 68 -32.92 13.09 -18.96
C ILE E 68 -32.66 14.45 -19.62
N TYR E 69 -31.39 14.86 -19.67
CA TYR E 69 -31.01 16.12 -20.30
C TYR E 69 -29.97 15.85 -21.38
N MET E 70 -30.23 16.36 -22.59
CA MET E 70 -29.32 16.17 -23.71
C MET E 70 -29.09 17.50 -24.40
N GLY E 71 -27.96 17.62 -25.09
CA GLY E 71 -27.60 18.83 -25.82
C GLY E 71 -27.07 18.49 -27.20
N ILE E 72 -27.46 19.29 -28.19
CA ILE E 72 -27.07 19.13 -29.57
C ILE E 72 -26.51 20.47 -30.07
N GLN E 73 -25.59 20.41 -31.03
CA GLN E 73 -24.93 21.59 -31.57
C GLN E 73 -24.65 21.37 -33.04
N SER E 74 -24.72 22.44 -33.81
CA SER E 74 -24.24 22.41 -35.19
C SER E 74 -23.04 23.35 -35.34
N TYR E 75 -21.95 22.84 -35.90
CA TYR E 75 -20.72 23.60 -36.01
C TYR E 75 -20.09 23.30 -37.36
N GLY E 76 -19.83 24.35 -38.14
CA GLY E 76 -19.30 24.16 -39.48
C GLY E 76 -18.30 25.22 -39.87
N ASP E 77 -17.48 24.86 -40.84
CA ASP E 77 -16.49 25.76 -41.42
C ASP E 77 -16.47 25.54 -42.92
N THR E 78 -16.62 26.65 -43.67
CA THR E 78 -16.69 26.56 -45.13
C THR E 78 -15.32 26.30 -45.75
N ALA E 79 -14.27 26.97 -45.24
CA ALA E 79 -12.95 26.80 -45.81
C ALA E 79 -12.49 25.35 -45.76
N LEU E 80 -12.66 24.68 -44.62
CA LEU E 80 -12.41 23.26 -44.51
C LEU E 80 -13.61 22.42 -44.93
N ASP E 81 -14.77 23.04 -45.11
CA ASP E 81 -15.95 22.38 -45.66
C ASP E 81 -16.42 21.22 -44.79
N TYR E 82 -16.82 21.51 -43.56
CA TYR E 82 -17.52 20.55 -42.72
C TYR E 82 -18.69 21.25 -42.04
N TYR E 83 -19.72 20.46 -41.70
CA TYR E 83 -20.93 20.95 -41.03
C TYR E 83 -21.28 19.96 -39.92
N ASN E 84 -20.28 19.67 -39.09
CA ASN E 84 -20.35 18.70 -38.01
C ASN E 84 -21.54 18.97 -37.08
N LEU E 85 -22.02 17.89 -36.46
CA LEU E 85 -23.09 17.97 -35.46
C LEU E 85 -22.59 17.32 -34.17
N ARG E 86 -22.49 18.12 -33.11
CA ARG E 86 -21.96 17.66 -31.83
C ARG E 86 -23.10 17.32 -30.87
N LEU E 87 -22.83 16.38 -29.97
CA LEU E 87 -23.82 15.87 -29.03
C LEU E 87 -23.19 15.71 -27.66
N MET E 88 -24.00 15.89 -26.62
CA MET E 88 -23.54 15.68 -25.25
C MET E 88 -24.75 15.38 -24.36
N GLY E 89 -24.46 14.86 -23.17
CA GLY E 89 -25.50 14.53 -22.22
C GLY E 89 -25.23 15.10 -20.84
N GLY E 90 -26.27 15.23 -20.01
CA GLY E 90 -26.11 15.80 -18.69
C GLY E 90 -27.31 15.51 -17.83
N THR E 91 -27.22 15.97 -16.58
CA THR E 91 -28.29 15.76 -15.60
C THR E 91 -28.99 17.05 -15.18
N ALA E 92 -28.31 18.18 -15.22
CA ALA E 92 -28.90 19.44 -14.80
C ALA E 92 -28.43 20.53 -15.76
N PHE E 93 -29.13 21.65 -15.74
CA PHE E 93 -28.82 22.76 -16.63
C PHE E 93 -29.22 24.06 -15.95
N ASN E 94 -28.38 25.08 -16.14
CA ASN E 94 -28.64 26.38 -15.57
C ASN E 94 -28.01 27.45 -16.45
N PRO E 95 -28.80 28.22 -17.20
CA PRO E 95 -28.19 29.26 -18.05
C PRO E 95 -27.42 30.31 -17.27
N GLY E 96 -27.72 30.49 -15.98
CA GLY E 96 -26.98 31.46 -15.20
C GLY E 96 -25.60 30.99 -14.82
N ALA E 97 -25.36 29.68 -14.89
CA ALA E 97 -24.06 29.13 -14.52
C ALA E 97 -23.00 29.36 -15.59
N ILE E 98 -23.39 29.72 -16.80
CA ILE E 98 -22.44 29.92 -17.90
C ILE E 98 -21.52 31.09 -17.55
N PRO E 99 -20.19 30.92 -17.59
CA PRO E 99 -19.31 32.05 -17.36
C PRO E 99 -19.37 33.03 -18.51
N PRO E 100 -18.88 34.27 -18.33
CA PRO E 100 -18.86 35.23 -19.44
C PRO E 100 -18.11 34.68 -20.64
N GLY E 101 -18.67 34.85 -21.84
CA GLY E 101 -18.11 34.25 -23.03
C GLY E 101 -18.13 32.73 -22.95
N GLY E 102 -17.02 32.10 -23.30
CA GLY E 102 -16.92 30.65 -23.24
C GLY E 102 -18.05 29.94 -23.95
N ASP E 103 -18.60 28.91 -23.31
CA ASP E 103 -19.67 28.11 -23.90
C ASP E 103 -20.61 27.67 -22.77
N TYR E 104 -21.76 27.14 -23.17
CA TYR E 104 -22.80 26.74 -22.23
C TYR E 104 -22.67 25.28 -21.80
N TRP E 105 -21.96 24.45 -22.56
CA TRP E 105 -21.87 23.03 -22.24
C TRP E 105 -21.09 22.78 -20.96
N THR E 106 -20.40 23.79 -20.44
CA THR E 106 -19.77 23.71 -19.12
C THR E 106 -20.78 23.91 -17.99
N ALA E 107 -21.94 24.50 -18.28
CA ALA E 107 -22.96 24.71 -17.27
C ALA E 107 -23.62 23.42 -16.80
N PHE E 108 -23.57 22.36 -17.61
CA PHE E 108 -24.15 21.07 -17.22
C PHE E 108 -23.45 20.54 -15.98
N ALA E 109 -24.26 20.07 -15.02
CA ALA E 109 -23.72 19.42 -13.83
C ALA E 109 -23.23 18.03 -14.19
N ASN E 110 -22.01 17.72 -13.74
CA ASN E 110 -21.32 16.50 -14.15
C ASN E 110 -21.29 16.40 -15.69
N TYR E 111 -20.84 17.48 -16.31
CA TYR E 111 -20.79 17.56 -17.76
C TYR E 111 -19.91 16.46 -18.33
N SER E 112 -20.35 15.90 -19.45
CA SER E 112 -19.57 14.89 -20.16
C SER E 112 -18.97 15.50 -21.43
N PRO E 113 -17.83 14.98 -21.87
CA PRO E 113 -17.27 15.45 -23.15
C PRO E 113 -18.19 15.08 -24.31
N ARG E 114 -17.91 15.70 -25.45
CA ARG E 114 -18.84 15.66 -26.57
C ARG E 114 -18.47 14.56 -27.57
N VAL E 115 -19.48 14.09 -28.31
CA VAL E 115 -19.30 13.22 -29.46
C VAL E 115 -19.90 13.95 -30.66
N GLN E 116 -19.87 13.31 -31.83
CA GLN E 116 -20.41 14.00 -32.99
C GLN E 116 -20.74 13.04 -34.13
N LEU E 117 -21.36 13.62 -35.15
CA LEU E 117 -21.59 13.00 -36.45
C LEU E 117 -21.15 13.97 -37.53
N LEU E 118 -20.70 13.46 -38.67
CA LEU E 118 -20.07 14.27 -39.71
C LEU E 118 -21.00 14.34 -40.91
N ALA E 119 -21.33 15.57 -41.31
CA ALA E 119 -22.22 15.84 -42.44
C ALA E 119 -21.75 17.07 -43.19
N TRP E 120 -22.49 17.45 -44.24
CA TRP E 120 -22.24 18.71 -44.93
C TRP E 120 -23.55 19.24 -45.51
N ASN E 121 -23.46 20.42 -46.15
CA ASN E 121 -24.62 21.13 -46.67
C ASN E 121 -24.95 20.62 -48.08
N GLN E 122 -25.91 19.68 -48.11
CA GLN E 122 -26.30 19.02 -49.35
C GLN E 122 -27.46 18.09 -49.01
N PRO E 123 -28.25 17.69 -50.00
CA PRO E 123 -29.21 16.60 -49.75
C PRO E 123 -28.52 15.35 -49.25
N MET E 124 -29.00 14.83 -48.11
CA MET E 124 -28.43 13.65 -47.47
C MET E 124 -29.56 12.73 -47.03
N PRO E 125 -29.54 11.46 -47.43
CA PRO E 125 -30.49 10.49 -46.84
C PRO E 125 -30.21 10.18 -45.39
N TYR E 126 -31.26 10.09 -44.58
CA TYR E 126 -31.15 10.04 -43.14
C TYR E 126 -32.18 9.06 -42.57
N TRP E 127 -31.83 8.49 -41.42
CA TRP E 127 -32.65 7.51 -40.71
C TRP E 127 -32.62 7.88 -39.23
N PHE E 128 -33.78 8.25 -38.68
CA PHE E 128 -33.92 8.56 -37.26
C PHE E 128 -34.75 7.50 -36.55
N PHE E 129 -34.24 7.05 -35.39
CA PHE E 129 -34.99 6.21 -34.47
C PHE E 129 -35.02 6.92 -33.12
N ALA E 130 -36.15 6.82 -32.41
CA ALA E 130 -36.24 7.47 -31.11
C ALA E 130 -37.28 6.77 -30.25
N ASN E 131 -36.97 6.69 -28.95
CA ASN E 131 -37.87 6.23 -27.91
C ASN E 131 -37.63 7.08 -26.68
N GLY E 132 -38.61 7.11 -25.78
CA GLY E 132 -38.55 7.99 -24.62
C GLY E 132 -37.26 7.91 -23.82
N ARG E 133 -36.43 6.88 -24.05
CA ARG E 133 -35.21 6.71 -23.29
C ARG E 133 -33.94 6.83 -24.12
N ARG E 134 -34.02 6.72 -25.45
CA ARG E 134 -32.79 6.73 -26.25
C ARG E 134 -33.12 7.11 -27.68
N PHE E 135 -32.19 7.83 -28.31
CA PHE E 135 -32.31 8.24 -29.70
C PHE E 135 -31.09 7.79 -30.49
N TRP E 136 -31.33 7.42 -31.76
CA TRP E 136 -30.31 6.93 -32.67
C TRP E 136 -30.43 7.69 -34.00
N ILE E 137 -29.29 8.11 -34.53
CA ILE E 137 -29.23 8.86 -35.79
C ILE E 137 -28.27 8.12 -36.72
N VAL E 138 -28.69 7.94 -37.97
CA VAL E 138 -27.85 7.37 -39.01
C VAL E 138 -28.00 8.20 -40.27
N VAL E 139 -26.90 8.39 -40.98
CA VAL E 139 -26.88 9.22 -42.19
C VAL E 139 -26.06 8.49 -43.25
N LYS E 140 -26.62 8.40 -44.46
CA LYS E 140 -25.95 7.77 -45.58
C LYS E 140 -25.26 8.83 -46.43
N VAL E 141 -23.93 8.92 -46.30
CA VAL E 141 -23.11 9.84 -47.07
C VAL E 141 -22.46 9.02 -48.19
N SER E 142 -23.12 8.96 -49.34
CA SER E 142 -22.65 8.18 -50.47
C SER E 142 -22.56 6.70 -50.09
N THR E 143 -21.35 6.16 -50.02
CA THR E 143 -21.13 4.76 -49.63
C THR E 143 -20.75 4.63 -48.16
N ILE E 144 -20.68 5.73 -47.42
CA ILE E 144 -20.31 5.73 -46.02
C ILE E 144 -21.58 5.90 -45.19
N TYR E 145 -21.54 5.42 -43.95
CA TYR E 145 -22.67 5.55 -43.04
C TYR E 145 -22.18 6.10 -41.71
N GLU E 146 -22.59 7.33 -41.39
CA GLU E 146 -22.31 7.92 -40.09
C GLU E 146 -23.45 7.57 -39.14
N SER E 147 -23.11 7.35 -37.87
CA SER E 147 -24.09 6.90 -36.90
C SER E 147 -23.70 7.37 -35.51
N ALA E 148 -24.71 7.68 -34.70
CA ALA E 148 -24.50 8.15 -33.33
C ALA E 148 -25.80 8.01 -32.56
N GLY E 149 -25.74 8.35 -31.28
CA GLY E 149 -26.94 8.34 -30.46
C GLY E 149 -26.62 8.39 -28.99
N ALA E 150 -27.66 8.28 -28.18
CA ALA E 150 -27.50 8.32 -26.74
C ALA E 150 -28.81 7.99 -26.04
N GLY E 151 -28.70 7.49 -24.81
CA GLY E 151 -29.86 7.17 -24.00
C GLY E 151 -29.51 6.24 -22.87
N PHE E 152 -30.52 5.63 -22.27
CA PHE E 152 -30.31 4.73 -21.15
C PHE E 152 -30.10 3.29 -21.62
N ILE E 153 -29.10 2.63 -21.03
CA ILE E 153 -28.88 1.20 -21.20
C ILE E 153 -29.81 0.46 -20.24
N LEU E 154 -29.89 -0.86 -20.39
CA LEU E 154 -30.74 -1.69 -19.54
C LEU E 154 -29.89 -2.51 -18.56
N PRO E 155 -29.60 -1.99 -17.37
CA PRO E 155 -28.86 -2.80 -16.40
C PRO E 155 -29.71 -3.94 -15.88
N PRO E 156 -29.09 -5.00 -15.35
CA PRO E 156 -29.87 -6.12 -14.80
C PRO E 156 -30.35 -5.91 -13.37
N CYS E 157 -30.23 -4.70 -12.83
CA CYS E 157 -30.54 -4.41 -11.44
C CYS E 157 -31.72 -3.45 -11.37
N PRO E 158 -32.41 -3.40 -10.23
CA PRO E 158 -33.58 -2.51 -10.11
C PRO E 158 -33.19 -1.06 -10.32
N PRO E 159 -34.05 -0.26 -10.96
CA PRO E 159 -33.71 1.16 -11.16
C PRO E 159 -33.59 1.94 -9.86
N SER E 160 -34.14 1.42 -8.76
CA SER E 160 -34.25 2.20 -7.52
C SER E 160 -32.92 2.74 -7.04
N GLN E 161 -31.81 2.02 -7.27
CA GLN E 161 -30.51 2.45 -6.77
C GLN E 161 -29.60 3.01 -7.86
N TYR E 162 -29.87 2.70 -9.12
CA TYR E 162 -29.10 3.22 -10.26
C TYR E 162 -30.10 3.80 -11.25
N PRO E 163 -30.70 4.94 -10.92
CA PRO E 163 -31.75 5.50 -11.78
C PRO E 163 -31.22 6.11 -13.08
N TYR E 164 -29.91 6.27 -13.19
CA TYR E 164 -29.31 7.15 -14.20
C TYR E 164 -28.19 6.43 -14.95
N PRO E 165 -28.55 5.47 -15.82
CA PRO E 165 -27.59 4.75 -16.69
C PRO E 165 -27.45 5.38 -18.08
N LEU E 166 -26.94 6.61 -18.11
CA LEU E 166 -26.85 7.35 -19.37
C LEU E 166 -25.59 7.00 -20.13
N ALA E 167 -25.75 6.68 -21.41
CA ALA E 167 -24.66 6.39 -22.33
C ALA E 167 -24.78 7.31 -23.54
N VAL E 168 -23.62 7.72 -24.06
CA VAL E 168 -23.53 8.54 -25.26
C VAL E 168 -22.51 7.90 -26.20
N VAL E 169 -22.82 7.83 -27.48
CA VAL E 169 -21.93 7.20 -28.45
C VAL E 169 -21.97 8.00 -29.74
N GLY E 170 -20.78 8.19 -30.33
CA GLY E 170 -20.64 8.88 -31.59
C GLY E 170 -19.51 8.29 -32.40
N SER E 171 -19.48 8.65 -33.68
CA SER E 171 -18.51 8.04 -34.59
C SER E 171 -17.08 8.46 -34.30
N TYR E 172 -16.87 9.62 -33.68
CA TYR E 172 -15.52 10.11 -33.43
C TYR E 172 -15.59 11.12 -32.28
N ARG E 173 -14.43 11.36 -31.67
CA ARG E 173 -14.38 12.24 -30.50
C ARG E 173 -14.70 13.68 -30.90
N GLY E 174 -15.45 14.36 -30.05
CA GLY E 174 -15.88 15.72 -30.31
C GLY E 174 -14.96 16.81 -29.84
N ASP E 175 -13.77 16.47 -29.36
CA ASP E 175 -12.81 17.46 -28.88
C ASP E 175 -11.98 18.06 -30.00
N VAL E 176 -12.09 17.55 -31.22
CA VAL E 176 -11.35 18.07 -32.36
C VAL E 176 -12.29 18.16 -33.55
N ALA E 177 -11.95 19.03 -34.51
CA ALA E 177 -12.75 19.22 -35.72
C ALA E 177 -12.18 18.31 -36.81
N THR E 178 -13.06 17.52 -37.44
CA THR E 178 -12.66 16.56 -38.44
C THR E 178 -13.56 16.66 -39.66
N ARG E 179 -13.00 16.30 -40.81
CA ARG E 179 -13.68 16.38 -42.11
C ARG E 179 -14.16 15.00 -42.50
N TRP E 180 -15.43 14.90 -42.92
CA TRP E 180 -16.07 13.60 -42.99
C TRP E 180 -15.40 12.68 -44.00
N SER E 181 -14.54 13.22 -44.86
CA SER E 181 -13.73 12.39 -45.74
C SER E 181 -12.57 11.73 -45.01
N ASP E 182 -12.54 11.80 -43.68
CA ASP E 182 -11.49 11.15 -42.92
C ASP E 182 -11.51 9.65 -43.15
N VAL E 183 -10.35 9.09 -43.49
CA VAL E 183 -10.22 7.67 -43.78
C VAL E 183 -9.47 6.94 -42.67
N SER E 184 -9.14 7.63 -41.58
CA SER E 184 -8.38 7.00 -40.51
C SER E 184 -9.23 5.95 -39.81
N ASP E 185 -8.54 5.00 -39.18
CA ASP E 185 -9.22 3.91 -38.50
C ASP E 185 -10.02 4.37 -37.29
N ARG E 186 -9.78 5.58 -36.80
CA ARG E 186 -10.53 6.08 -35.65
C ARG E 186 -11.97 6.45 -35.99
N HIS E 187 -12.24 6.78 -37.25
CA HIS E 187 -13.61 7.09 -37.69
C HIS E 187 -14.37 5.78 -37.83
N ARG E 188 -15.22 5.47 -36.85
CA ARG E 188 -15.91 4.19 -36.79
C ARG E 188 -17.28 4.34 -36.13
N GLY E 189 -17.93 3.23 -35.79
CA GLY E 189 -19.34 3.28 -35.44
C GLY E 189 -19.60 2.94 -33.99
N ILE E 190 -20.90 2.80 -33.68
CA ILE E 190 -21.32 2.57 -32.29
C ILE E 190 -20.84 1.22 -31.78
N SER E 191 -20.98 0.17 -32.60
CA SER E 191 -20.67 -1.18 -32.13
C SER E 191 -19.21 -1.35 -31.77
N SER E 192 -18.35 -0.44 -32.18
CA SER E 192 -16.93 -0.52 -31.90
C SER E 192 -16.38 0.87 -31.61
N PRO E 193 -16.53 1.38 -30.39
CA PRO E 193 -15.90 2.68 -30.07
C PRO E 193 -14.39 2.57 -30.05
N TYR E 194 -13.73 3.67 -30.42
CA TYR E 194 -12.27 3.77 -30.37
C TYR E 194 -11.88 5.23 -30.16
N GLU E 195 -10.94 5.45 -29.25
CA GLU E 195 -10.43 6.79 -28.97
C GLU E 195 -11.56 7.74 -28.56
N ARG E 196 -12.22 7.44 -27.45
CA ARG E 196 -13.23 8.32 -26.86
C ARG E 196 -14.49 8.43 -27.71
N SER E 197 -15.00 7.30 -28.21
CA SER E 197 -16.19 7.31 -29.05
C SER E 197 -17.42 6.73 -28.36
N CYS E 198 -17.31 6.38 -27.07
CA CYS E 198 -18.47 5.90 -26.32
C CYS E 198 -18.20 6.08 -24.84
N TYR E 199 -19.10 6.81 -24.16
CA TYR E 199 -19.00 7.06 -22.73
C TYR E 199 -20.26 6.56 -22.05
N LEU E 200 -20.11 6.14 -20.80
CA LEU E 200 -21.20 5.62 -19.98
C LEU E 200 -21.02 6.18 -18.57
N ARG E 201 -22.13 6.55 -17.93
CA ARG E 201 -22.04 7.15 -16.60
C ARG E 201 -22.10 6.06 -15.54
N ASP E 202 -21.11 6.05 -14.66
CA ASP E 202 -21.05 5.06 -13.61
C ASP E 202 -22.07 5.40 -12.52
N PRO E 203 -22.56 4.41 -11.79
CA PRO E 203 -23.47 4.72 -10.67
C PRO E 203 -22.83 5.64 -9.63
N ALA E 204 -21.50 5.64 -9.51
CA ALA E 204 -20.82 6.59 -8.63
C ALA E 204 -20.89 8.02 -9.15
N GLY E 205 -21.31 8.23 -10.39
CA GLY E 205 -21.37 9.56 -10.97
C GLY E 205 -20.17 9.97 -11.78
N ARG E 206 -19.27 9.05 -12.09
CA ARG E 206 -18.07 9.35 -12.86
C ARG E 206 -18.16 8.68 -14.22
N TRP E 207 -17.94 9.46 -15.28
CA TRP E 207 -18.08 8.97 -16.64
C TRP E 207 -16.88 8.09 -17.00
N LEU E 208 -17.16 6.93 -17.57
CA LEU E 208 -16.13 5.98 -17.98
C LEU E 208 -16.23 5.76 -19.49
N GLY E 209 -15.06 5.69 -20.15
CA GLY E 209 -15.04 5.47 -21.59
C GLY E 209 -14.78 4.02 -21.92
N PHE E 210 -15.46 3.55 -22.96
CA PHE E 210 -15.33 2.17 -23.44
C PHE E 210 -14.70 2.17 -24.83
N THR E 211 -13.75 1.27 -25.03
CA THR E 211 -13.12 1.09 -26.32
C THR E 211 -12.91 -0.40 -26.56
N VAL E 212 -13.22 -0.84 -27.78
CA VAL E 212 -13.07 -2.24 -28.14
C VAL E 212 -11.62 -2.62 -28.41
N ASP E 213 -10.75 -1.65 -28.65
CA ASP E 213 -9.34 -1.91 -28.90
C ASP E 213 -8.51 -0.88 -28.14
N GLY E 214 -7.29 -1.28 -27.78
CA GLY E 214 -6.44 -0.42 -26.99
C GLY E 214 -5.85 0.72 -27.81
N GLY E 215 -5.31 1.71 -27.10
CA GLY E 215 -4.67 2.84 -27.74
C GLY E 215 -3.76 3.59 -26.80
N ALA E 216 -2.53 3.85 -27.25
CA ALA E 216 -1.57 4.58 -26.41
C ALA E 216 -2.05 5.99 -26.11
N ALA E 217 -2.60 6.69 -27.10
CA ALA E 217 -3.04 8.06 -26.88
C ALA E 217 -4.17 8.12 -25.86
N ASN E 218 -4.99 7.08 -25.79
CA ASN E 218 -6.05 7.03 -24.80
C ASN E 218 -5.47 6.81 -23.41
N GLU E 219 -6.22 7.19 -22.39
CA GLU E 219 -5.79 7.04 -21.01
C GLU E 219 -5.80 5.56 -20.61
N SER E 220 -4.97 5.24 -19.60
CA SER E 220 -4.76 3.83 -19.26
C SER E 220 -6.01 3.19 -18.65
N ASP E 221 -6.83 3.99 -17.98
CA ASP E 221 -7.91 3.41 -17.18
C ASP E 221 -8.93 2.67 -18.04
N TYR E 222 -9.19 3.17 -19.25
CA TYR E 222 -10.23 2.59 -20.08
C TYR E 222 -9.80 1.30 -20.75
N ASN E 223 -8.51 0.99 -20.71
CA ASN E 223 -8.00 -0.24 -21.32
C ASN E 223 -8.65 -1.47 -20.69
N ASN E 224 -9.05 -1.36 -19.42
CA ASN E 224 -9.62 -2.48 -18.68
C ASN E 224 -11.10 -2.70 -18.94
N ARG E 225 -11.82 -1.66 -19.35
CA ARG E 225 -13.27 -1.73 -19.59
C ARG E 225 -13.55 -1.67 -21.08
N THR E 226 -14.44 -2.55 -21.56
CA THR E 226 -14.67 -2.70 -22.99
C THR E 226 -16.04 -3.27 -23.29
N LEU E 227 -16.33 -3.34 -24.58
CA LEU E 227 -17.47 -4.07 -25.11
C LEU E 227 -17.01 -5.46 -25.54
N LEU E 228 -17.36 -6.47 -24.76
CA LEU E 228 -16.81 -7.81 -24.92
C LEU E 228 -17.10 -8.43 -26.29
N PRO E 229 -18.35 -8.36 -26.79
CA PRO E 229 -18.68 -9.06 -28.04
C PRO E 229 -17.63 -8.89 -29.14
N LEU E 230 -17.30 -7.64 -29.49
CA LEU E 230 -16.25 -7.41 -30.47
C LEU E 230 -14.87 -7.44 -29.85
N GLY E 231 -14.77 -7.46 -28.52
CA GLY E 231 -13.48 -7.49 -27.84
C GLY E 231 -13.05 -8.88 -27.42
N CYS E 232 -13.35 -9.87 -28.25
CA CYS E 232 -13.01 -11.25 -27.92
C CYS E 232 -11.50 -11.47 -27.89
N GLY E 233 -10.72 -10.54 -28.45
CA GLY E 233 -9.28 -10.72 -28.54
C GLY E 233 -8.59 -10.78 -27.19
N ARG E 234 -9.26 -10.34 -26.12
CA ARG E 234 -8.62 -10.35 -24.81
C ARG E 234 -8.28 -11.77 -24.36
N TYR E 235 -9.18 -12.72 -24.61
CA TYR E 235 -9.01 -14.08 -24.13
C TYR E 235 -8.53 -15.05 -25.20
N ALA E 236 -8.80 -14.77 -26.47
CA ALA E 236 -8.35 -15.65 -27.54
C ALA E 236 -6.86 -15.45 -27.81
N GLY E 237 -6.22 -16.53 -28.25
CA GLY E 237 -4.80 -16.49 -28.55
C GLY E 237 -4.51 -16.50 -30.03
N SER E 238 -5.39 -15.88 -30.82
CA SER E 238 -5.21 -15.82 -32.26
C SER E 238 -5.96 -14.61 -32.80
N SER E 239 -5.47 -14.07 -33.91
CA SER E 239 -6.09 -12.91 -34.54
C SER E 239 -7.47 -13.28 -35.09
N ASP E 240 -7.56 -14.40 -35.79
CA ASP E 240 -8.83 -14.82 -36.37
C ASP E 240 -9.64 -15.62 -35.37
N THR E 241 -10.88 -15.18 -35.12
CA THR E 241 -11.76 -15.84 -34.16
C THR E 241 -13.12 -16.05 -34.82
N VAL E 242 -14.02 -16.68 -34.06
CA VAL E 242 -15.34 -17.01 -34.57
C VAL E 242 -16.12 -15.74 -34.91
N VAL E 243 -15.92 -14.68 -34.12
CA VAL E 243 -16.72 -13.48 -34.28
C VAL E 243 -16.50 -12.83 -35.65
N LYS E 244 -15.26 -12.75 -36.12
CA LYS E 244 -15.01 -12.21 -37.45
C LYS E 244 -15.44 -13.16 -38.57
N GLN E 245 -15.57 -14.46 -38.29
CA GLN E 245 -16.03 -15.42 -39.28
C GLN E 245 -17.51 -15.77 -39.16
N LEU E 246 -18.25 -15.05 -38.31
CA LEU E 246 -19.68 -15.29 -38.16
C LEU E 246 -20.40 -15.09 -39.49
N ARG E 247 -21.42 -15.90 -39.76
CA ARG E 247 -22.21 -15.77 -40.98
C ARG E 247 -23.60 -16.32 -40.69
N ASP E 248 -24.56 -15.94 -41.54
CA ASP E 248 -25.95 -16.32 -41.34
C ASP E 248 -26.10 -17.83 -41.33
N SER E 249 -27.25 -18.32 -40.87
CA SER E 249 -27.51 -19.76 -40.75
C SER E 249 -28.76 -20.08 -41.55
N PHE E 250 -28.56 -20.64 -42.75
CA PHE E 250 -29.66 -21.08 -43.60
C PHE E 250 -30.63 -19.94 -43.88
N GLY E 251 -30.09 -18.74 -44.10
CA GLY E 251 -30.87 -17.56 -44.38
C GLY E 251 -31.33 -16.80 -43.15
N LYS E 252 -31.15 -17.37 -41.96
CA LYS E 252 -31.50 -16.71 -40.70
C LYS E 252 -30.29 -15.93 -40.22
N PHE E 253 -30.48 -14.63 -39.99
CA PHE E 253 -29.38 -13.78 -39.54
C PHE E 253 -29.43 -13.68 -38.01
N PRO E 254 -28.44 -14.21 -37.28
CA PRO E 254 -28.49 -14.14 -35.82
C PRO E 254 -28.14 -12.76 -35.28
N LEU E 255 -29.01 -12.20 -34.44
CA LEU E 255 -28.74 -10.92 -33.81
C LEU E 255 -28.09 -11.14 -32.45
N LYS E 256 -26.91 -10.56 -32.24
CA LYS E 256 -26.16 -10.71 -30.99
C LYS E 256 -26.17 -9.37 -30.26
N ALA E 257 -26.56 -9.40 -28.99
CA ALA E 257 -26.63 -8.18 -28.20
C ALA E 257 -25.24 -7.63 -27.93
N LEU E 258 -25.16 -6.30 -27.84
CA LEU E 258 -23.90 -5.62 -27.51
C LEU E 258 -23.89 -5.33 -26.01
N GLN E 259 -22.75 -5.60 -25.37
CA GLN E 259 -22.66 -5.69 -23.92
C GLN E 259 -21.59 -4.75 -23.41
N PHE E 260 -21.89 -3.99 -22.35
CA PHE E 260 -20.87 -3.23 -21.63
C PHE E 260 -20.28 -4.14 -20.56
N VAL E 261 -18.97 -4.05 -20.34
CA VAL E 261 -18.33 -4.76 -19.24
C VAL E 261 -17.11 -3.97 -18.79
N THR E 262 -16.84 -4.02 -17.48
CA THR E 262 -15.65 -3.43 -16.90
C THR E 262 -14.95 -4.46 -16.02
N ARG E 263 -13.64 -4.60 -16.21
CA ARG E 263 -12.83 -5.55 -15.44
C ARG E 263 -11.70 -4.75 -14.78
N GLU E 264 -12.00 -4.18 -13.62
CA GLU E 264 -11.04 -3.37 -12.89
C GLU E 264 -10.33 -4.21 -11.83
N THR E 265 -9.24 -3.65 -11.31
CA THR E 265 -8.56 -4.29 -10.18
C THR E 265 -9.43 -4.25 -8.93
N GLU E 266 -10.16 -3.15 -8.72
CA GLU E 266 -11.02 -3.05 -7.54
C GLU E 266 -12.09 -4.12 -7.55
N GLY E 267 -12.73 -4.35 -8.69
CA GLY E 267 -13.78 -5.34 -8.76
C GLY E 267 -14.43 -5.32 -10.13
N ARG E 268 -15.28 -6.34 -10.34
CA ARG E 268 -15.98 -6.50 -11.60
C ARG E 268 -17.43 -6.08 -11.47
N ARG E 269 -18.05 -5.79 -12.62
CA ARG E 269 -19.44 -5.33 -12.66
C ARG E 269 -19.93 -5.41 -14.10
N TYR E 270 -21.07 -6.08 -14.30
CA TYR E 270 -21.76 -6.03 -15.58
C TYR E 270 -22.76 -4.87 -15.58
N LEU E 271 -22.73 -4.08 -16.65
CA LEU E 271 -23.48 -2.83 -16.70
C LEU E 271 -24.78 -2.91 -17.50
N GLY E 272 -24.79 -3.59 -18.65
CA GLY E 272 -26.01 -3.78 -19.40
C GLY E 272 -25.76 -3.93 -20.89
N ASP E 273 -26.86 -3.77 -21.63
CA ASP E 273 -26.91 -4.00 -23.07
C ASP E 273 -27.37 -2.76 -23.81
N PHE E 274 -27.02 -2.70 -25.09
CA PHE E 274 -27.56 -1.67 -25.97
C PHE E 274 -29.01 -2.02 -26.32
N ASP E 275 -29.91 -1.05 -26.18
CA ASP E 275 -31.32 -1.27 -26.48
C ASP E 275 -31.58 -0.98 -27.95
N GLY E 276 -31.66 -2.03 -28.76
CA GLY E 276 -31.95 -1.88 -30.17
C GLY E 276 -30.74 -1.90 -31.08
N ALA E 277 -29.58 -2.36 -30.59
CA ALA E 277 -28.37 -2.46 -31.40
C ALA E 277 -27.77 -3.85 -31.24
N PHE E 278 -27.37 -4.45 -32.36
CA PHE E 278 -26.82 -5.80 -32.36
C PHE E 278 -25.71 -5.90 -33.41
N TYR E 279 -24.93 -6.97 -33.31
CA TYR E 279 -23.92 -7.26 -34.32
C TYR E 279 -24.47 -8.22 -35.37
N VAL E 280 -24.06 -8.03 -36.63
CA VAL E 280 -24.51 -8.95 -37.68
C VAL E 280 -23.40 -9.13 -38.72
N PRO E 281 -23.41 -10.22 -39.49
CA PRO E 281 -22.31 -10.47 -40.42
C PRO E 281 -22.44 -9.67 -41.71
N THR E 282 -21.46 -9.85 -42.60
CA THR E 282 -21.41 -9.07 -43.83
C THR E 282 -21.75 -9.90 -45.06
N LEU E 283 -21.18 -11.10 -45.16
CA LEU E 283 -21.25 -11.86 -46.41
C LEU E 283 -22.70 -12.02 -46.87
N ASN E 284 -22.91 -11.82 -48.17
CA ASN E 284 -24.21 -11.95 -48.83
C ASN E 284 -25.17 -10.86 -48.39
N SER E 285 -24.72 -9.91 -47.59
CA SER E 285 -25.57 -8.85 -47.06
C SER E 285 -24.78 -7.55 -46.98
N GLY E 286 -25.46 -6.50 -46.53
CA GLY E 286 -24.85 -5.20 -46.38
C GLY E 286 -25.85 -4.23 -45.80
N ALA E 287 -25.45 -2.97 -45.74
CA ALA E 287 -26.34 -1.92 -45.26
C ALA E 287 -27.59 -1.84 -46.14
N GLU E 288 -28.59 -1.10 -45.63
CA GLU E 288 -29.95 -0.84 -46.14
C GLU E 288 -30.79 -2.12 -46.14
N ASP E 289 -30.23 -3.26 -45.75
CA ASP E 289 -31.01 -4.49 -45.68
C ASP E 289 -31.93 -4.45 -44.47
N VAL E 290 -33.08 -5.11 -44.60
CA VAL E 290 -34.06 -5.23 -43.52
C VAL E 290 -34.33 -6.70 -43.28
N ILE E 291 -34.23 -7.13 -42.02
CA ILE E 291 -34.47 -8.51 -41.65
C ILE E 291 -35.54 -8.55 -40.57
N VAL E 292 -36.47 -9.49 -40.70
CA VAL E 292 -37.62 -9.59 -39.82
C VAL E 292 -37.43 -10.77 -38.89
N GLU E 293 -37.46 -10.52 -37.58
CA GLU E 293 -37.39 -11.56 -36.57
C GLU E 293 -38.58 -11.40 -35.62
N ASP E 294 -39.40 -12.44 -35.55
CA ASP E 294 -40.57 -12.45 -34.66
C ASP E 294 -41.47 -11.24 -34.90
N GLY E 295 -41.60 -10.85 -36.16
CA GLY E 295 -42.44 -9.73 -36.53
C GLY E 295 -41.85 -8.37 -36.22
N VAL E 296 -40.58 -8.30 -35.85
CA VAL E 296 -39.90 -7.04 -35.55
C VAL E 296 -38.77 -6.87 -36.55
N ASP E 297 -38.71 -5.70 -37.17
CA ASP E 297 -37.75 -5.48 -38.25
C ASP E 297 -36.46 -4.88 -37.72
N HIS E 298 -35.36 -5.14 -38.42
CA HIS E 298 -34.04 -4.64 -38.05
C HIS E 298 -33.34 -4.17 -39.32
N VAL E 299 -32.74 -2.98 -39.26
CA VAL E 299 -32.03 -2.40 -40.40
C VAL E 299 -30.54 -2.65 -40.19
N VAL E 300 -29.77 -2.60 -41.28
CA VAL E 300 -28.35 -2.92 -41.24
C VAL E 300 -27.53 -1.67 -41.55
N PHE E 301 -26.34 -1.57 -40.96
CA PHE E 301 -25.45 -0.45 -41.18
C PHE E 301 -24.01 -0.89 -40.96
N GLN E 302 -23.08 -0.11 -41.54
CA GLN E 302 -21.66 -0.41 -41.49
C GLN E 302 -20.87 0.85 -41.16
N THR E 303 -19.64 0.65 -40.65
CA THR E 303 -18.82 1.76 -40.20
C THR E 303 -18.03 2.37 -41.34
N ALA E 304 -17.66 3.64 -41.18
CA ALA E 304 -17.05 4.39 -42.27
C ALA E 304 -15.71 3.80 -42.70
N TRP E 305 -14.87 3.41 -41.75
CA TRP E 305 -13.53 2.92 -42.07
C TRP E 305 -13.60 1.73 -43.02
N ARG E 306 -14.19 0.63 -42.55
CA ARG E 306 -14.34 -0.57 -43.37
C ARG E 306 -15.72 -1.17 -43.11
N SER E 307 -16.17 -1.99 -44.06
CA SER E 307 -17.42 -2.72 -43.93
C SER E 307 -17.22 -4.20 -43.67
N GLY E 308 -16.10 -4.58 -43.05
CA GLY E 308 -15.82 -5.97 -42.78
C GLY E 308 -16.78 -6.57 -41.77
N ASN E 309 -16.58 -7.87 -41.52
CA ASN E 309 -17.47 -8.62 -40.65
C ASN E 309 -17.57 -7.97 -39.27
N PRO E 310 -16.45 -7.64 -38.61
CA PRO E 310 -16.54 -7.11 -37.24
C PRO E 310 -16.94 -5.65 -37.14
N TRP E 311 -17.32 -5.02 -38.26
CA TRP E 311 -17.68 -3.61 -38.27
C TRP E 311 -19.09 -3.38 -38.82
N LEU E 312 -20.02 -4.29 -38.54
CA LEU E 312 -21.33 -4.25 -39.18
C LEU E 312 -22.43 -4.58 -38.16
N TYR E 313 -23.30 -3.60 -37.93
CA TYR E 313 -24.27 -3.68 -36.84
C TYR E 313 -25.67 -3.38 -37.36
N ALA E 314 -26.65 -3.99 -36.71
CA ALA E 314 -28.06 -3.81 -37.03
C ALA E 314 -28.73 -3.03 -35.91
N ILE E 315 -29.69 -2.19 -36.30
CA ILE E 315 -30.45 -1.37 -35.37
C ILE E 315 -31.92 -1.75 -35.47
N ARG E 316 -32.56 -1.91 -34.32
CA ARG E 316 -33.99 -2.20 -34.29
C ARG E 316 -34.79 -0.98 -34.72
N LYS E 317 -35.77 -1.22 -35.60
CA LYS E 317 -36.62 -0.16 -36.11
C LYS E 317 -38.02 -0.18 -35.52
N ASP E 318 -38.43 -1.27 -34.88
CA ASP E 318 -39.73 -1.38 -34.24
C ASP E 318 -40.86 -1.30 -35.27
N ALA F 2 -38.88 -33.53 -11.52
CA ALA F 2 -38.25 -32.29 -11.90
C ALA F 2 -36.86 -32.16 -11.28
N TYR F 3 -36.81 -32.21 -9.95
CA TYR F 3 -35.57 -32.09 -9.21
C TYR F 3 -35.51 -33.21 -8.17
N PHE F 4 -34.58 -34.15 -8.37
CA PHE F 4 -34.44 -35.30 -7.49
C PHE F 4 -33.04 -35.30 -6.87
N THR F 5 -32.96 -35.81 -5.64
CA THR F 5 -31.69 -35.96 -4.95
C THR F 5 -31.60 -37.37 -4.38
N GLY F 6 -30.40 -37.92 -4.36
CA GLY F 6 -30.24 -39.26 -3.82
C GLY F 6 -28.78 -39.59 -3.58
N THR F 7 -28.55 -40.85 -3.23
CA THR F 7 -27.21 -41.37 -2.96
C THR F 7 -27.00 -42.70 -3.67
N ALA F 8 -25.74 -43.02 -3.92
CA ALA F 8 -25.38 -44.25 -4.62
C ALA F 8 -23.97 -44.66 -4.24
N ASN F 9 -23.82 -45.90 -3.79
CA ASN F 9 -22.50 -46.44 -3.48
C ASN F 9 -21.73 -46.81 -4.74
N ASN F 10 -22.44 -47.10 -5.83
CA ASN F 10 -21.79 -47.53 -7.07
C ASN F 10 -22.48 -46.89 -8.26
N PRO F 11 -21.80 -46.77 -9.41
CA PRO F 11 -22.46 -46.20 -10.59
C PRO F 11 -23.72 -46.94 -11.01
N ALA F 12 -23.75 -48.26 -10.79
CA ALA F 12 -24.93 -49.03 -11.17
C ALA F 12 -26.18 -48.54 -10.45
N ASP F 13 -26.02 -48.12 -9.18
CA ASP F 13 -27.17 -47.60 -8.44
C ASP F 13 -27.68 -46.31 -9.06
N LEU F 14 -26.77 -45.38 -9.39
CA LEU F 14 -27.16 -44.16 -10.09
C LEU F 14 -27.91 -44.51 -11.37
N LEU F 15 -27.41 -45.50 -12.10
CA LEU F 15 -28.00 -45.90 -13.36
C LEU F 15 -29.43 -46.39 -13.14
N ALA F 16 -29.61 -47.30 -12.17
CA ALA F 16 -30.94 -47.83 -11.90
C ALA F 16 -31.91 -46.72 -11.51
N LYS F 17 -31.46 -45.82 -10.63
CA LYS F 17 -32.36 -44.76 -10.17
C LYS F 17 -32.76 -43.84 -11.31
N VAL F 18 -31.82 -43.46 -12.17
CA VAL F 18 -32.16 -42.50 -13.21
C VAL F 18 -33.04 -43.15 -14.27
N ARG F 19 -32.86 -44.45 -14.56
CA ARG F 19 -33.83 -45.10 -15.43
C ARG F 19 -35.22 -45.17 -14.79
N VAL F 20 -35.28 -45.45 -13.49
CA VAL F 20 -36.57 -45.48 -12.84
C VAL F 20 -37.25 -44.12 -12.97
N HIS F 21 -36.50 -43.05 -12.75
CA HIS F 21 -37.06 -41.70 -12.88
C HIS F 21 -37.52 -41.43 -14.30
N ALA F 22 -36.70 -41.81 -15.29
CA ALA F 22 -37.07 -41.56 -16.69
C ALA F 22 -38.33 -42.31 -17.06
N GLU F 23 -38.42 -43.59 -16.69
CA GLU F 23 -39.61 -44.38 -17.00
C GLU F 23 -40.84 -43.81 -16.33
N SER F 24 -40.70 -43.37 -15.07
CA SER F 24 -41.83 -42.75 -14.39
C SER F 24 -42.30 -41.49 -15.09
N LEU F 25 -41.45 -40.88 -15.92
CA LEU F 25 -41.78 -39.63 -16.61
C LEU F 25 -42.13 -39.85 -18.08
N GLY F 26 -42.32 -41.10 -18.51
CA GLY F 26 -42.72 -41.38 -19.86
C GLY F 26 -41.59 -41.60 -20.85
N TRP F 27 -40.34 -41.48 -20.43
CA TRP F 27 -39.22 -41.74 -21.32
C TRP F 27 -39.31 -43.17 -21.86
N VAL F 28 -39.04 -43.33 -23.15
CA VAL F 28 -39.15 -44.61 -23.82
C VAL F 28 -37.78 -45.26 -23.86
N THR F 29 -37.66 -46.44 -23.25
CA THR F 29 -36.42 -47.20 -23.25
C THR F 29 -36.58 -48.38 -24.22
N ASP F 30 -35.89 -48.31 -25.37
CA ASP F 30 -35.99 -49.37 -26.34
C ASP F 30 -35.46 -50.69 -25.79
N ARG F 31 -34.34 -50.64 -25.06
CA ARG F 31 -33.78 -51.84 -24.44
C ARG F 31 -33.09 -51.43 -23.15
N ALA F 32 -33.30 -52.25 -22.11
CA ALA F 32 -32.79 -51.96 -20.78
C ALA F 32 -32.09 -53.20 -20.22
N SER F 33 -31.09 -52.96 -19.40
CA SER F 33 -30.40 -54.02 -18.68
C SER F 33 -29.89 -53.44 -17.37
N ALA F 34 -29.19 -54.26 -16.59
CA ALA F 34 -28.63 -53.77 -15.33
C ALA F 34 -27.46 -52.81 -15.57
N SER F 35 -26.88 -52.83 -16.77
CA SER F 35 -25.69 -52.03 -17.05
C SER F 35 -25.72 -51.31 -18.40
N GLU F 36 -26.62 -51.68 -19.31
CA GLU F 36 -26.63 -51.13 -20.66
C GLU F 36 -28.02 -50.62 -21.02
N TRP F 37 -28.06 -49.46 -21.66
CA TRP F 37 -29.32 -48.81 -22.02
C TRP F 37 -29.27 -48.39 -23.47
N LEU F 38 -30.35 -48.65 -24.20
CA LEU F 38 -30.63 -48.02 -25.49
C LEU F 38 -32.01 -47.38 -25.39
N CYS F 39 -32.04 -46.04 -25.34
CA CYS F 39 -33.30 -45.33 -25.12
C CYS F 39 -33.45 -44.24 -26.16
N HIS F 40 -34.65 -43.65 -26.21
CA HIS F 40 -34.94 -42.62 -27.19
C HIS F 40 -36.14 -41.80 -26.74
N ASN F 41 -36.28 -40.63 -27.36
CA ASN F 41 -37.47 -39.80 -27.19
C ASN F 41 -37.89 -39.24 -28.54
N ALA F 42 -38.81 -38.28 -28.54
CA ALA F 42 -39.23 -37.67 -29.80
C ALA F 42 -38.09 -36.92 -30.49
N ASP F 43 -37.01 -36.63 -29.77
CA ASP F 43 -35.91 -35.83 -30.32
C ASP F 43 -34.75 -36.66 -30.83
N GLY F 44 -34.32 -37.69 -30.11
CA GLY F 44 -33.16 -38.46 -30.53
C GLY F 44 -33.04 -39.77 -29.78
N TYR F 45 -31.96 -40.48 -30.11
CA TYR F 45 -31.67 -41.80 -29.55
C TYR F 45 -30.31 -41.76 -28.87
N TRP F 46 -30.22 -42.37 -27.68
CA TRP F 46 -28.99 -42.38 -26.91
C TRP F 46 -28.73 -43.79 -26.40
N SER F 47 -27.45 -44.08 -26.17
CA SER F 47 -27.02 -45.37 -25.64
C SER F 47 -26.00 -45.13 -24.54
N PHE F 48 -26.17 -45.82 -23.41
CA PHE F 48 -25.29 -45.69 -22.27
C PHE F 48 -24.85 -47.07 -21.77
N ASN F 49 -23.64 -47.12 -21.22
CA ASN F 49 -23.09 -48.33 -20.62
C ASN F 49 -22.32 -47.93 -19.37
N ALA F 50 -22.48 -48.71 -18.29
CA ALA F 50 -21.83 -48.41 -17.03
C ALA F 50 -20.63 -49.34 -16.85
N GLY F 51 -19.44 -48.75 -16.81
CA GLY F 51 -18.23 -49.49 -16.52
C GLY F 51 -18.01 -49.61 -15.02
N ALA F 52 -16.83 -50.13 -14.67
CA ALA F 52 -16.49 -50.27 -13.27
C ALA F 52 -16.39 -48.92 -12.58
N ASN F 53 -15.81 -47.92 -13.25
CA ASN F 53 -15.62 -46.60 -12.65
C ASN F 53 -15.89 -45.46 -13.62
N GLN F 54 -16.69 -45.68 -14.66
CA GLN F 54 -16.94 -44.64 -15.64
C GLN F 54 -18.16 -45.01 -16.48
N PHE F 55 -18.67 -44.02 -17.20
CA PHE F 55 -19.82 -44.18 -18.07
C PHE F 55 -19.41 -43.96 -19.52
N GLN F 56 -19.93 -44.81 -20.40
CA GLN F 56 -19.71 -44.67 -21.84
C GLN F 56 -21.03 -44.30 -22.50
N MET F 57 -21.03 -43.20 -23.25
CA MET F 57 -22.25 -42.69 -23.87
C MET F 57 -22.03 -42.53 -25.36
N ALA F 58 -23.11 -42.70 -26.12
CA ALA F 58 -23.07 -42.52 -27.56
C ALA F 58 -24.44 -42.07 -28.05
N GLY F 59 -24.45 -41.32 -29.15
CA GLY F 59 -25.70 -40.99 -29.81
C GLY F 59 -26.08 -42.05 -30.83
N ASN F 60 -27.30 -41.97 -31.32
CA ASN F 60 -27.81 -42.98 -32.23
C ASN F 60 -28.86 -42.37 -33.15
N THR F 61 -29.05 -43.01 -34.30
CA THR F 61 -30.04 -42.59 -35.29
C THR F 61 -31.06 -43.69 -35.61
N GLY F 62 -30.81 -44.91 -35.16
CA GLY F 62 -31.71 -46.02 -35.41
C GLY F 62 -31.39 -47.13 -34.43
N PHE F 63 -32.24 -48.15 -34.42
CA PHE F 63 -32.14 -49.21 -33.43
C PHE F 63 -31.96 -50.57 -34.08
N ASP F 64 -31.12 -51.40 -33.46
CA ASP F 64 -30.95 -52.79 -33.82
C ASP F 64 -30.56 -53.56 -32.58
N ASN F 65 -31.42 -54.47 -32.14
CA ASN F 65 -31.17 -55.22 -30.90
C ASN F 65 -30.01 -56.19 -31.03
N SER F 66 -29.64 -56.57 -32.26
CA SER F 66 -28.56 -57.53 -32.46
C SER F 66 -27.18 -56.88 -32.47
N LEU F 67 -27.11 -55.56 -32.39
CA LEU F 67 -25.84 -54.84 -32.44
C LEU F 67 -25.42 -54.43 -31.04
N ALA F 68 -24.10 -54.35 -30.84
CA ALA F 68 -23.55 -54.01 -29.53
C ALA F 68 -23.93 -52.58 -29.16
N TRP F 69 -23.57 -52.20 -27.92
CA TRP F 69 -23.93 -50.88 -27.42
C TRP F 69 -23.31 -49.77 -28.27
N ASN F 70 -22.14 -50.03 -28.86
CA ASN F 70 -21.44 -49.04 -29.66
C ASN F 70 -21.49 -49.33 -31.16
N ALA F 71 -22.50 -50.08 -31.61
CA ALA F 71 -22.60 -50.46 -33.02
C ALA F 71 -23.98 -50.16 -33.61
N GLN F 72 -24.74 -49.25 -33.01
CA GLN F 72 -26.08 -48.95 -33.51
C GLN F 72 -25.98 -48.19 -34.84
N PRO F 73 -27.05 -48.19 -35.62
CA PRO F 73 -27.03 -47.43 -36.89
C PRO F 73 -26.72 -45.96 -36.64
N GLY F 74 -25.87 -45.40 -37.50
CA GLY F 74 -25.50 -44.01 -37.37
C GLY F 74 -24.84 -43.65 -36.06
N ASN F 75 -24.12 -44.59 -35.46
CA ASN F 75 -23.45 -44.31 -34.19
C ASN F 75 -22.31 -43.32 -34.39
N SER F 76 -22.03 -42.55 -33.34
CA SER F 76 -21.00 -41.52 -33.43
C SER F 76 -19.59 -42.08 -33.54
N VAL F 77 -19.40 -43.36 -33.20
CA VAL F 77 -18.05 -43.92 -33.18
C VAL F 77 -17.44 -43.89 -34.57
N GLN F 78 -18.21 -44.31 -35.58
CA GLN F 78 -17.69 -44.42 -36.94
C GLN F 78 -17.98 -43.19 -37.80
N ASN F 79 -18.96 -42.38 -37.41
CA ASN F 79 -19.39 -41.23 -38.20
C ASN F 79 -18.84 -39.92 -37.68
N ASN F 80 -17.61 -39.90 -37.17
CA ASN F 80 -16.99 -38.69 -36.64
C ASN F 80 -15.66 -38.42 -37.31
N PRO F 81 -15.23 -37.15 -37.38
CA PRO F 81 -13.98 -36.83 -38.09
C PRO F 81 -12.71 -37.41 -37.47
N TYR F 82 -12.73 -37.81 -36.19
CA TYR F 82 -11.52 -38.36 -35.59
C TYR F 82 -11.09 -39.63 -36.31
N SER F 83 -9.77 -39.85 -36.35
CA SER F 83 -9.25 -41.13 -36.81
C SER F 83 -9.39 -42.20 -35.73
N SER F 84 -9.38 -41.79 -34.45
CA SER F 84 -9.45 -42.76 -33.36
C SER F 84 -10.81 -43.45 -33.32
N LYS F 85 -11.88 -42.71 -33.62
CA LYS F 85 -13.23 -43.28 -33.60
C LYS F 85 -13.60 -43.80 -32.21
N GLY F 86 -13.63 -42.90 -31.22
CA GLY F 86 -14.03 -43.26 -29.88
C GLY F 86 -15.35 -42.61 -29.47
N PRO F 87 -16.10 -43.26 -28.59
CA PRO F 87 -17.35 -42.70 -28.11
C PRO F 87 -17.15 -41.79 -26.90
N THR F 88 -18.25 -41.21 -26.44
CA THR F 88 -18.21 -40.25 -25.34
C THR F 88 -17.92 -40.98 -24.03
N VAL F 89 -17.09 -40.37 -23.19
CA VAL F 89 -16.67 -40.98 -21.93
C VAL F 89 -16.87 -39.97 -20.80
N ALA F 90 -17.35 -40.46 -19.66
CA ALA F 90 -17.42 -39.70 -18.42
C ALA F 90 -16.70 -40.50 -17.35
N GLN F 91 -15.54 -40.02 -16.92
CA GLN F 91 -14.68 -40.77 -16.01
C GLN F 91 -15.08 -40.45 -14.57
N LEU F 92 -15.66 -41.44 -13.89
CA LEU F 92 -16.11 -41.33 -12.51
C LEU F 92 -15.12 -42.05 -11.59
N SER F 93 -15.48 -42.19 -10.32
CA SER F 93 -14.68 -42.91 -9.34
C SER F 93 -15.41 -44.17 -8.89
N GLY F 94 -14.75 -44.96 -8.05
CA GLY F 94 -15.32 -46.21 -7.58
C GLY F 94 -16.37 -46.06 -6.49
N GLY F 95 -16.55 -44.87 -5.95
CA GLY F 95 -17.51 -44.64 -4.91
C GLY F 95 -16.96 -44.92 -3.53
N PRO F 96 -17.79 -44.79 -2.49
CA PRO F 96 -19.21 -44.41 -2.59
C PRO F 96 -19.40 -42.94 -2.97
N PHE F 97 -20.48 -42.65 -3.68
CA PHE F 97 -20.77 -41.29 -4.10
C PHE F 97 -21.51 -40.54 -2.99
N THR F 98 -21.06 -39.32 -2.72
CA THR F 98 -21.65 -38.54 -1.64
C THR F 98 -23.13 -38.28 -1.90
N ARG F 99 -23.46 -37.88 -3.13
CA ARG F 99 -24.84 -37.56 -3.47
C ARG F 99 -24.95 -37.38 -4.98
N TYR F 100 -26.18 -37.31 -5.46
CA TYR F 100 -26.45 -37.01 -6.86
C TYR F 100 -27.71 -36.16 -6.96
N HIS F 101 -27.67 -35.19 -7.87
CA HIS F 101 -28.74 -34.23 -8.10
C HIS F 101 -29.13 -34.35 -9.57
N LEU F 102 -30.42 -34.62 -9.83
CA LEU F 102 -30.90 -34.99 -11.15
C LEU F 102 -32.02 -34.04 -11.56
N PHE F 103 -31.91 -33.48 -12.76
CA PHE F 103 -32.94 -32.65 -13.37
C PHE F 103 -33.50 -33.43 -14.56
N ALA F 104 -34.81 -33.73 -14.53
CA ALA F 104 -35.42 -34.57 -15.54
C ALA F 104 -36.54 -33.81 -16.23
N THR F 105 -36.57 -33.92 -17.55
CA THR F 105 -37.62 -33.33 -18.38
C THR F 105 -37.89 -34.26 -19.55
N ALA F 106 -38.92 -33.92 -20.34
CA ALA F 106 -39.27 -34.73 -21.50
C ALA F 106 -38.27 -34.59 -22.63
N ALA F 107 -37.44 -33.55 -22.62
CA ALA F 107 -36.53 -33.25 -23.72
C ALA F 107 -35.06 -33.39 -23.36
N TYR F 108 -34.72 -33.41 -22.08
CA TYR F 108 -33.32 -33.45 -21.67
C TYR F 108 -33.20 -34.02 -20.26
N LEU F 109 -31.99 -34.48 -19.93
CA LEU F 109 -31.69 -35.07 -18.64
C LEU F 109 -30.32 -34.55 -18.19
N HIS F 110 -30.27 -33.95 -17.01
CA HIS F 110 -29.06 -33.34 -16.48
C HIS F 110 -28.75 -34.03 -15.16
N LEU F 111 -27.47 -34.32 -14.91
CA LEU F 111 -27.06 -34.97 -13.67
C LEU F 111 -25.79 -34.32 -13.15
N HIS F 112 -25.72 -34.14 -11.83
CA HIS F 112 -24.53 -33.62 -11.16
C HIS F 112 -24.29 -34.48 -9.93
N VAL F 113 -23.20 -35.25 -9.93
CA VAL F 113 -22.94 -36.23 -8.90
C VAL F 113 -21.75 -35.77 -8.08
N GLU F 114 -21.97 -35.54 -6.78
CA GLU F 114 -20.88 -35.32 -5.84
C GLU F 114 -20.36 -36.69 -5.43
N ILE F 115 -19.27 -37.11 -6.08
CA ILE F 115 -18.67 -38.41 -5.80
C ILE F 115 -17.97 -38.43 -4.46
N ALA F 116 -17.38 -37.30 -4.06
CA ALA F 116 -16.69 -37.20 -2.78
C ALA F 116 -16.73 -35.73 -2.36
N ALA F 117 -16.33 -35.48 -1.12
CA ALA F 117 -16.35 -34.13 -0.59
C ALA F 117 -15.59 -33.20 -1.52
N GLY F 118 -16.32 -32.28 -2.15
CA GLY F 118 -15.73 -31.33 -3.07
C GLY F 118 -15.47 -31.83 -4.47
N GLN F 119 -15.78 -33.10 -4.76
CA GLN F 119 -15.55 -33.68 -6.08
C GLN F 119 -16.90 -33.88 -6.76
N PHE F 120 -17.09 -33.24 -7.90
CA PHE F 120 -18.34 -33.26 -8.63
C PHE F 120 -18.12 -33.62 -10.09
N ARG F 121 -19.07 -34.35 -10.66
CA ARG F 121 -19.04 -34.78 -12.05
C ARG F 121 -20.37 -34.46 -12.71
N PRO F 122 -20.39 -33.71 -13.81
CA PRO F 122 -21.64 -33.53 -14.56
C PRO F 122 -21.79 -34.56 -15.67
N VAL F 123 -23.06 -34.82 -16.01
CA VAL F 123 -23.42 -35.68 -17.14
C VAL F 123 -24.67 -35.09 -17.77
N MET F 124 -24.56 -34.70 -19.04
CA MET F 124 -25.61 -33.90 -19.67
C MET F 124 -26.10 -34.59 -20.92
N ILE F 125 -27.41 -34.63 -21.14
CA ILE F 125 -27.97 -35.14 -22.38
C ILE F 125 -29.17 -34.28 -22.73
N GLY F 126 -29.37 -34.04 -24.02
CA GLY F 126 -30.58 -33.36 -24.44
C GLY F 126 -30.48 -32.90 -25.87
N SER F 127 -31.30 -31.90 -26.19
CA SER F 127 -31.32 -31.28 -27.51
C SER F 127 -31.35 -29.77 -27.34
N LEU F 128 -30.55 -29.07 -28.15
CA LEU F 128 -30.48 -27.62 -28.06
C LEU F 128 -31.80 -26.99 -28.45
N ASN F 129 -32.16 -25.91 -27.78
CA ASN F 129 -33.36 -25.16 -28.16
C ASN F 129 -33.16 -24.54 -29.53
N LYS F 130 -33.96 -25.00 -30.50
CA LYS F 130 -33.81 -24.54 -31.87
C LYS F 130 -34.02 -23.04 -32.02
N ARG F 131 -34.88 -22.44 -31.19
CA ARG F 131 -35.15 -21.01 -31.24
C ARG F 131 -35.61 -20.58 -32.63
N GLY F 132 -36.37 -21.46 -33.29
CA GLY F 132 -36.87 -21.18 -34.61
C GLY F 132 -35.91 -21.45 -35.75
N VAL F 133 -34.67 -21.87 -35.44
CA VAL F 133 -33.70 -22.12 -36.50
C VAL F 133 -33.97 -23.50 -37.09
N GLY F 134 -34.04 -23.56 -38.42
CA GLY F 134 -34.36 -24.80 -39.10
C GLY F 134 -33.14 -25.65 -39.39
N TYR F 135 -32.90 -26.65 -38.54
CA TYR F 135 -31.80 -27.57 -38.73
C TYR F 135 -32.17 -28.91 -38.13
N THR F 136 -31.64 -29.98 -38.72
CA THR F 136 -31.92 -31.33 -38.24
C THR F 136 -30.80 -31.79 -37.32
N GLY F 137 -31.20 -32.44 -36.22
CA GLY F 137 -30.26 -32.87 -35.21
C GLY F 137 -30.38 -32.07 -33.93
N GLY F 138 -29.27 -31.51 -33.45
CA GLY F 138 -29.26 -30.70 -32.25
C GLY F 138 -29.10 -31.49 -30.97
N GLN F 139 -29.06 -32.81 -31.04
CA GLN F 139 -28.88 -33.62 -29.84
C GLN F 139 -27.44 -33.57 -29.35
N TYR F 140 -27.27 -33.25 -28.08
CA TYR F 140 -25.96 -33.10 -27.45
C TYR F 140 -25.83 -34.07 -26.29
N VAL F 141 -24.65 -34.68 -26.18
CA VAL F 141 -24.32 -35.59 -25.10
C VAL F 141 -22.95 -35.20 -24.56
N CYS F 142 -22.87 -34.93 -23.26
CA CYS F 142 -21.64 -34.45 -22.64
C CYS F 142 -21.32 -35.29 -21.41
N GLY F 143 -20.04 -35.60 -21.27
CA GLY F 143 -19.52 -36.26 -20.07
C GLY F 143 -18.35 -35.48 -19.49
N SER F 144 -17.72 -36.02 -18.45
CA SER F 144 -16.62 -35.36 -17.76
C SER F 144 -15.40 -36.25 -17.76
N PHE F 145 -14.24 -35.67 -18.07
CA PHE F 145 -12.98 -36.40 -18.12
C PHE F 145 -11.96 -35.72 -17.22
N ILE F 146 -11.18 -36.52 -16.51
CA ILE F 146 -10.12 -36.05 -15.63
C ILE F 146 -8.80 -36.57 -16.19
N TYR F 147 -7.80 -35.69 -16.27
CA TYR F 147 -6.53 -36.06 -16.90
C TYR F 147 -5.76 -37.05 -16.03
N THR F 148 -5.32 -36.61 -14.84
CA THR F 148 -4.59 -37.47 -13.93
C THR F 148 -4.79 -36.97 -12.50
N PRO F 149 -5.17 -37.83 -11.55
CA PRO F 149 -5.26 -37.39 -10.15
C PRO F 149 -3.89 -37.01 -9.60
N GLY F 150 -3.90 -36.09 -8.63
CA GLY F 150 -2.68 -35.66 -7.99
C GLY F 150 -1.94 -34.54 -8.69
N GLN F 151 -1.95 -34.52 -10.02
CA GLN F 151 -1.34 -33.45 -10.79
C GLN F 151 -2.40 -32.44 -11.21
N ALA F 152 -2.00 -31.49 -12.05
CA ALA F 152 -2.94 -30.49 -12.53
C ALA F 152 -4.17 -31.18 -13.11
N LEU F 153 -5.30 -31.03 -12.41
CA LEU F 153 -6.49 -31.78 -12.78
C LEU F 153 -7.16 -31.20 -14.02
N THR F 154 -7.13 -29.87 -14.17
CA THR F 154 -7.69 -29.20 -15.34
C THR F 154 -6.61 -28.89 -16.36
N ASN F 155 -5.62 -29.78 -16.50
CA ASN F 155 -4.51 -29.55 -17.41
C ASN F 155 -5.02 -29.35 -18.84
N ASN F 156 -4.11 -28.88 -19.71
CA ASN F 156 -4.49 -28.56 -21.08
C ASN F 156 -5.07 -29.75 -21.81
N TRP F 157 -4.57 -30.96 -21.55
CA TRP F 157 -5.03 -32.16 -22.23
C TRP F 157 -6.43 -32.59 -21.80
N SER F 158 -6.94 -32.05 -20.71
CA SER F 158 -8.26 -32.42 -20.21
C SER F 158 -9.34 -31.92 -21.15
N SER F 159 -10.50 -32.58 -21.11
CA SER F 159 -11.66 -32.18 -21.88
C SER F 159 -12.87 -32.15 -20.96
N HIS F 160 -13.76 -31.20 -21.21
CA HIS F 160 -14.91 -30.93 -20.37
C HIS F 160 -16.15 -30.75 -21.22
N PRO F 161 -17.33 -30.82 -20.62
CA PRO F 161 -18.56 -30.59 -21.40
C PRO F 161 -18.52 -29.25 -22.11
N PHE F 162 -18.91 -29.26 -23.39
CA PHE F 162 -19.01 -28.03 -24.18
C PHE F 162 -17.65 -27.34 -24.32
N ASP F 163 -16.57 -28.08 -24.10
CA ASP F 163 -15.25 -27.47 -24.03
C ASP F 163 -14.86 -26.86 -25.37
N GLY F 164 -14.05 -25.80 -25.31
CA GLY F 164 -13.59 -25.11 -26.50
C GLY F 164 -12.11 -25.27 -26.73
N TYR F 165 -11.42 -26.01 -25.86
CA TYR F 165 -9.98 -26.18 -25.98
C TYR F 165 -9.50 -27.41 -25.23
N HIS F 166 -8.94 -28.37 -25.96
CA HIS F 166 -8.42 -29.59 -25.34
C HIS F 166 -7.41 -30.23 -26.29
N ILE F 167 -6.52 -31.04 -25.71
CA ILE F 167 -5.54 -31.79 -26.47
C ILE F 167 -5.71 -33.28 -26.18
N GLN F 168 -6.23 -34.02 -27.14
CA GLN F 168 -6.45 -35.45 -26.98
C GLN F 168 -6.78 -36.06 -28.33
N TYR F 169 -6.24 -37.25 -28.59
CA TYR F 169 -6.40 -37.92 -29.88
C TYR F 169 -7.30 -39.14 -29.80
N SER F 170 -7.77 -39.52 -28.62
CA SER F 170 -8.51 -40.77 -28.43
C SER F 170 -9.97 -40.55 -28.10
N ASN F 171 -10.28 -39.76 -27.08
CA ASN F 171 -11.64 -39.63 -26.57
C ASN F 171 -12.06 -38.17 -26.54
N SER F 172 -13.38 -37.96 -26.55
CA SER F 172 -13.98 -36.65 -26.46
C SER F 172 -14.90 -36.60 -25.24
N SER F 173 -15.08 -35.41 -24.69
CA SER F 173 -15.90 -35.21 -23.50
C SER F 173 -17.34 -34.83 -23.82
N CYS F 174 -17.62 -34.35 -25.03
CA CYS F 174 -19.00 -34.06 -25.40
C CYS F 174 -19.09 -33.96 -26.91
N MET F 175 -20.31 -34.07 -27.43
CA MET F 175 -20.53 -34.16 -28.87
C MET F 175 -21.94 -33.71 -29.22
N LEU F 176 -22.09 -33.16 -30.43
CA LEU F 176 -23.32 -32.50 -30.87
C LEU F 176 -23.68 -32.94 -32.27
N ARG F 177 -24.96 -33.23 -32.50
CA ARG F 177 -25.40 -33.66 -33.83
C ARG F 177 -25.75 -32.45 -34.69
N LEU F 178 -25.29 -32.48 -35.94
CA LEU F 178 -25.62 -31.46 -36.91
C LEU F 178 -25.68 -32.15 -38.27
N ASP F 179 -26.88 -32.26 -38.83
CA ASP F 179 -27.10 -33.12 -39.97
C ASP F 179 -26.92 -32.37 -41.28
N GLY F 180 -26.34 -33.06 -42.27
CA GLY F 180 -26.22 -32.51 -43.61
C GLY F 180 -25.30 -31.32 -43.74
N LEU F 181 -24.34 -31.15 -42.84
CA LEU F 181 -23.44 -30.01 -42.90
C LEU F 181 -22.56 -30.10 -44.15
N ASP F 182 -22.56 -29.04 -44.95
CA ASP F 182 -21.71 -28.94 -46.13
C ASP F 182 -21.94 -30.12 -47.07
N GLY F 183 -23.20 -30.51 -47.24
CA GLY F 183 -23.56 -31.49 -48.24
C GLY F 183 -23.18 -32.91 -47.93
N GLY F 184 -22.75 -33.20 -46.70
CA GLY F 184 -22.37 -34.54 -46.34
C GLY F 184 -23.58 -35.41 -46.01
N PRO F 185 -23.36 -36.71 -45.81
CA PRO F 185 -24.47 -37.59 -45.40
C PRO F 185 -25.10 -37.09 -44.12
N SER F 186 -26.41 -37.31 -43.96
CA SER F 186 -27.13 -36.75 -42.83
C SER F 186 -26.46 -37.14 -41.51
N PRO F 187 -26.07 -38.41 -41.31
CA PRO F 187 -25.50 -38.77 -40.00
C PRO F 187 -24.15 -38.10 -39.78
N GLU F 188 -24.11 -37.10 -38.92
CA GLU F 188 -22.88 -36.40 -38.61
C GLU F 188 -22.87 -36.00 -37.14
N TRP F 189 -21.89 -36.52 -36.41
CA TRP F 189 -21.77 -36.34 -34.97
C TRP F 189 -20.52 -35.50 -34.69
N LEU F 190 -20.68 -34.17 -34.71
CA LEU F 190 -19.53 -33.27 -34.62
C LEU F 190 -19.03 -33.18 -33.18
N PRO F 191 -17.74 -33.37 -32.94
CA PRO F 191 -17.19 -33.21 -31.59
C PRO F 191 -16.75 -31.79 -31.31
N PHE F 192 -16.59 -31.49 -30.02
CA PHE F 192 -16.05 -30.21 -29.58
C PHE F 192 -14.53 -30.27 -29.59
N ASP F 193 -13.94 -29.87 -30.71
CA ASP F 193 -12.49 -29.84 -30.86
C ASP F 193 -12.12 -28.57 -31.60
N TYR F 194 -10.90 -28.10 -31.37
CA TYR F 194 -10.42 -26.86 -31.97
C TYR F 194 -9.06 -26.94 -32.62
N THR F 195 -8.22 -27.92 -32.26
CA THR F 195 -6.85 -27.97 -32.76
C THR F 195 -6.65 -28.98 -33.88
N THR F 196 -7.63 -29.83 -34.16
CA THR F 196 -7.50 -30.82 -35.22
C THR F 196 -7.57 -30.23 -36.62
N ASN F 197 -8.01 -28.97 -36.74
CA ASN F 197 -8.10 -28.30 -38.04
C ASN F 197 -8.99 -29.07 -39.02
N VAL F 198 -9.89 -29.89 -38.49
CA VAL F 198 -10.82 -30.63 -39.36
C VAL F 198 -11.76 -29.63 -40.03
N PRO F 199 -12.22 -29.89 -41.26
CA PRO F 199 -13.06 -28.90 -41.94
C PRO F 199 -14.33 -28.57 -41.19
N ARG F 200 -14.96 -29.55 -40.54
CA ARG F 200 -16.21 -29.35 -39.83
C ARG F 200 -16.03 -29.69 -38.36
N ARG F 201 -16.49 -28.79 -37.48
CA ARG F 201 -16.35 -29.01 -36.05
C ARG F 201 -17.27 -28.04 -35.31
N VAL F 202 -17.26 -28.15 -33.98
CA VAL F 202 -18.11 -27.32 -33.13
C VAL F 202 -17.29 -26.87 -31.92
N VAL F 203 -17.77 -25.81 -31.27
CA VAL F 203 -17.08 -25.18 -30.14
C VAL F 203 -18.11 -24.61 -29.17
N GLY F 204 -17.75 -24.61 -27.88
CA GLY F 204 -18.62 -24.11 -26.86
C GLY F 204 -17.89 -23.46 -25.69
N PRO F 205 -18.65 -22.84 -24.76
CA PRO F 205 -18.03 -22.17 -23.61
C PRO F 205 -17.63 -23.11 -22.47
N GLY F 206 -17.49 -24.41 -22.76
CA GLY F 206 -17.46 -25.41 -21.70
C GLY F 206 -16.49 -25.13 -20.58
N ARG F 207 -15.24 -24.78 -20.90
CA ARG F 207 -14.23 -24.62 -19.86
C ARG F 207 -14.44 -23.38 -19.01
N GLY F 208 -15.36 -22.49 -19.38
CA GLY F 208 -15.65 -21.32 -18.59
C GLY F 208 -14.80 -20.12 -18.96
N ASN F 209 -13.81 -19.80 -18.12
CA ASN F 209 -12.98 -18.63 -18.34
C ASN F 209 -11.51 -19.03 -18.29
N TYR F 210 -11.16 -20.11 -18.98
CA TYR F 210 -9.77 -20.53 -19.07
C TYR F 210 -8.98 -19.54 -19.92
N SER F 211 -7.66 -19.53 -19.72
CA SER F 211 -6.81 -18.58 -20.43
C SER F 211 -6.93 -18.73 -21.93
N SER F 212 -7.08 -19.96 -22.43
CA SER F 212 -7.13 -20.24 -23.86
C SER F 212 -8.49 -20.75 -24.32
N GLN F 213 -9.57 -20.36 -23.63
CA GLN F 213 -10.90 -20.75 -24.05
C GLN F 213 -11.34 -19.90 -25.24
N TYR F 214 -11.88 -20.54 -26.27
CA TYR F 214 -12.28 -19.85 -27.49
C TYR F 214 -13.80 -19.70 -27.51
N HIS F 215 -14.28 -18.54 -27.06
CA HIS F 215 -15.68 -18.19 -27.14
C HIS F 215 -15.79 -16.70 -26.82
N PRO F 216 -16.63 -15.96 -27.54
CA PRO F 216 -16.68 -14.51 -27.31
C PRO F 216 -17.47 -14.10 -26.08
N ASP F 217 -18.27 -15.01 -25.52
CA ASP F 217 -19.04 -14.71 -24.31
C ASP F 217 -18.26 -15.01 -23.04
N VAL F 218 -16.99 -15.41 -23.15
CA VAL F 218 -16.22 -15.78 -21.98
C VAL F 218 -16.22 -14.64 -20.96
N GLY F 219 -15.99 -13.41 -21.45
CA GLY F 219 -15.95 -12.27 -20.54
C GLY F 219 -17.22 -12.11 -19.73
N LEU F 220 -18.36 -12.51 -20.28
CA LEU F 220 -19.60 -12.46 -19.51
C LEU F 220 -19.51 -13.32 -18.27
N ILE F 221 -19.00 -14.55 -18.41
CA ILE F 221 -18.86 -15.41 -17.23
C ILE F 221 -17.98 -14.74 -16.20
N ASP F 222 -16.81 -14.24 -16.61
CA ASP F 222 -15.97 -13.49 -15.70
C ASP F 222 -16.74 -12.34 -15.08
N ALA F 223 -17.56 -11.66 -15.87
CA ALA F 223 -18.34 -10.52 -15.39
C ALA F 223 -19.72 -10.93 -14.88
N SER F 224 -20.00 -12.22 -14.76
CA SER F 224 -21.32 -12.65 -14.32
C SER F 224 -21.67 -12.14 -12.92
N ALA F 225 -20.68 -11.73 -12.14
CA ALA F 225 -20.90 -11.21 -10.79
C ALA F 225 -20.76 -9.69 -10.81
N ASN F 226 -21.63 -9.01 -10.07
CA ASN F 226 -21.61 -7.56 -9.94
C ASN F 226 -21.18 -7.21 -8.53
N GLU F 227 -20.10 -6.42 -8.42
CA GLU F 227 -19.59 -6.06 -7.10
C GLU F 227 -20.43 -5.00 -6.41
N LEU F 228 -21.01 -4.07 -7.18
CA LEU F 228 -21.74 -2.97 -6.57
C LEU F 228 -22.96 -3.45 -5.80
N ASN F 229 -23.71 -4.40 -6.35
CA ASN F 229 -24.93 -4.89 -5.71
C ASN F 229 -24.90 -6.39 -5.45
N SER F 230 -23.77 -7.06 -5.72
CA SER F 230 -23.64 -8.50 -5.45
C SER F 230 -24.68 -9.30 -6.25
N SER F 231 -25.06 -8.79 -7.41
CA SER F 231 -26.05 -9.46 -8.25
C SER F 231 -25.37 -10.35 -9.28
N THR F 232 -26.02 -11.45 -9.61
CA THR F 232 -25.52 -12.42 -10.56
C THR F 232 -26.58 -12.66 -11.63
N THR F 233 -26.13 -12.83 -12.88
CA THR F 233 -27.02 -13.01 -14.01
C THR F 233 -26.70 -14.31 -14.74
N THR F 234 -27.64 -14.72 -15.59
CA THR F 234 -27.51 -15.93 -16.38
C THR F 234 -27.01 -15.57 -17.78
N VAL F 235 -25.99 -16.27 -18.25
CA VAL F 235 -25.42 -16.06 -19.57
C VAL F 235 -25.78 -17.24 -20.46
N PRO F 236 -26.52 -17.04 -21.55
CA PRO F 236 -26.82 -18.16 -22.43
C PRO F 236 -25.55 -18.84 -22.93
N CYS F 237 -25.60 -20.17 -23.03
CA CYS F 237 -24.44 -20.96 -23.46
C CYS F 237 -24.55 -21.21 -24.96
N ALA F 238 -24.16 -20.21 -25.73
CA ALA F 238 -24.22 -20.31 -27.18
C ALA F 238 -23.15 -21.26 -27.70
N ILE F 239 -23.52 -22.04 -28.71
CA ILE F 239 -22.62 -22.99 -29.36
C ILE F 239 -22.34 -22.50 -30.77
N TYR F 240 -21.13 -22.76 -31.26
CA TYR F 240 -20.72 -22.30 -32.58
C TYR F 240 -20.29 -23.51 -33.41
N ALA F 241 -20.46 -23.41 -34.72
CA ALA F 241 -20.07 -24.47 -35.65
C ALA F 241 -19.19 -23.90 -36.76
N PHE F 242 -18.14 -24.62 -37.10
CA PHE F 242 -17.20 -24.25 -38.14
C PHE F 242 -17.33 -25.23 -39.30
N GLY F 243 -17.51 -24.69 -40.52
CA GLY F 243 -17.73 -25.49 -41.69
C GLY F 243 -16.52 -25.55 -42.60
N ALA F 244 -16.74 -26.04 -43.82
CA ALA F 244 -15.65 -26.29 -44.75
C ALA F 244 -14.90 -25.02 -45.10
N GLN F 245 -15.62 -23.94 -45.41
CA GLN F 245 -14.98 -22.69 -45.79
C GLN F 245 -14.56 -21.86 -44.59
N GLN F 246 -14.43 -22.46 -43.41
CA GLN F 246 -14.06 -21.76 -42.19
C GLN F 246 -15.03 -20.63 -41.85
N ARG F 247 -16.26 -20.74 -42.33
CA ARG F 247 -17.29 -19.73 -42.08
C ARG F 247 -18.23 -20.26 -41.00
N SER F 248 -18.26 -19.56 -39.86
CA SER F 248 -18.96 -20.06 -38.70
C SER F 248 -20.47 -19.82 -38.82
N ARG F 249 -21.24 -20.57 -38.03
CA ARG F 249 -22.68 -20.42 -37.96
C ARG F 249 -23.14 -20.64 -36.53
N TYR F 250 -23.76 -19.64 -35.94
CA TYR F 250 -24.38 -19.80 -34.62
C TYR F 250 -25.50 -20.83 -34.71
N VAL F 251 -25.51 -21.77 -33.78
CA VAL F 251 -26.42 -22.92 -33.86
C VAL F 251 -27.49 -22.92 -32.78
N GLY F 252 -27.22 -22.37 -31.61
CA GLY F 252 -28.23 -22.31 -30.57
C GLY F 252 -27.60 -22.17 -29.20
N GLU F 253 -28.45 -22.37 -28.18
CA GLU F 253 -28.07 -22.22 -26.79
C GLU F 253 -28.52 -23.45 -26.00
N VAL F 254 -27.89 -23.65 -24.85
CA VAL F 254 -28.19 -24.83 -24.03
C VAL F 254 -29.47 -24.58 -23.24
N PRO F 255 -30.49 -25.43 -23.34
CA PRO F 255 -31.73 -25.18 -22.61
C PRO F 255 -31.52 -25.14 -21.10
N ASP F 256 -32.24 -24.24 -20.44
CA ASP F 256 -32.31 -24.15 -18.98
C ASP F 256 -30.95 -24.29 -18.31
N PHE F 257 -29.90 -23.76 -18.94
CA PHE F 257 -28.54 -23.91 -18.43
C PHE F 257 -27.81 -22.58 -18.55
N GLY F 258 -26.95 -22.29 -17.56
CA GLY F 258 -26.12 -21.11 -17.61
C GLY F 258 -24.81 -21.34 -16.89
N ILE F 259 -23.87 -20.42 -17.10
CA ILE F 259 -22.58 -20.45 -16.43
C ILE F 259 -22.36 -19.11 -15.75
N CYS F 260 -21.70 -19.14 -14.59
CA CYS F 260 -21.49 -17.93 -13.81
C CYS F 260 -20.21 -18.07 -12.99
N ASN F 261 -19.85 -16.96 -12.33
CA ASN F 261 -18.70 -16.94 -11.43
C ASN F 261 -19.19 -17.14 -10.00
N MET F 262 -18.52 -18.02 -9.28
CA MET F 262 -18.91 -18.41 -7.92
C MET F 262 -18.03 -17.76 -6.87
N ALA F 263 -17.47 -16.58 -7.15
CA ALA F 263 -16.57 -15.92 -6.22
C ALA F 263 -17.24 -15.62 -4.88
N PHE F 264 -18.46 -15.08 -4.93
CA PHE F 264 -19.16 -14.63 -3.73
C PHE F 264 -20.32 -15.56 -3.34
N LEU F 265 -20.33 -16.79 -3.84
CA LEU F 265 -21.39 -17.75 -3.54
C LEU F 265 -20.78 -19.05 -3.04
N ALA F 266 -21.49 -19.70 -2.12
CA ALA F 266 -21.14 -21.03 -1.66
C ALA F 266 -21.90 -22.08 -2.46
N PRO F 267 -21.41 -23.31 -2.52
CA PRO F 267 -22.08 -24.34 -3.32
C PRO F 267 -23.54 -24.49 -2.90
N GLY F 268 -24.42 -24.52 -3.90
CA GLY F 268 -25.84 -24.67 -3.65
C GLY F 268 -26.57 -23.40 -3.28
N ASP F 269 -25.87 -22.28 -3.16
CA ASP F 269 -26.52 -21.05 -2.75
C ASP F 269 -27.41 -20.52 -3.88
N PRO F 270 -28.71 -20.35 -3.63
CA PRO F 270 -29.60 -19.88 -4.69
C PRO F 270 -29.73 -18.37 -4.71
N LEU F 271 -30.03 -17.86 -5.91
CA LEU F 271 -30.33 -16.43 -6.13
C LEU F 271 -31.48 -16.38 -7.13
N VAL F 272 -32.68 -16.07 -6.63
CA VAL F 272 -33.88 -16.05 -7.45
C VAL F 272 -33.89 -14.79 -8.31
N VAL F 273 -33.66 -14.95 -9.61
CA VAL F 273 -33.74 -13.83 -10.55
C VAL F 273 -35.10 -13.89 -11.25
N GLY F 274 -36.03 -13.08 -10.79
CA GLY F 274 -37.37 -13.06 -11.36
C GLY F 274 -38.24 -14.15 -10.75
N SER F 275 -39.22 -14.63 -11.53
CA SER F 275 -40.13 -15.66 -11.04
C SER F 275 -39.51 -17.06 -11.12
N ASP F 276 -38.43 -17.21 -11.87
CA ASP F 276 -37.76 -18.51 -12.01
C ASP F 276 -36.62 -18.59 -11.00
N THR F 277 -36.38 -19.79 -10.49
CA THR F 277 -35.41 -20.01 -9.43
C THR F 277 -34.20 -20.76 -9.98
N TRP F 278 -33.01 -20.43 -9.46
CA TRP F 278 -31.76 -20.94 -9.98
C TRP F 278 -31.02 -21.74 -8.91
N ARG F 279 -30.48 -22.89 -9.32
CA ARG F 279 -29.59 -23.69 -8.49
C ARG F 279 -28.20 -23.68 -9.10
N VAL F 280 -27.20 -23.27 -8.32
CA VAL F 280 -25.84 -23.14 -8.78
C VAL F 280 -24.97 -24.16 -8.06
N TYR F 281 -24.14 -24.87 -8.83
CA TYR F 281 -23.19 -25.79 -8.25
C TYR F 281 -21.86 -25.71 -8.98
N PRO F 282 -20.75 -25.95 -8.27
CA PRO F 282 -19.43 -25.90 -8.93
C PRO F 282 -19.25 -27.05 -9.90
N LEU F 283 -18.37 -26.84 -10.88
CA LEU F 283 -18.13 -27.87 -11.89
C LEU F 283 -17.42 -29.08 -11.28
N LEU F 284 -16.21 -28.87 -10.73
CA LEU F 284 -15.41 -29.98 -10.24
C LEU F 284 -15.13 -29.85 -8.75
N GLN F 285 -14.67 -28.68 -8.32
CA GLN F 285 -14.32 -28.48 -6.91
C GLN F 285 -14.12 -27.00 -6.64
N ARG F 286 -14.26 -26.62 -5.38
CA ARG F 286 -14.04 -25.23 -4.97
C ARG F 286 -12.56 -24.97 -4.77
N GLY F 287 -12.07 -23.89 -5.40
CA GLY F 287 -10.70 -23.47 -5.25
C GLY F 287 -10.58 -21.96 -5.18
N THR F 288 -9.52 -21.41 -5.75
CA THR F 288 -9.32 -19.97 -5.80
C THR F 288 -9.54 -19.45 -7.21
N ALA F 289 -9.35 -18.14 -7.37
CA ALA F 289 -9.60 -17.51 -8.67
C ALA F 289 -8.65 -18.02 -9.74
N THR F 290 -7.38 -18.19 -9.42
CA THR F 290 -6.35 -18.50 -10.40
C THR F 290 -5.94 -19.97 -10.42
N ASP F 291 -6.66 -20.86 -9.71
CA ASP F 291 -6.31 -22.28 -9.68
C ASP F 291 -6.99 -22.98 -10.86
N PHE F 292 -6.40 -22.80 -12.04
CA PHE F 292 -6.83 -23.52 -13.23
C PHE F 292 -6.08 -24.83 -13.43
N ASP F 293 -5.17 -25.19 -12.53
CA ASP F 293 -4.40 -26.43 -12.65
C ASP F 293 -4.99 -27.52 -11.77
N SER F 294 -5.19 -27.22 -10.48
CA SER F 294 -5.56 -28.25 -9.52
C SER F 294 -7.06 -28.36 -9.32
N THR F 295 -7.84 -27.35 -9.71
CA THR F 295 -9.29 -27.38 -9.56
C THR F 295 -9.94 -26.67 -10.74
N SER F 296 -11.25 -26.46 -10.64
CA SER F 296 -12.04 -25.80 -11.68
C SER F 296 -12.28 -24.34 -11.36
N ALA F 297 -11.37 -23.70 -10.63
CA ALA F 297 -11.44 -22.28 -10.28
C ALA F 297 -12.82 -21.99 -9.69
N TRP F 298 -13.54 -20.97 -10.15
CA TRP F 298 -14.83 -20.59 -9.57
C TRP F 298 -15.97 -20.69 -10.57
N VAL F 299 -15.81 -21.46 -11.63
CA VAL F 299 -16.88 -21.64 -12.61
C VAL F 299 -18.02 -22.39 -11.97
N GLY F 300 -19.24 -21.88 -12.12
CA GLY F 300 -20.42 -22.49 -11.54
C GLY F 300 -21.49 -22.71 -12.60
N TYR F 301 -22.10 -23.88 -12.58
CA TYR F 301 -23.17 -24.25 -13.50
C TYR F 301 -24.49 -23.96 -12.83
N CYS F 302 -25.38 -23.27 -13.54
CA CYS F 302 -26.67 -22.85 -13.02
C CYS F 302 -27.78 -23.54 -13.80
N PHE F 303 -28.72 -24.15 -13.07
CA PHE F 303 -29.86 -24.84 -13.66
C PHE F 303 -31.14 -24.19 -13.14
N ARG F 304 -32.12 -24.04 -14.03
CA ARG F 304 -33.41 -23.47 -13.65
C ARG F 304 -34.25 -24.56 -12.99
N VAL F 305 -34.54 -24.40 -11.71
CA VAL F 305 -35.28 -25.41 -10.94
C VAL F 305 -36.77 -25.13 -11.06
N VAL F 306 -37.53 -26.17 -11.37
CA VAL F 306 -38.97 -26.06 -11.52
C VAL F 306 -39.66 -27.25 -10.86
#